data_3A18
#
_entry.id   3A18
#
_cell.length_a   63.118
_cell.length_b   148.569
_cell.length_c   79.113
_cell.angle_alpha   90.000
_cell.angle_beta   90.300
_cell.angle_gamma   90.000
#
_symmetry.space_group_name_H-M   'P 1 21 1'
#
loop_
_entity.id
_entity.type
_entity.pdbx_description
1 polymer 'Aldoxime dehydratase'
2 non-polymer 'PROTOPORPHYRIN IX CONTAINING FE'
3 non-polymer '(1Z)-butanal oxime'
4 water water
#
_entity_poly.entity_id   1
_entity_poly.type   'polypeptide(L)'
_entity_poly.pdbx_seq_one_letter_code
;MGSSHHHHHHSSGLVPRGSHMESAIGEHLQCPRTLTRRVPDTYTPPFPMWVGRADDALQQVVMGYLGVQFRDEDQRPAAL
QAMRDIVAGFDLPDGPAHHDLTHHIDNQGYENLIVVGYWKDVSSQHRWSTSTPIASWWESEDRLSDGLGFFREIVAPRAE
QFETLYAFQEDLPGVGAVMDGISGEINEHGYWGSMRERFPISQTDWMQASGELRVIAGDPAVGGRVVVRGHDNIALIRSG
QDWADAEADERSLYLDEILPTLQSGMDFLRDNGPAVGCYSNRFVRNIDIDGNFLDLSYNIGHWASLDQLERWSESHPTHL
RIFTTFFRVAAGLSKLRLYHEVSVFDAADQLYEYINCHPGTGMLRDAVTIAEH
;
_entity_poly.pdbx_strand_id   A,B,C,D
#
# COMPACT_ATOMS: atom_id res chain seq x y z
N MET A 21 -9.01 24.99 -16.79
CA MET A 21 -8.00 25.49 -15.80
C MET A 21 -6.80 24.56 -15.69
N GLU A 22 -5.71 25.07 -15.14
CA GLU A 22 -4.53 24.26 -14.90
C GLU A 22 -4.79 23.26 -13.77
N SER A 23 -4.00 22.19 -13.75
CA SER A 23 -4.10 21.18 -12.70
C SER A 23 -2.94 21.36 -11.73
N ALA A 24 -3.19 21.07 -10.46
CA ALA A 24 -2.14 21.05 -9.45
C ALA A 24 -1.05 20.03 -9.77
N ILE A 25 -1.43 18.96 -10.47
CA ILE A 25 -0.51 17.88 -10.78
C ILE A 25 0.34 18.24 -12.02
N GLY A 26 1.66 18.20 -11.83
CA GLY A 26 2.61 18.45 -12.91
C GLY A 26 2.30 17.61 -14.13
N GLU A 27 2.47 18.20 -15.30
CA GLU A 27 2.02 17.55 -16.53
C GLU A 27 2.62 16.16 -16.71
N HIS A 28 3.91 16.04 -16.44
CA HIS A 28 4.65 14.78 -16.56
C HIS A 28 4.24 13.73 -15.53
N LEU A 29 3.52 14.14 -14.49
CA LEU A 29 3.06 13.21 -13.45
C LEU A 29 1.60 12.78 -13.61
N GLN A 30 0.93 13.37 -14.60
CA GLN A 30 -0.46 13.01 -14.90
C GLN A 30 -0.50 11.63 -15.55
N CYS A 31 -1.49 10.83 -15.17
CA CYS A 31 -1.55 9.43 -15.63
C CYS A 31 -2.98 8.92 -15.68
N PRO A 32 -3.19 7.76 -16.34
CA PRO A 32 -4.51 7.13 -16.27
C PRO A 32 -4.94 6.91 -14.82
N ARG A 33 -6.19 7.22 -14.52
CA ARG A 33 -6.70 7.15 -13.16
C ARG A 33 -7.29 5.79 -12.82
N THR A 34 -6.99 5.33 -11.61
CA THR A 34 -7.72 4.23 -11.02
C THR A 34 -8.54 4.77 -9.84
N LEU A 35 -8.15 5.95 -9.36
CA LEU A 35 -8.91 6.68 -8.33
C LEU A 35 -9.31 8.07 -8.83
N THR A 36 -10.55 8.47 -8.53
CA THR A 36 -11.12 9.70 -9.09
C THR A 36 -11.36 10.81 -8.06
N ARG A 37 -11.62 12.02 -8.56
CA ARG A 37 -11.88 13.20 -7.73
C ARG A 37 -13.31 13.19 -7.16
N ARG A 38 -13.58 14.08 -6.22
CA ARG A 38 -14.90 14.16 -5.59
C ARG A 38 -15.77 15.30 -6.14
N VAL A 39 -15.27 15.99 -7.16
CA VAL A 39 -15.99 17.08 -7.81
C VAL A 39 -16.11 16.83 -9.32
N PRO A 40 -17.25 17.21 -9.92
CA PRO A 40 -17.39 17.07 -11.37
C PRO A 40 -16.40 17.98 -12.10
N ASP A 41 -16.18 17.73 -13.39
CA ASP A 41 -15.21 18.50 -14.16
C ASP A 41 -15.57 19.98 -14.35
N THR A 42 -16.86 20.30 -14.25
CA THR A 42 -17.33 21.69 -14.34
C THR A 42 -16.90 22.56 -13.15
N TYR A 43 -16.35 21.93 -12.10
CA TYR A 43 -15.94 22.63 -10.90
C TYR A 43 -15.01 23.82 -11.18
N THR A 44 -15.36 24.96 -10.61
CA THR A 44 -14.52 26.14 -10.64
C THR A 44 -14.37 26.69 -9.22
N PRO A 45 -13.11 26.86 -8.75
CA PRO A 45 -12.87 27.39 -7.40
C PRO A 45 -13.31 28.84 -7.26
N PRO A 46 -13.73 29.26 -6.05
CA PRO A 46 -14.29 30.59 -5.81
C PRO A 46 -13.27 31.71 -5.60
N PHE A 47 -11.98 31.36 -5.55
CA PHE A 47 -10.88 32.32 -5.42
C PHE A 47 -9.59 31.68 -5.95
N PRO A 48 -8.62 32.51 -6.41
CA PRO A 48 -7.38 31.94 -6.96
C PRO A 48 -6.39 31.40 -5.93
N MET A 49 -5.79 30.25 -6.25
CA MET A 49 -4.65 29.69 -5.53
C MET A 49 -3.67 29.11 -6.54
N TRP A 50 -2.43 28.96 -6.11
CA TRP A 50 -1.34 28.54 -6.99
C TRP A 50 -0.53 27.43 -6.34
N VAL A 51 0.26 26.72 -7.16
CA VAL A 51 1.11 25.64 -6.65
C VAL A 51 2.52 25.73 -7.23
N GLY A 52 3.46 25.07 -6.56
CA GLY A 52 4.83 24.96 -7.05
C GLY A 52 4.89 24.04 -8.26
N ARG A 53 5.68 24.43 -9.26
CA ARG A 53 5.93 23.61 -10.44
C ARG A 53 7.38 23.19 -10.46
N ALA A 54 7.63 21.96 -10.92
CA ALA A 54 8.98 21.51 -11.23
C ALA A 54 8.90 20.49 -12.36
N ASP A 55 9.90 20.49 -13.24
CA ASP A 55 9.91 19.55 -14.34
C ASP A 55 10.33 18.14 -13.92
N ASP A 56 10.45 17.27 -14.93
CA ASP A 56 10.73 15.87 -14.70
CA ASP A 56 10.80 15.87 -14.82
C ASP A 56 12.04 15.59 -13.97
N ALA A 57 12.98 16.55 -13.98
CA ALA A 57 14.27 16.37 -13.30
C ALA A 57 14.12 16.14 -11.80
N LEU A 58 13.20 16.87 -11.16
CA LEU A 58 12.94 16.72 -9.73
C LEU A 58 12.12 15.45 -9.47
N GLN A 59 12.77 14.47 -8.85
CA GLN A 59 12.17 13.15 -8.63
C GLN A 59 11.79 12.88 -7.18
N GLN A 60 12.58 13.42 -6.26
CA GLN A 60 12.40 13.20 -4.82
C GLN A 60 13.21 14.27 -4.09
N VAL A 61 12.57 14.96 -3.15
CA VAL A 61 13.22 16.03 -2.40
C VAL A 61 13.56 15.52 -1.00
N VAL A 62 14.43 16.24 -0.29
CA VAL A 62 14.65 15.95 1.13
C VAL A 62 14.30 17.18 1.98
N MET A 63 13.53 16.94 3.03
CA MET A 63 13.18 17.98 3.99
C MET A 63 13.83 17.60 5.31
N GLY A 64 14.86 18.36 5.67
CA GLY A 64 15.64 18.09 6.86
C GLY A 64 15.43 19.15 7.91
N TYR A 65 14.71 18.78 8.97
CA TYR A 65 14.49 19.66 10.10
C TYR A 65 15.53 19.33 11.17
N LEU A 66 16.38 20.31 11.45
CA LEU A 66 17.53 20.13 12.33
C LEU A 66 17.35 21.00 13.56
N GLY A 67 17.20 20.38 14.72
CA GLY A 67 16.83 21.10 15.93
C GLY A 67 17.84 21.17 17.05
N VAL A 68 17.73 22.23 17.84
CA VAL A 68 18.52 22.42 19.05
C VAL A 68 17.53 22.74 20.16
N GLN A 69 17.63 22.00 21.26
CA GLN A 69 16.69 22.12 22.37
C GLN A 69 17.41 22.52 23.65
N PHE A 70 16.80 23.44 24.40
CA PHE A 70 17.31 23.84 25.71
C PHE A 70 16.18 24.43 26.56
N ARG A 71 16.39 24.47 27.88
CA ARG A 71 15.39 24.98 28.81
CA ARG A 71 15.39 24.98 28.82
C ARG A 71 15.92 26.12 29.70
N ASP A 72 17.19 26.03 30.10
CA ASP A 72 17.76 27.01 31.02
C ASP A 72 18.32 28.21 30.26
N GLU A 73 18.13 29.41 30.81
CA GLU A 73 18.68 30.64 30.22
C GLU A 73 20.17 30.55 29.90
N ASP A 74 20.94 29.96 30.82
CA ASP A 74 22.39 29.94 30.68
C ASP A 74 22.87 29.10 29.49
N GLN A 75 21.94 28.36 28.89
CA GLN A 75 22.19 27.51 27.72
C GLN A 75 21.94 28.21 26.38
N ARG A 76 21.30 29.38 26.41
CA ARG A 76 20.93 30.11 25.19
C ARG A 76 22.12 30.44 24.27
N PRO A 77 23.25 30.97 24.82
CA PRO A 77 24.41 31.26 23.98
C PRO A 77 24.91 30.04 23.21
N ALA A 78 25.09 28.92 23.91
CA ALA A 78 25.52 27.66 23.29
C ALA A 78 24.51 27.16 22.26
N ALA A 79 23.23 27.28 22.59
CA ALA A 79 22.17 26.84 21.69
C ALA A 79 22.14 27.68 20.41
N LEU A 80 22.26 28.99 20.54
CA LEU A 80 22.31 29.87 19.37
C LEU A 80 23.58 29.58 18.55
N GLN A 81 24.67 29.31 19.25
CA GLN A 81 25.93 29.01 18.61
C GLN A 81 25.86 27.72 17.80
N ALA A 82 25.23 26.70 18.38
CA ALA A 82 25.05 25.42 17.70
C ALA A 82 24.22 25.60 16.42
N MET A 83 23.18 26.44 16.50
CA MET A 83 22.33 26.77 15.35
C MET A 83 23.19 27.44 14.28
N ARG A 84 24.05 28.38 14.71
CA ARG A 84 24.96 29.04 13.79
C ARG A 84 25.93 28.05 13.11
N ASP A 85 26.37 27.04 13.87
CA ASP A 85 27.21 25.97 13.33
C ASP A 85 26.48 25.17 12.25
N ILE A 86 25.24 24.77 12.54
CA ILE A 86 24.44 24.01 11.58
C ILE A 86 24.27 24.81 10.28
N VAL A 87 23.88 26.07 10.42
CA VAL A 87 23.71 26.98 9.28
C VAL A 87 24.98 27.09 8.44
N ALA A 88 26.13 27.22 9.11
CA ALA A 88 27.42 27.27 8.40
C ALA A 88 27.71 25.98 7.64
N GLY A 89 27.29 24.85 8.22
CA GLY A 89 27.44 23.54 7.59
C GLY A 89 26.70 23.44 6.26
N PHE A 90 25.68 24.27 6.10
CA PHE A 90 24.88 24.32 4.87
C PHE A 90 25.64 24.95 3.69
N ASP A 91 26.65 25.77 4.00
CA ASP A 91 27.47 26.41 2.98
C ASP A 91 28.52 25.49 2.39
N LEU A 92 28.60 24.27 2.93
CA LEU A 92 29.48 23.24 2.40
C LEU A 92 28.89 22.61 1.14
N PRO A 93 29.74 22.02 0.27
CA PRO A 93 29.24 21.31 -0.90
C PRO A 93 28.09 20.37 -0.58
N ASP A 94 27.08 20.36 -1.44
CA ASP A 94 25.91 19.50 -1.31
C ASP A 94 24.98 19.89 -0.17
N GLY A 95 25.17 21.10 0.37
CA GLY A 95 24.23 21.67 1.33
C GLY A 95 22.86 21.90 0.70
N PRO A 96 21.84 22.21 1.51
CA PRO A 96 20.50 22.40 0.94
C PRO A 96 20.42 23.62 0.02
N ALA A 97 19.49 23.57 -0.93
CA ALA A 97 19.24 24.68 -1.84
C ALA A 97 18.51 25.84 -1.17
N HIS A 98 17.79 25.56 -0.09
CA HIS A 98 17.07 26.60 0.64
C HIS A 98 16.95 26.20 2.10
N HIS A 99 16.89 27.20 2.97
CA HIS A 99 16.62 26.95 4.39
C HIS A 99 15.98 28.15 5.07
N ASP A 100 15.37 27.89 6.22
CA ASP A 100 14.94 28.95 7.14
C ASP A 100 15.04 28.48 8.59
N LEU A 101 15.01 29.42 9.52
CA LEU A 101 15.26 29.17 10.95
C LEU A 101 14.07 29.61 11.77
N THR A 102 13.68 28.77 12.74
CA THR A 102 12.54 29.06 13.60
C THR A 102 12.80 28.77 15.07
N HIS A 103 11.92 29.31 15.91
CA HIS A 103 11.97 29.14 17.37
C HIS A 103 10.56 28.84 17.86
N HIS A 104 10.46 27.98 18.87
CA HIS A 104 9.22 27.78 19.61
C HIS A 104 9.53 27.21 20.99
N ILE A 105 8.59 27.38 21.90
CA ILE A 105 8.66 26.77 23.22
C ILE A 105 7.59 25.68 23.29
N ASP A 106 7.98 24.46 23.62
CA ASP A 106 7.03 23.34 23.65
C ASP A 106 6.20 23.32 24.93
N ASN A 107 5.34 22.31 25.07
CA ASN A 107 4.45 22.26 26.24
C ASN A 107 5.13 21.74 27.51
N GLN A 108 6.44 21.47 27.40
CA GLN A 108 7.27 21.12 28.57
C GLN A 108 8.13 22.30 29.03
N GLY A 109 8.02 23.43 28.33
CA GLY A 109 8.81 24.63 28.66
C GLY A 109 10.19 24.67 28.03
N TYR A 110 10.47 23.75 27.10
CA TYR A 110 11.76 23.71 26.40
C TYR A 110 11.74 24.55 25.13
N GLU A 111 12.78 25.34 24.94
CA GLU A 111 12.93 26.14 23.75
C GLU A 111 13.59 25.30 22.67
N ASN A 112 13.04 25.38 21.47
CA ASN A 112 13.51 24.61 20.32
C ASN A 112 13.84 25.51 19.13
N LEU A 113 15.10 25.47 18.70
CA LEU A 113 15.54 26.15 17.49
C LEU A 113 15.57 25.14 16.36
N ILE A 114 14.84 25.39 15.28
CA ILE A 114 14.82 24.46 14.15
C ILE A 114 15.24 25.11 12.84
N VAL A 115 16.29 24.58 12.24
CA VAL A 115 16.74 24.96 10.91
C VAL A 115 16.18 23.93 9.93
N VAL A 116 15.35 24.37 9.00
CA VAL A 116 14.81 23.46 8.00
C VAL A 116 15.58 23.64 6.70
N GLY A 117 16.14 22.54 6.20
CA GLY A 117 16.86 22.52 4.93
C GLY A 117 16.07 21.74 3.90
N TYR A 118 16.13 22.21 2.66
CA TYR A 118 15.46 21.59 1.54
C TYR A 118 16.47 21.28 0.45
N TRP A 119 16.54 20.00 0.06
CA TRP A 119 17.41 19.52 -1.02
C TRP A 119 16.56 19.07 -2.20
N LYS A 120 17.10 19.25 -3.39
CA LYS A 120 16.40 18.87 -4.63
C LYS A 120 16.57 17.39 -5.01
N ASP A 121 17.43 16.66 -4.30
CA ASP A 121 17.60 15.23 -4.57
C ASP A 121 18.16 14.46 -3.37
N VAL A 122 17.81 13.19 -3.28
CA VAL A 122 18.22 12.36 -2.15
C VAL A 122 19.74 12.25 -2.04
N SER A 123 20.40 11.95 -3.15
CA SER A 123 21.85 11.71 -3.15
C SER A 123 22.68 12.88 -2.67
N SER A 124 22.25 14.09 -2.99
CA SER A 124 22.99 15.29 -2.59
C SER A 124 22.92 15.45 -1.07
N GLN A 125 21.74 15.24 -0.51
CA GLN A 125 21.55 15.29 0.95
C GLN A 125 22.37 14.19 1.64
N HIS A 126 22.49 13.04 1.00
CA HIS A 126 23.21 11.90 1.56
C HIS A 126 24.71 12.16 1.56
N ARG A 127 25.22 12.71 0.46
CA ARG A 127 26.62 13.08 0.35
C ARG A 127 26.98 14.11 1.42
N TRP A 128 26.09 15.08 1.61
CA TRP A 128 26.27 16.13 2.61
C TRP A 128 26.28 15.56 4.04
N SER A 129 25.22 14.83 4.38
CA SER A 129 25.04 14.24 5.72
C SER A 129 26.13 13.28 6.15
N THR A 130 26.75 12.60 5.18
CA THR A 130 27.79 11.62 5.49
C THR A 130 29.20 12.17 5.26
N SER A 131 29.29 13.42 4.80
CA SER A 131 30.58 14.07 4.60
C SER A 131 31.27 14.28 5.94
N THR A 132 32.60 14.24 5.94
CA THR A 132 33.38 14.31 7.18
C THR A 132 32.90 15.39 8.18
N PRO A 133 32.78 16.67 7.74
CA PRO A 133 32.49 17.72 8.71
C PRO A 133 31.12 17.60 9.36
N ILE A 134 30.14 17.11 8.60
CA ILE A 134 28.77 16.98 9.08
C ILE A 134 28.63 15.75 9.98
N ALA A 135 29.06 14.60 9.47
CA ALA A 135 28.97 13.33 10.21
C ALA A 135 29.79 13.33 11.50
N SER A 136 30.98 13.92 11.47
CA SER A 136 31.82 13.99 12.66
C SER A 136 31.17 14.84 13.75
N TRP A 137 30.52 15.94 13.37
CA TRP A 137 29.78 16.76 14.32
C TRP A 137 28.60 16.00 14.95
N TRP A 138 27.82 15.30 14.12
CA TRP A 138 26.64 14.59 14.60
C TRP A 138 26.97 13.40 15.51
N GLU A 139 28.03 12.67 15.14
CA GLU A 139 28.42 11.46 15.85
C GLU A 139 29.35 11.71 17.06
N SER A 140 29.79 12.95 17.22
CA SER A 140 30.72 13.32 18.29
C SER A 140 30.15 13.06 19.68
N GLU A 141 31.03 12.63 20.58
CA GLU A 141 30.69 12.41 21.98
C GLU A 141 30.28 13.74 22.62
N ASP A 142 30.73 14.84 22.02
CA ASP A 142 30.44 16.19 22.50
C ASP A 142 28.95 16.53 22.43
N ARG A 143 28.22 15.83 21.55
CA ARG A 143 26.77 16.00 21.44
C ARG A 143 26.04 15.53 22.70
N LEU A 144 26.63 14.53 23.37
CA LEU A 144 26.11 14.04 24.64
C LEU A 144 26.52 14.92 25.82
N SER A 145 27.71 15.52 25.74
CA SER A 145 28.25 16.34 26.84
C SER A 145 27.84 17.81 26.81
N ASP A 146 27.29 18.29 25.69
CA ASP A 146 26.85 19.69 25.55
C ASP A 146 25.78 20.11 26.56
N GLY A 147 24.96 19.16 26.99
CA GLY A 147 23.81 19.46 27.84
C GLY A 147 22.58 19.87 27.05
N LEU A 148 22.80 20.24 25.78
CA LEU A 148 21.72 20.61 24.86
C LEU A 148 21.03 19.39 24.30
N GLY A 149 19.80 19.57 23.82
CA GLY A 149 19.14 18.57 23.00
C GLY A 149 19.42 18.81 21.54
N PHE A 150 19.62 17.73 20.77
CA PHE A 150 19.77 17.82 19.31
C PHE A 150 18.81 16.86 18.64
N PHE A 151 18.25 17.26 17.51
CA PHE A 151 17.46 16.32 16.72
C PHE A 151 17.56 16.52 15.22
N ARG A 152 17.39 15.43 14.49
CA ARG A 152 17.29 15.46 13.03
C ARG A 152 16.06 14.68 12.64
N GLU A 153 15.12 15.38 12.02
CA GLU A 153 13.91 14.78 11.51
C GLU A 153 13.93 15.00 10.01
N ILE A 154 14.41 13.99 9.30
CA ILE A 154 14.71 14.07 7.88
C ILE A 154 13.80 13.13 7.09
N VAL A 155 13.06 13.71 6.16
CA VAL A 155 12.05 13.00 5.39
C VAL A 155 12.17 13.32 3.91
N ALA A 156 11.85 12.32 3.07
CA ALA A 156 12.15 12.40 1.63
C ALA A 156 11.00 11.94 0.74
N PRO A 157 10.01 12.82 0.51
CA PRO A 157 8.88 12.47 -0.36
C PRO A 157 9.29 12.56 -1.83
N ARG A 158 8.81 11.60 -2.61
CA ARG A 158 8.93 11.64 -4.07
C ARG A 158 8.04 12.75 -4.63
N ALA A 159 8.28 13.15 -5.87
CA ALA A 159 7.50 14.22 -6.49
C ALA A 159 5.99 13.95 -6.45
N GLU A 160 5.62 12.66 -6.54
CA GLU A 160 4.22 12.24 -6.49
C GLU A 160 3.64 12.25 -5.07
N GLN A 161 4.50 12.45 -4.07
CA GLN A 161 4.12 12.31 -2.65
C GLN A 161 4.03 13.63 -1.87
N PHE A 162 4.01 14.76 -2.56
CA PHE A 162 3.74 16.02 -1.87
C PHE A 162 2.91 16.97 -2.71
N GLU A 163 2.24 17.89 -2.01
CA GLU A 163 1.43 18.92 -2.63
C GLU A 163 1.74 20.25 -1.97
N THR A 164 1.55 21.33 -2.73
CA THR A 164 1.73 22.67 -2.22
C THR A 164 0.50 23.49 -2.58
N LEU A 165 0.25 24.55 -1.82
CA LEU A 165 -0.82 25.48 -2.10
C LEU A 165 -0.45 26.84 -1.57
N TYR A 166 -0.48 27.85 -2.45
CA TYR A 166 -0.15 29.24 -2.10
C TYR A 166 -1.26 30.21 -2.47
N ALA A 167 -1.56 31.13 -1.55
CA ALA A 167 -2.48 32.22 -1.83
C ALA A 167 -1.76 33.45 -2.39
N PHE A 168 -0.63 33.18 -3.06
CA PHE A 168 0.23 34.20 -3.66
C PHE A 168 1.14 33.56 -4.72
N GLN A 169 1.78 34.37 -5.54
CA GLN A 169 2.51 33.85 -6.71
C GLN A 169 4.03 33.93 -6.61
N GLU A 170 4.53 34.83 -5.76
CA GLU A 170 5.97 35.12 -5.75
C GLU A 170 6.69 34.71 -4.46
N ASP A 171 8.01 34.58 -4.56
CA ASP A 171 8.88 34.35 -3.39
CA ASP A 171 8.89 34.34 -3.41
C ASP A 171 8.38 33.20 -2.52
N LEU A 172 8.23 32.02 -3.13
CA LEU A 172 7.72 30.84 -2.45
C LEU A 172 8.61 30.37 -1.29
N PRO A 173 8.02 30.23 -0.09
CA PRO A 173 8.72 29.68 1.07
C PRO A 173 8.75 28.15 1.04
N GLY A 174 9.50 27.55 1.95
CA GLY A 174 9.52 26.10 2.11
C GLY A 174 9.97 25.38 0.86
N VAL A 175 9.33 24.26 0.56
CA VAL A 175 9.73 23.40 -0.57
C VAL A 175 9.53 24.10 -1.93
N GLY A 176 8.58 25.03 -2.02
CA GLY A 176 8.38 25.80 -3.26
C GLY A 176 9.62 26.56 -3.69
N ALA A 177 10.46 26.91 -2.71
CA ALA A 177 11.70 27.64 -2.97
C ALA A 177 12.74 26.83 -3.75
N VAL A 178 12.64 25.50 -3.71
CA VAL A 178 13.57 24.64 -4.45
C VAL A 178 12.95 24.07 -5.73
N MET A 179 11.65 24.30 -5.93
CA MET A 179 11.00 23.90 -7.17
C MET A 179 11.34 24.89 -8.28
N ASP A 180 10.83 24.64 -9.49
CA ASP A 180 11.23 25.41 -10.68
C ASP A 180 10.51 26.73 -10.88
N GLY A 181 9.30 26.83 -10.35
CA GLY A 181 8.53 28.06 -10.47
C GLY A 181 7.10 27.90 -10.00
N ILE A 182 6.25 28.81 -10.46
CA ILE A 182 4.87 28.90 -9.99
C ILE A 182 3.89 28.54 -11.12
N SER A 183 2.77 27.91 -10.74
CA SER A 183 1.73 27.55 -11.70
C SER A 183 0.83 28.75 -12.03
N GLY A 184 -0.12 28.55 -12.94
CA GLY A 184 -1.25 29.47 -13.06
C GLY A 184 -2.28 29.08 -12.01
N GLU A 185 -3.47 29.68 -12.07
CA GLU A 185 -4.52 29.34 -11.12
C GLU A 185 -4.94 27.88 -11.30
N ILE A 186 -5.03 27.15 -10.20
CA ILE A 186 -5.31 25.70 -10.25
C ILE A 186 -6.76 25.37 -9.92
N ASN A 187 -7.20 24.21 -10.39
CA ASN A 187 -8.57 23.78 -10.23
C ASN A 187 -8.83 23.09 -8.90
N GLU A 188 -7.87 22.26 -8.47
CA GLU A 188 -8.09 21.35 -7.32
C GLU A 188 -7.89 22.03 -5.97
N HIS A 189 -8.78 22.97 -5.64
CA HIS A 189 -8.79 23.57 -4.30
C HIS A 189 -10.15 24.18 -4.01
N GLY A 190 -10.41 24.45 -2.74
CA GLY A 190 -11.64 25.13 -2.32
C GLY A 190 -12.74 24.20 -1.83
N TYR A 191 -12.38 22.95 -1.57
CA TYR A 191 -13.32 21.95 -1.05
C TYR A 191 -12.52 20.93 -0.24
N TRP A 192 -13.16 20.39 0.80
CA TRP A 192 -12.53 19.36 1.60
C TRP A 192 -12.26 18.14 0.73
N GLY A 193 -11.02 17.64 0.78
CA GLY A 193 -10.60 16.58 -0.12
C GLY A 193 -9.76 17.07 -1.30
N SER A 194 -9.63 18.38 -1.45
CA SER A 194 -8.81 18.97 -2.52
C SER A 194 -7.32 18.73 -2.30
N MET A 195 -6.88 18.83 -1.05
CA MET A 195 -5.49 18.53 -0.69
C MET A 195 -5.04 17.17 -1.23
N ARG A 196 -5.83 16.14 -0.92
CA ARG A 196 -5.54 14.78 -1.36
C ARG A 196 -5.40 14.74 -2.89
N GLU A 197 -6.33 15.42 -3.57
CA GLU A 197 -6.35 15.47 -5.04
C GLU A 197 -5.19 16.23 -5.69
N ARG A 198 -4.44 16.98 -4.88
CA ARG A 198 -3.24 17.68 -5.35
C ARG A 198 -1.98 16.80 -5.29
N PHE A 199 -2.03 15.74 -4.48
CA PHE A 199 -0.97 14.73 -4.50
C PHE A 199 -1.04 13.96 -5.81
N PRO A 200 0.01 14.03 -6.63
CA PRO A 200 -0.07 13.29 -7.89
C PRO A 200 -0.35 11.80 -7.70
N ILE A 201 0.09 11.22 -6.58
CA ILE A 201 -0.10 9.78 -6.34
C ILE A 201 -1.57 9.41 -6.07
N SER A 202 -2.39 10.39 -5.70
CA SER A 202 -3.83 10.17 -5.50
C SER A 202 -4.58 9.69 -6.76
N GLN A 203 -3.93 9.80 -7.91
CA GLN A 203 -4.51 9.28 -9.16
C GLN A 203 -4.59 7.76 -9.15
N THR A 204 -3.78 7.12 -8.32
CA THR A 204 -3.67 5.65 -8.31
C THR A 204 -3.57 5.01 -6.91
N ASP A 205 -3.25 5.82 -5.89
CA ASP A 205 -2.98 5.27 -4.56
C ASP A 205 -3.73 5.99 -3.44
N TRP A 206 -4.21 5.20 -2.48
CA TRP A 206 -4.96 5.68 -1.33
C TRP A 206 -4.12 6.36 -0.25
N MET A 207 -2.79 6.23 -0.34
CA MET A 207 -1.86 6.80 0.66
C MET A 207 -2.28 6.36 2.06
N GLN A 208 -2.60 5.07 2.16
CA GLN A 208 -3.11 4.47 3.37
C GLN A 208 -1.96 4.25 4.33
N ALA A 209 -2.18 4.62 5.59
CA ALA A 209 -1.18 4.41 6.63
C ALA A 209 -1.15 2.95 7.04
N SER A 210 0.06 2.44 7.29
CA SER A 210 0.23 1.11 7.90
C SER A 210 1.56 1.09 8.66
N GLY A 211 1.70 0.12 9.56
CA GLY A 211 2.91 0.00 10.39
C GLY A 211 2.83 0.89 11.63
N GLU A 212 3.88 0.87 12.44
CA GLU A 212 3.92 1.76 13.61
C GLU A 212 5.13 2.66 13.62
N LEU A 213 5.00 3.76 14.35
CA LEU A 213 6.12 4.61 14.69
C LEU A 213 6.94 3.84 15.72
N ARG A 214 8.16 3.45 15.34
CA ARG A 214 8.96 2.53 16.16
C ARG A 214 10.32 3.08 16.58
N VAL A 215 10.65 2.89 17.86
CA VAL A 215 12.02 3.07 18.34
C VAL A 215 12.82 1.86 17.86
N ILE A 216 13.89 2.12 17.11
CA ILE A 216 14.76 1.06 16.59
C ILE A 216 16.14 1.03 17.27
N ALA A 217 16.44 2.07 18.05
CA ALA A 217 17.66 2.12 18.86
C ALA A 217 17.48 3.08 20.02
N GLY A 218 17.96 2.68 21.19
CA GLY A 218 17.90 3.53 22.38
C GLY A 218 16.57 3.46 23.11
N ASP A 219 16.40 4.38 24.07
CA ASP A 219 15.22 4.43 24.92
C ASP A 219 14.94 5.89 25.27
N PRO A 220 13.77 6.42 24.84
CA PRO A 220 13.36 7.80 25.17
C PRO A 220 13.40 8.10 26.67
N ALA A 221 13.13 7.09 27.50
CA ALA A 221 13.14 7.23 28.96
C ALA A 221 14.55 7.41 29.54
N VAL A 222 15.58 6.95 28.81
CA VAL A 222 16.96 7.05 29.28
C VAL A 222 17.64 8.32 28.76
N GLY A 223 17.11 8.90 27.70
CA GLY A 223 17.77 10.01 27.02
C GLY A 223 18.90 9.46 26.17
N GLY A 224 19.98 10.22 26.03
CA GLY A 224 21.07 9.85 25.13
C GLY A 224 20.61 9.79 23.68
N ARG A 225 21.16 8.86 22.91
CA ARG A 225 20.81 8.71 21.50
C ARG A 225 19.60 7.79 21.30
N VAL A 226 18.58 8.31 20.62
CA VAL A 226 17.37 7.54 20.29
C VAL A 226 17.11 7.66 18.80
N VAL A 227 16.80 6.52 18.15
CA VAL A 227 16.46 6.51 16.74
C VAL A 227 15.04 5.99 16.53
N VAL A 228 14.20 6.82 15.91
CA VAL A 228 12.83 6.45 15.61
C VAL A 228 12.63 6.31 14.12
N ARG A 229 12.06 5.18 13.70
CA ARG A 229 11.67 5.02 12.32
C ARG A 229 10.17 5.27 12.12
N GLY A 230 9.84 6.02 11.07
CA GLY A 230 8.44 6.28 10.71
C GLY A 230 7.81 5.08 10.01
N HIS A 231 6.51 5.16 9.76
CA HIS A 231 5.79 4.11 9.06
C HIS A 231 5.26 4.66 7.75
N ASP A 232 4.89 3.74 6.85
CA ASP A 232 4.26 4.12 5.58
C ASP A 232 3.16 5.16 5.77
N ASN A 233 3.28 6.24 5.01
CA ASN A 233 2.22 7.26 4.86
C ASN A 233 1.86 8.05 6.13
N ILE A 234 2.87 8.28 6.95
CA ILE A 234 2.84 9.41 7.90
C ILE A 234 2.72 10.64 7.01
N ALA A 235 1.92 11.61 7.43
CA ALA A 235 1.84 12.87 6.70
C ALA A 235 2.46 14.00 7.50
N LEU A 236 3.14 14.90 6.81
CA LEU A 236 3.76 16.07 7.43
C LEU A 236 3.17 17.32 6.79
N ILE A 237 2.61 18.22 7.61
CA ILE A 237 2.10 19.49 7.09
C ILE A 237 2.96 20.65 7.60
N ARG A 238 3.38 21.50 6.68
CA ARG A 238 3.92 22.81 7.06
C ARG A 238 2.94 23.86 6.53
N SER A 239 2.23 24.53 7.45
CA SER A 239 1.24 25.51 7.06
C SER A 239 1.65 26.84 7.64
N GLY A 240 1.90 27.81 6.76
CA GLY A 240 2.57 29.05 7.13
C GLY A 240 1.79 30.33 6.97
N GLN A 241 2.24 31.34 7.71
CA GLN A 241 1.65 32.66 7.77
C GLN A 241 2.78 33.67 7.65
N ASP A 242 2.58 34.68 6.81
CA ASP A 242 3.60 35.68 6.55
C ASP A 242 2.94 37.06 6.53
N TRP A 243 3.20 37.84 7.58
CA TRP A 243 2.60 39.16 7.72
C TRP A 243 3.66 40.27 7.73
N ALA A 244 4.88 39.91 7.32
CA ALA A 244 6.04 40.80 7.33
C ALA A 244 5.88 42.08 6.49
N ASP A 245 5.06 42.03 5.45
CA ASP A 245 4.88 43.16 4.52
C ASP A 245 3.49 43.80 4.59
N ALA A 246 2.67 43.32 5.51
CA ALA A 246 1.31 43.84 5.66
C ALA A 246 1.30 45.25 6.25
N GLU A 247 0.34 46.06 5.82
CA GLU A 247 0.10 47.38 6.42
C GLU A 247 -0.60 47.22 7.77
N ALA A 248 -0.71 48.34 8.49
CA ALA A 248 -1.25 48.38 9.86
C ALA A 248 -2.61 47.70 10.04
N ASP A 249 -3.52 47.92 9.08
CA ASP A 249 -4.89 47.39 9.18
C ASP A 249 -4.97 45.88 8.96
N GLU A 250 -4.17 45.39 8.01
CA GLU A 250 -4.10 43.96 7.73
C GLU A 250 -3.38 43.23 8.85
N ARG A 251 -2.34 43.86 9.40
CA ARG A 251 -1.63 43.33 10.57
C ARG A 251 -2.61 43.06 11.72
N SER A 252 -3.43 44.06 12.02
CA SER A 252 -4.43 43.96 13.08
C SER A 252 -5.50 42.89 12.82
N LEU A 253 -5.92 42.76 11.56
CA LEU A 253 -6.85 41.70 11.16
C LEU A 253 -6.26 40.32 11.38
N TYR A 254 -4.99 40.14 11.01
CA TYR A 254 -4.34 38.86 11.28
C TYR A 254 -4.09 38.63 12.77
N LEU A 255 -3.50 39.62 13.44
CA LEU A 255 -3.08 39.47 14.83
C LEU A 255 -4.24 39.39 15.83
N ASP A 256 -5.37 40.05 15.51
CA ASP A 256 -6.52 40.09 16.42
C ASP A 256 -7.65 39.12 16.04
N GLU A 257 -7.81 38.84 14.75
CA GLU A 257 -8.95 38.05 14.31
C GLU A 257 -8.60 36.64 13.81
N ILE A 258 -7.38 36.46 13.32
CA ILE A 258 -6.98 35.17 12.78
C ILE A 258 -6.09 34.40 13.75
N LEU A 259 -5.03 35.06 14.22
CA LEU A 259 -4.06 34.43 15.12
C LEU A 259 -4.66 33.77 16.38
N PRO A 260 -5.57 34.48 17.11
CA PRO A 260 -6.20 33.81 18.26
C PRO A 260 -6.78 32.43 17.96
N THR A 261 -7.54 32.32 16.86
CA THR A 261 -8.15 31.04 16.48
C THR A 261 -7.10 30.01 16.05
N LEU A 262 -6.10 30.45 15.29
CA LEU A 262 -4.97 29.62 14.91
C LEU A 262 -4.22 29.11 16.14
N GLN A 263 -3.94 30.01 17.08
CA GLN A 263 -3.26 29.65 18.33
C GLN A 263 -4.06 28.61 19.14
N SER A 264 -5.37 28.80 19.23
CA SER A 264 -6.27 27.85 19.88
C SER A 264 -6.17 26.47 19.22
N GLY A 265 -6.14 26.45 17.89
CA GLY A 265 -6.04 25.20 17.14
C GLY A 265 -4.71 24.50 17.34
N MET A 266 -3.64 25.29 17.40
CA MET A 266 -2.29 24.75 17.56
C MET A 266 -2.09 24.18 18.96
N ASP A 267 -2.59 24.90 19.96
CA ASP A 267 -2.60 24.41 21.35
C ASP A 267 -3.35 23.09 21.44
N PHE A 268 -4.51 23.00 20.81
CA PHE A 268 -5.29 21.76 20.82
C PHE A 268 -4.47 20.57 20.29
N LEU A 269 -3.93 20.70 19.08
CA LEU A 269 -3.15 19.62 18.47
C LEU A 269 -1.90 19.29 19.30
N ARG A 270 -1.27 20.32 19.84
CA ARG A 270 -0.08 20.17 20.68
C ARG A 270 -0.37 19.33 21.95
N ASP A 271 -1.57 19.48 22.50
CA ASP A 271 -1.90 18.92 23.81
C ASP A 271 -2.89 17.76 23.75
N ASN A 272 -3.45 17.51 22.56
CA ASN A 272 -4.43 16.43 22.38
C ASN A 272 -4.10 15.61 21.15
N GLY A 273 -2.80 15.54 20.84
CA GLY A 273 -2.30 14.83 19.66
C GLY A 273 -2.79 13.40 19.49
N PRO A 274 -2.55 12.52 20.48
CA PRO A 274 -2.92 11.10 20.35
C PRO A 274 -4.42 10.88 20.08
N ALA A 275 -5.27 11.74 20.62
CA ALA A 275 -6.73 11.65 20.40
C ALA A 275 -7.13 11.84 18.94
N VAL A 276 -6.37 12.66 18.22
CA VAL A 276 -6.72 13.03 16.83
C VAL A 276 -5.76 12.44 15.78
N GLY A 277 -4.66 11.83 16.23
CA GLY A 277 -3.68 11.20 15.35
C GLY A 277 -2.52 12.10 14.94
N CYS A 278 -2.18 13.05 15.81
CA CYS A 278 -1.12 13.99 15.52
C CYS A 278 0.05 13.66 16.42
N TYR A 279 1.07 13.03 15.85
CA TYR A 279 2.25 12.58 16.60
C TYR A 279 3.00 13.75 17.21
N SER A 280 3.06 14.85 16.47
CA SER A 280 3.83 16.03 16.89
C SER A 280 3.22 17.28 16.29
N ASN A 281 3.00 18.29 17.12
CA ASN A 281 2.55 19.57 16.63
C ASN A 281 3.41 20.71 17.15
N ARG A 282 4.03 21.44 16.23
CA ARG A 282 4.82 22.60 16.59
C ARG A 282 4.25 23.85 15.92
N PHE A 283 4.12 24.92 16.68
CA PHE A 283 3.75 26.22 16.10
C PHE A 283 4.92 27.19 16.31
N VAL A 284 5.68 27.41 15.24
CA VAL A 284 7.00 28.03 15.34
C VAL A 284 7.04 29.41 14.68
N ARG A 285 8.00 30.23 15.09
CA ARG A 285 8.13 31.59 14.58
C ARG A 285 9.51 31.73 13.96
N ASN A 286 9.57 32.23 12.73
CA ASN A 286 10.87 32.43 12.09
C ASN A 286 11.74 33.45 12.81
N ILE A 287 13.04 33.20 12.78
CA ILE A 287 14.04 34.04 13.42
C ILE A 287 15.19 34.31 12.46
N ASP A 288 15.97 35.35 12.74
CA ASP A 288 17.26 35.52 12.07
C ASP A 288 18.32 34.71 12.79
N ILE A 289 19.57 34.83 12.32
CA ILE A 289 20.72 34.08 12.81
C ILE A 289 21.02 34.32 14.30
N ASP A 290 20.52 35.43 14.83
CA ASP A 290 20.76 35.82 16.23
C ASP A 290 19.57 35.55 17.16
N GLY A 291 18.53 34.93 16.63
CA GLY A 291 17.35 34.60 17.42
C GLY A 291 16.27 35.68 17.50
N ASN A 292 16.44 36.77 16.74
CA ASN A 292 15.40 37.80 16.68
C ASN A 292 14.23 37.31 15.82
N PHE A 293 13.01 37.50 16.31
CA PHE A 293 11.80 37.09 15.58
C PHE A 293 11.59 37.85 14.27
N LEU A 294 11.15 37.10 13.26
CA LEU A 294 10.64 37.67 12.02
C LEU A 294 9.13 37.48 11.99
N ASP A 295 8.46 38.24 11.14
CA ASP A 295 6.99 38.19 11.05
C ASP A 295 6.52 37.15 10.07
N LEU A 296 7.01 35.92 10.28
CA LEU A 296 6.58 34.74 9.59
C LEU A 296 6.50 33.63 10.64
N SER A 297 5.51 32.75 10.48
CA SER A 297 5.36 31.60 11.34
C SER A 297 4.90 30.40 10.51
N TYR A 298 4.96 29.22 11.12
CA TYR A 298 4.29 28.04 10.58
C TYR A 298 4.10 26.90 11.56
N ASN A 299 3.08 26.10 11.27
CA ASN A 299 2.84 24.82 11.91
C ASN A 299 3.77 23.79 11.27
N ILE A 300 4.37 22.94 12.10
CA ILE A 300 5.03 21.72 11.65
C ILE A 300 4.26 20.59 12.34
N GLY A 301 3.50 19.83 11.56
CA GLY A 301 2.61 18.82 12.11
C GLY A 301 2.86 17.47 11.48
N HIS A 302 3.24 16.50 12.30
CA HIS A 302 3.39 15.10 11.87
C HIS A 302 2.14 14.30 12.27
N TRP A 303 1.56 13.60 11.29
CA TRP A 303 0.28 12.90 11.47
C TRP A 303 0.36 11.40 11.18
N ALA A 304 -0.40 10.64 11.96
CA ALA A 304 -0.45 9.20 11.82
C ALA A 304 -1.00 8.76 10.46
N SER A 305 -1.82 9.60 9.85
CA SER A 305 -2.29 9.36 8.49
C SER A 305 -2.66 10.67 7.81
N LEU A 306 -2.72 10.66 6.48
CA LEU A 306 -3.24 11.80 5.74
C LEU A 306 -4.72 12.00 6.06
N ASP A 307 -5.46 10.89 6.14
CA ASP A 307 -6.90 10.98 6.41
C ASP A 307 -7.23 11.54 7.78
N GLN A 308 -6.42 11.23 8.80
CA GLN A 308 -6.60 11.85 10.10
C GLN A 308 -6.44 13.37 10.07
N LEU A 309 -5.48 13.83 9.28
CA LEU A 309 -5.29 15.27 9.07
C LEU A 309 -6.50 15.88 8.34
N GLU A 310 -6.98 15.18 7.32
CA GLU A 310 -8.22 15.57 6.64
C GLU A 310 -9.39 15.69 7.60
N ARG A 311 -9.56 14.68 8.47
CA ARG A 311 -10.66 14.66 9.43
C ARG A 311 -10.60 15.86 10.37
N TRP A 312 -9.41 16.14 10.90
CA TRP A 312 -9.27 17.28 11.80
C TRP A 312 -9.59 18.61 11.11
N SER A 313 -9.03 18.84 9.93
CA SER A 313 -9.15 20.11 9.22
C SER A 313 -10.59 20.44 8.84
N GLU A 314 -11.35 19.40 8.50
CA GLU A 314 -12.70 19.56 7.97
C GLU A 314 -13.81 19.52 9.03
N SER A 315 -13.47 19.08 10.25
CA SER A 315 -14.51 18.86 11.28
C SER A 315 -14.25 19.55 12.63
N HIS A 316 -12.99 19.83 12.97
CA HIS A 316 -12.69 20.44 14.27
C HIS A 316 -13.06 21.93 14.32
N PRO A 317 -13.80 22.34 15.38
CA PRO A 317 -14.24 23.73 15.45
C PRO A 317 -13.11 24.75 15.26
N THR A 318 -11.91 24.44 15.74
CA THR A 318 -10.77 25.35 15.57
C THR A 318 -10.42 25.62 14.11
N HIS A 319 -10.14 24.61 13.29
CA HIS A 319 -9.81 24.88 11.90
C HIS A 319 -11.00 25.41 11.11
N LEU A 320 -12.19 24.92 11.41
CA LEU A 320 -13.42 25.44 10.82
C LEU A 320 -13.61 26.89 11.25
N ARG A 321 -13.34 27.18 12.52
CA ARG A 321 -13.37 28.54 13.07
C ARG A 321 -12.39 29.39 12.28
N ILE A 322 -11.14 28.92 12.20
N ILE A 322 -11.14 28.94 12.26
CA ILE A 322 -10.11 29.54 11.38
CA ILE A 322 -10.09 29.54 11.43
C ILE A 322 -10.57 29.81 9.94
C ILE A 322 -10.61 29.74 10.01
N PHE A 323 -11.14 28.77 9.31
N PHE A 323 -11.17 28.68 9.44
CA PHE A 323 -11.28 28.66 7.84
CA PHE A 323 -11.70 28.66 8.08
C PHE A 323 -12.22 29.65 7.12
C PHE A 323 -12.86 29.66 7.90
N THR A 324 -13.40 29.89 7.69
N THR A 324 -13.74 29.75 8.89
CA THR A 324 -14.38 30.77 7.07
CA THR A 324 -14.88 30.67 8.80
C THR A 324 -13.83 32.20 6.91
C THR A 324 -14.48 32.11 9.13
N THR A 325 -12.99 32.60 7.85
N THR A 325 -13.58 32.26 10.10
CA THR A 325 -12.39 33.92 7.82
CA THR A 325 -13.08 33.57 10.48
C THR A 325 -11.65 34.13 6.51
C THR A 325 -12.22 34.13 9.35
N PHE A 326 -10.87 33.13 6.09
N PHE A 326 -11.63 33.25 8.55
CA PHE A 326 -10.12 33.27 4.84
CA PHE A 326 -10.86 33.66 7.38
C PHE A 326 -11.08 33.46 3.67
C PHE A 326 -11.77 34.34 6.37
N PHE A 327 -12.13 32.65 3.62
N PHE A 327 -12.88 33.68 6.03
CA PHE A 327 -13.13 32.76 2.56
CA PHE A 327 -13.81 34.22 5.05
C PHE A 327 -13.71 34.17 2.49
C PHE A 327 -14.62 35.39 5.59
N ARG A 328 -13.85 34.80 3.65
N ARG A 328 -14.68 35.50 6.92
CA ARG A 328 -14.40 36.15 3.73
CA ARG A 328 -15.42 36.58 7.56
C ARG A 328 -13.40 37.19 3.25
C ARG A 328 -14.68 37.92 7.40
N VAL A 329 -12.15 37.05 3.66
N VAL A 329 -13.37 37.90 7.61
CA VAL A 329 -11.12 38.07 3.40
CA VAL A 329 -12.55 39.11 7.54
C VAL A 329 -10.38 37.84 2.09
C VAL A 329 -11.84 39.27 6.18
N ALA A 330 -10.57 36.67 1.50
N ALA A 330 -11.88 38.21 5.38
CA ALA A 330 -9.86 36.31 0.28
CA ALA A 330 -11.15 38.17 4.11
C ALA A 330 -9.93 37.38 -0.80
C ALA A 330 -11.10 39.52 3.37
N ALA A 331 -11.13 37.95 -0.99
N ALA A 331 -12.20 40.27 3.41
CA ALA A 331 -11.33 38.95 -2.04
CA ALA A 331 -12.30 41.53 2.66
C ALA A 331 -10.36 40.12 -1.91
C ALA A 331 -11.13 42.48 2.90
N GLY A 332 -10.29 40.70 -0.71
N GLY A 332 -10.62 42.51 4.12
CA GLY A 332 -9.46 41.87 -0.48
CA GLY A 332 -9.54 43.44 4.48
C GLY A 332 -8.15 41.56 0.22
C GLY A 332 -8.14 42.92 4.23
N LEU A 333 -8.03 40.33 0.74
N LEU A 333 -8.02 41.91 3.36
CA LEU A 333 -6.82 39.92 1.45
CA LEU A 333 -6.71 41.32 3.05
C LEU A 333 -5.61 40.51 0.78
C LEU A 333 -6.23 41.63 1.61
N SER A 334 -4.92 41.49 1.41
CA SER A 334 -4.09 42.17 0.41
C SER A 334 -2.62 41.80 0.43
N LYS A 335 -2.01 41.71 1.61
CA LYS A 335 -0.57 41.46 1.70
C LYS A 335 -0.18 40.27 2.59
N LEU A 336 -1.11 39.81 3.41
CA LEU A 336 -0.92 38.59 4.20
C LEU A 336 -0.72 37.39 3.27
N ARG A 337 0.35 36.64 3.53
CA ARG A 337 0.70 35.48 2.71
C ARG A 337 0.47 34.21 3.51
N LEU A 338 -0.44 33.37 3.01
CA LEU A 338 -0.75 32.07 3.61
C LEU A 338 -0.53 30.94 2.61
N TYR A 339 -0.05 29.82 3.10
CA TYR A 339 0.31 28.70 2.22
C TYR A 339 0.44 27.44 3.05
N HIS A 340 0.49 26.29 2.37
CA HIS A 340 0.99 25.09 3.00
C HIS A 340 1.65 24.14 2.02
N GLU A 341 2.46 23.24 2.57
CA GLU A 341 2.97 22.09 1.87
C GLU A 341 2.59 20.87 2.71
N VAL A 342 2.11 19.82 2.04
CA VAL A 342 1.80 18.57 2.71
C VAL A 342 2.47 17.41 1.96
N SER A 343 3.10 16.53 2.73
CA SER A 343 3.87 15.40 2.19
C SER A 343 3.50 14.06 2.86
N VAL A 344 3.59 12.97 2.11
CA VAL A 344 3.52 11.62 2.68
C VAL A 344 4.80 10.86 2.32
N PHE A 345 5.18 9.86 3.11
CA PHE A 345 6.46 9.16 2.89
C PHE A 345 6.37 7.66 3.16
N ASP A 346 7.13 6.88 2.39
CA ASP A 346 7.44 5.50 2.72
C ASP A 346 8.18 5.45 4.05
N ALA A 347 8.06 4.33 4.78
CA ALA A 347 8.76 4.17 6.06
C ALA A 347 10.26 4.46 5.95
N ALA A 348 10.87 3.92 4.89
CA ALA A 348 12.31 4.05 4.61
C ALA A 348 12.79 5.47 4.31
N ASP A 349 11.84 6.37 4.03
CA ASP A 349 12.17 7.74 3.65
C ASP A 349 12.05 8.73 4.81
N GLN A 350 12.01 8.19 6.03
CA GLN A 350 11.90 8.99 7.23
C GLN A 350 12.92 8.54 8.25
N LEU A 351 13.62 9.51 8.84
CA LEU A 351 14.55 9.23 9.93
C LEU A 351 14.32 10.29 11.00
N TYR A 352 14.04 9.85 12.23
CA TYR A 352 13.86 10.77 13.34
C TYR A 352 14.84 10.43 14.45
N GLU A 353 15.87 11.26 14.60
CA GLU A 353 16.97 10.97 15.50
C GLU A 353 17.11 12.06 16.55
N TYR A 354 17.30 11.63 17.79
CA TYR A 354 17.30 12.54 18.95
C TYR A 354 18.51 12.27 19.86
N ILE A 355 19.15 13.35 20.31
CA ILE A 355 20.22 13.24 21.32
C ILE A 355 19.87 14.14 22.48
N ASN A 356 19.75 13.55 23.66
CA ASN A 356 19.46 14.30 24.90
C ASN A 356 18.28 15.28 24.81
N CYS A 357 17.19 14.81 24.19
CA CYS A 357 15.93 15.55 24.15
C CYS A 357 14.97 14.99 25.19
N HIS A 358 14.06 15.81 25.70
CA HIS A 358 13.04 15.29 26.63
C HIS A 358 12.13 14.28 25.89
N PRO A 359 11.61 13.27 26.61
CA PRO A 359 10.83 12.17 25.99
C PRO A 359 9.55 12.55 25.22
N GLY A 360 9.13 13.81 25.29
CA GLY A 360 7.97 14.26 24.53
C GLY A 360 8.33 14.99 23.24
N THR A 361 9.62 15.03 22.94
CA THR A 361 10.12 15.76 21.77
C THR A 361 9.75 15.03 20.48
N GLY A 362 9.07 15.73 19.57
CA GLY A 362 8.78 15.18 18.25
C GLY A 362 8.19 13.77 18.28
N MET A 363 8.83 12.87 17.54
CA MET A 363 8.36 11.51 17.38
C MET A 363 8.73 10.58 18.54
N LEU A 364 9.42 11.11 19.56
CA LEU A 364 9.70 10.37 20.79
C LEU A 364 8.43 10.07 21.59
N ARG A 365 7.45 10.97 21.51
CA ARG A 365 6.29 10.89 22.41
C ARG A 365 5.43 9.67 22.15
N ASP A 366 5.16 9.38 20.87
CA ASP A 366 4.21 8.34 20.50
C ASP A 366 4.85 7.07 19.96
N ALA A 367 6.16 7.13 19.72
CA ALA A 367 6.91 6.00 19.19
C ALA A 367 6.80 4.80 20.13
N VAL A 368 6.70 3.59 19.58
CA VAL A 368 6.61 2.39 20.39
C VAL A 368 8.02 1.86 20.72
N THR A 369 8.31 1.78 22.01
CA THR A 369 9.64 1.35 22.50
C THR A 369 9.91 -0.10 22.12
N ILE A 370 11.17 -0.51 22.23
CA ILE A 370 11.62 -1.83 21.75
C ILE A 370 10.78 -3.03 22.25
N ALA A 371 9.92 -2.79 23.23
CA ALA A 371 9.09 -3.83 23.83
C ALA A 371 7.57 -3.63 23.64
N GLU A 372 7.17 -2.48 23.10
CA GLU A 372 5.75 -2.09 23.07
C GLU A 372 5.00 -2.47 21.79
N HIS A 373 5.03 -3.76 21.44
CA HIS A 373 4.36 -4.29 20.24
C HIS A 373 4.50 -5.80 20.08
N MET B 21 -18.13 -3.26 7.97
CA MET B 21 -19.40 -2.51 8.18
C MET B 21 -20.33 -2.59 6.97
N GLU B 22 -21.60 -2.30 7.20
CA GLU B 22 -22.59 -2.24 6.14
C GLU B 22 -22.40 -1.01 5.27
N SER B 23 -22.66 -1.17 3.97
CA SER B 23 -22.63 -0.07 3.02
C SER B 23 -24.01 0.57 2.93
N ALA B 24 -24.04 1.89 2.72
CA ALA B 24 -25.27 2.63 2.49
C ALA B 24 -25.89 2.23 1.16
N ILE B 25 -25.07 1.69 0.27
CA ILE B 25 -25.57 1.24 -1.03
C ILE B 25 -26.12 -0.18 -0.88
N GLY B 26 -27.41 -0.33 -1.16
CA GLY B 26 -28.08 -1.63 -1.11
C GLY B 26 -27.36 -2.68 -1.95
N GLU B 27 -27.31 -3.91 -1.43
CA GLU B 27 -26.56 -5.00 -2.07
C GLU B 27 -26.84 -5.06 -3.57
N HIS B 28 -28.11 -5.05 -3.95
CA HIS B 28 -28.51 -5.24 -5.35
C HIS B 28 -28.06 -4.08 -6.25
N LEU B 29 -27.74 -2.95 -5.64
CA LEU B 29 -27.31 -1.73 -6.35
C LEU B 29 -25.78 -1.58 -6.42
N GLN B 30 -25.07 -2.50 -5.75
CA GLN B 30 -23.62 -2.52 -5.82
C GLN B 30 -23.15 -3.06 -7.17
N CYS B 31 -22.20 -2.35 -7.77
CA CYS B 31 -21.69 -2.70 -9.09
C CYS B 31 -20.19 -2.41 -9.20
N PRO B 32 -19.53 -2.99 -10.23
CA PRO B 32 -18.14 -2.65 -10.51
C PRO B 32 -17.99 -1.14 -10.67
N ARG B 33 -17.00 -0.57 -9.98
CA ARG B 33 -16.86 0.87 -9.87
C ARG B 33 -16.00 1.45 -10.98
N THR B 34 -16.31 2.67 -11.40
CA THR B 34 -15.39 3.49 -12.19
C THR B 34 -15.00 4.77 -11.46
N LEU B 35 -15.87 5.21 -10.56
CA LEU B 35 -15.58 6.34 -9.67
C LEU B 35 -15.38 5.80 -8.26
N THR B 36 -14.42 6.39 -7.54
CA THR B 36 -14.05 5.91 -6.21
C THR B 36 -14.40 6.91 -5.10
N ARG B 37 -14.36 6.41 -3.87
CA ARG B 37 -14.62 7.20 -2.67
C ARG B 37 -13.42 8.09 -2.35
N ARG B 38 -13.61 9.01 -1.41
CA ARG B 38 -12.53 9.93 -1.02
C ARG B 38 -11.87 9.55 0.31
N VAL B 39 -12.28 8.41 0.86
CA VAL B 39 -11.69 7.88 2.09
C VAL B 39 -11.15 6.48 1.82
N PRO B 40 -10.02 6.12 2.48
CA PRO B 40 -9.48 4.76 2.31
C PRO B 40 -10.39 3.70 2.94
N ASP B 41 -10.12 2.44 2.62
CA ASP B 41 -10.93 1.30 3.07
C ASP B 41 -10.98 1.12 4.59
N THR B 42 -9.97 1.62 5.29
CA THR B 42 -9.91 1.52 6.75
C THR B 42 -10.86 2.48 7.50
N TYR B 43 -11.54 3.37 6.77
CA TYR B 43 -12.41 4.37 7.40
C TYR B 43 -13.49 3.81 8.30
N THR B 44 -13.58 4.36 9.51
CA THR B 44 -14.65 4.05 10.46
C THR B 44 -15.27 5.36 10.99
N PRO B 45 -16.60 5.54 10.81
CA PRO B 45 -17.30 6.74 11.27
C PRO B 45 -17.26 6.93 12.79
N PRO B 46 -17.27 8.20 13.27
CA PRO B 46 -17.11 8.47 14.70
C PRO B 46 -18.40 8.28 15.52
N PHE B 47 -19.52 8.05 14.86
CA PHE B 47 -20.81 7.81 15.52
C PHE B 47 -21.73 6.99 14.60
N PRO B 48 -22.73 6.30 15.17
CA PRO B 48 -23.59 5.48 14.31
C PRO B 48 -24.66 6.28 13.55
N MET B 49 -24.82 5.95 12.27
CA MET B 49 -25.92 6.43 11.44
C MET B 49 -26.47 5.27 10.61
N TRP B 50 -27.70 5.42 10.14
CA TRP B 50 -28.41 4.36 9.45
C TRP B 50 -29.03 4.88 8.16
N VAL B 51 -29.40 3.96 7.28
CA VAL B 51 -30.03 4.32 5.99
C VAL B 51 -31.24 3.44 5.69
N GLY B 52 -32.11 3.92 4.80
CA GLY B 52 -33.20 3.12 4.29
C GLY B 52 -32.72 1.94 3.45
N ARG B 53 -33.38 0.81 3.62
CA ARG B 53 -33.16 -0.39 2.80
C ARG B 53 -34.41 -0.72 2.00
N ALA B 54 -34.22 -1.09 0.73
CA ALA B 54 -35.28 -1.67 -0.10
C ALA B 54 -34.66 -2.62 -1.11
N ASP B 55 -35.39 -3.67 -1.49
CA ASP B 55 -34.88 -4.63 -2.46
C ASP B 55 -35.08 -4.14 -3.91
N ASP B 56 -34.85 -5.03 -4.87
CA ASP B 56 -34.88 -4.64 -6.28
C ASP B 56 -36.26 -4.30 -6.84
N ALA B 57 -37.32 -4.54 -6.06
CA ALA B 57 -38.68 -4.15 -6.45
C ALA B 57 -38.87 -2.63 -6.47
N LEU B 58 -38.04 -1.93 -5.70
CA LEU B 58 -38.08 -0.46 -5.69
C LEU B 58 -37.04 0.07 -6.69
N GLN B 59 -37.50 0.31 -7.91
CA GLN B 59 -36.62 0.76 -9.00
C GLN B 59 -36.57 2.27 -9.09
N GLN B 60 -37.74 2.90 -8.97
CA GLN B 60 -37.90 4.34 -9.14
C GLN B 60 -39.10 4.81 -8.36
N VAL B 61 -38.92 5.87 -7.58
CA VAL B 61 -40.00 6.43 -6.75
C VAL B 61 -40.50 7.74 -7.34
N VAL B 62 -41.69 8.15 -6.94
CA VAL B 62 -42.18 9.49 -7.25
C VAL B 62 -42.39 10.27 -5.97
N MET B 63 -41.81 11.46 -5.93
CA MET B 63 -42.04 12.40 -4.83
C MET B 63 -42.86 13.56 -5.36
N GLY B 64 -44.10 13.67 -4.87
CA GLY B 64 -45.02 14.70 -5.34
C GLY B 64 -45.38 15.68 -4.24
N TYR B 65 -44.92 16.92 -4.39
CA TYR B 65 -45.19 17.99 -3.43
C TYR B 65 -46.33 18.83 -3.98
N LEU B 66 -47.48 18.79 -3.30
CA LEU B 66 -48.70 19.43 -3.76
C LEU B 66 -49.06 20.57 -2.82
N GLY B 67 -49.07 21.78 -3.36
CA GLY B 67 -49.22 22.97 -2.52
C GLY B 67 -50.46 23.80 -2.75
N VAL B 68 -50.86 24.49 -1.69
CA VAL B 68 -51.92 25.49 -1.70
C VAL B 68 -51.28 26.74 -1.09
N GLN B 69 -51.44 27.86 -1.78
CA GLN B 69 -50.82 29.11 -1.39
C GLN B 69 -51.86 30.22 -1.24
N PHE B 70 -51.71 31.01 -0.19
CA PHE B 70 -52.60 32.14 0.11
C PHE B 70 -51.92 33.15 1.03
N ARG B 71 -52.45 34.35 1.11
CA ARG B 71 -51.86 35.40 1.95
CA ARG B 71 -51.86 35.39 1.96
C ARG B 71 -52.87 36.06 2.88
N ASP B 72 -54.09 36.27 2.40
CA ASP B 72 -55.13 36.93 3.18
C ASP B 72 -55.71 35.94 4.19
N GLU B 73 -55.94 36.38 5.43
CA GLU B 73 -56.48 35.47 6.46
C GLU B 73 -57.83 34.88 6.04
N ASP B 74 -58.65 35.68 5.36
CA ASP B 74 -59.97 35.23 4.90
C ASP B 74 -59.92 34.04 3.93
N GLN B 75 -58.74 33.80 3.34
CA GLN B 75 -58.52 32.67 2.43
C GLN B 75 -58.20 31.36 3.16
N ARG B 76 -57.90 31.43 4.45
CA ARG B 76 -57.50 30.23 5.22
C ARG B 76 -58.54 29.09 5.21
N PRO B 77 -59.84 29.39 5.45
CA PRO B 77 -60.84 28.31 5.38
C PRO B 77 -60.84 27.58 4.03
N ALA B 78 -60.81 28.34 2.93
CA ALA B 78 -60.76 27.76 1.58
C ALA B 78 -59.45 27.04 1.31
N ALA B 79 -58.35 27.61 1.77
CA ALA B 79 -57.05 26.96 1.60
C ALA B 79 -57.00 25.61 2.33
N LEU B 80 -57.50 25.58 3.56
CA LEU B 80 -57.49 24.34 4.36
C LEU B 80 -58.41 23.27 3.77
N GLN B 81 -59.55 23.70 3.23
CA GLN B 81 -60.47 22.80 2.53
C GLN B 81 -59.78 22.19 1.31
N ALA B 82 -59.09 23.02 0.54
CA ALA B 82 -58.33 22.57 -0.62
C ALA B 82 -57.32 21.50 -0.26
N MET B 83 -56.57 21.73 0.82
CA MET B 83 -55.61 20.75 1.35
C MET B 83 -56.31 19.45 1.73
N ARG B 84 -57.46 19.56 2.39
CA ARG B 84 -58.28 18.40 2.74
C ARG B 84 -58.74 17.64 1.50
N ASP B 85 -59.15 18.37 0.47
CA ASP B 85 -59.56 17.78 -0.81
C ASP B 85 -58.43 16.99 -1.48
N ILE B 86 -57.22 17.57 -1.45
CA ILE B 86 -56.03 16.92 -1.99
C ILE B 86 -55.72 15.61 -1.24
N VAL B 87 -55.79 15.69 0.09
CA VAL B 87 -55.51 14.53 0.97
C VAL B 87 -56.54 13.41 0.76
N ALA B 88 -57.79 13.80 0.52
CA ALA B 88 -58.87 12.87 0.22
C ALA B 88 -58.59 12.10 -1.08
N GLY B 89 -58.01 12.79 -2.06
CA GLY B 89 -57.64 12.19 -3.35
C GLY B 89 -56.48 11.22 -3.22
N PHE B 90 -55.74 11.33 -2.13
CA PHE B 90 -54.65 10.42 -1.80
C PHE B 90 -55.16 9.06 -1.35
N ASP B 91 -56.42 9.03 -0.90
CA ASP B 91 -57.06 7.79 -0.47
C ASP B 91 -57.68 6.95 -1.59
N LEU B 92 -57.57 7.43 -2.83
CA LEU B 92 -58.11 6.75 -4.00
C LEU B 92 -57.14 5.67 -4.49
N PRO B 93 -57.60 4.75 -5.36
CA PRO B 93 -56.69 3.78 -5.98
C PRO B 93 -55.46 4.45 -6.59
N ASP B 94 -54.30 3.84 -6.37
CA ASP B 94 -53.00 4.33 -6.86
C ASP B 94 -52.52 5.63 -6.20
N GLY B 95 -53.15 5.99 -5.09
CA GLY B 95 -52.67 7.09 -4.25
C GLY B 95 -51.32 6.73 -3.66
N PRO B 96 -50.64 7.71 -3.02
CA PRO B 96 -49.29 7.45 -2.53
C PRO B 96 -49.29 6.48 -1.34
N ALA B 97 -48.20 5.72 -1.21
CA ALA B 97 -47.99 4.83 -0.08
C ALA B 97 -47.84 5.59 1.25
N HIS B 98 -47.31 6.81 1.18
CA HIS B 98 -47.08 7.62 2.36
C HIS B 98 -47.26 9.09 2.02
N HIS B 99 -47.65 9.88 3.01
CA HIS B 99 -47.74 11.33 2.83
C HIS B 99 -47.65 12.04 4.17
N ASP B 100 -47.27 13.31 4.13
CA ASP B 100 -47.31 14.19 5.30
C ASP B 100 -47.62 15.63 4.89
N LEU B 101 -48.06 16.45 5.85
CA LEU B 101 -48.60 17.77 5.55
C LEU B 101 -47.79 18.82 6.27
N THR B 102 -47.47 19.91 5.59
CA THR B 102 -46.66 20.98 6.21
C THR B 102 -47.16 22.39 5.91
N HIS B 103 -46.73 23.33 6.74
CA HIS B 103 -47.05 24.74 6.62
C HIS B 103 -45.78 25.57 6.69
N HIS B 104 -45.69 26.60 5.84
CA HIS B 104 -44.69 27.66 6.00
C HIS B 104 -45.14 28.99 5.41
N ILE B 105 -44.56 30.08 5.94
CA ILE B 105 -44.70 31.42 5.36
C ILE B 105 -43.41 31.78 4.59
N ASP B 106 -43.56 32.10 3.31
CA ASP B 106 -42.40 32.44 2.49
C ASP B 106 -41.93 33.89 2.68
N ASN B 107 -40.85 34.28 1.99
CA ASN B 107 -40.29 35.63 2.18
C ASN B 107 -41.10 36.75 1.48
N GLN B 108 -42.19 36.35 0.82
CA GLN B 108 -43.16 37.31 0.29
C GLN B 108 -44.41 37.37 1.18
N GLY B 109 -44.38 36.66 2.30
CA GLY B 109 -45.47 36.68 3.27
C GLY B 109 -46.70 35.86 2.90
N TYR B 110 -46.54 34.97 1.92
CA TYR B 110 -47.60 34.05 1.54
C TYR B 110 -47.47 32.77 2.36
N GLU B 111 -48.62 32.26 2.81
CA GLU B 111 -48.66 31.02 3.57
C GLU B 111 -48.80 29.87 2.56
N ASN B 112 -48.06 28.79 2.82
CA ASN B 112 -48.02 27.65 1.91
C ASN B 112 -48.29 26.34 2.63
N LEU B 113 -49.39 25.69 2.25
CA LEU B 113 -49.72 24.35 2.72
C LEU B 113 -49.19 23.41 1.68
N ILE B 114 -48.37 22.45 2.10
CA ILE B 114 -47.80 21.47 1.16
C ILE B 114 -48.00 20.05 1.67
N VAL B 115 -48.66 19.23 0.86
CA VAL B 115 -48.81 17.80 1.10
C VAL B 115 -47.83 17.08 0.18
N VAL B 116 -46.94 16.28 0.76
CA VAL B 116 -45.99 15.50 -0.02
C VAL B 116 -46.40 14.03 -0.06
N GLY B 117 -46.50 13.48 -1.27
CA GLY B 117 -46.82 12.07 -1.47
C GLY B 117 -45.63 11.30 -2.01
N TYR B 118 -45.46 10.06 -1.53
CA TYR B 118 -44.42 9.17 -2.04
C TYR B 118 -45.09 7.93 -2.65
N TRP B 119 -44.79 7.66 -3.92
CA TRP B 119 -45.25 6.47 -4.62
C TRP B 119 -44.07 5.52 -4.84
N LYS B 120 -44.33 4.22 -4.72
CA LYS B 120 -43.27 3.21 -4.88
C LYS B 120 -42.94 2.89 -6.34
N ASP B 121 -43.69 3.48 -7.27
CA ASP B 121 -43.43 3.30 -8.71
C ASP B 121 -44.03 4.40 -9.57
N VAL B 122 -43.49 4.56 -10.78
CA VAL B 122 -43.92 5.62 -11.69
C VAL B 122 -45.32 5.37 -12.24
N SER B 123 -45.60 4.11 -12.60
CA SER B 123 -46.88 3.75 -13.23
C SER B 123 -48.09 3.99 -12.32
N SER B 124 -47.97 3.65 -11.04
CA SER B 124 -49.04 3.97 -10.08
C SER B 124 -49.34 5.47 -9.99
N GLN B 125 -48.29 6.29 -9.91
CA GLN B 125 -48.45 7.75 -9.84
C GLN B 125 -49.11 8.34 -11.09
N HIS B 126 -48.70 7.83 -12.25
CA HIS B 126 -49.29 8.24 -13.52
C HIS B 126 -50.75 7.84 -13.61
N ARG B 127 -51.06 6.60 -13.22
CA ARG B 127 -52.44 6.12 -13.17
C ARG B 127 -53.31 6.97 -12.23
N TRP B 128 -52.70 7.39 -11.12
CA TRP B 128 -53.38 8.25 -10.15
C TRP B 128 -53.68 9.64 -10.70
N SER B 129 -52.68 10.30 -11.27
CA SER B 129 -52.83 11.67 -11.73
C SER B 129 -53.69 11.81 -12.99
N THR B 130 -53.75 10.74 -13.79
CA THR B 130 -54.59 10.71 -14.99
C THR B 130 -56.02 10.22 -14.71
N SER B 131 -56.24 9.64 -13.53
CA SER B 131 -57.58 9.22 -13.11
C SER B 131 -58.50 10.45 -13.06
N THR B 132 -59.75 10.25 -13.48
CA THR B 132 -60.70 11.36 -13.63
C THR B 132 -60.85 12.28 -12.41
N PRO B 133 -61.05 11.71 -11.20
CA PRO B 133 -61.23 12.59 -10.04
C PRO B 133 -60.03 13.49 -9.74
N ILE B 134 -58.83 13.03 -10.09
CA ILE B 134 -57.62 13.81 -9.86
C ILE B 134 -57.35 14.77 -11.02
N ALA B 135 -57.51 14.27 -12.25
CA ALA B 135 -57.23 15.05 -13.46
C ALA B 135 -58.22 16.20 -13.67
N SER B 136 -59.50 15.93 -13.43
CA SER B 136 -60.55 16.94 -13.58
C SER B 136 -60.44 18.07 -12.55
N TRP B 137 -59.88 17.77 -11.38
CA TRP B 137 -59.64 18.79 -10.34
C TRP B 137 -58.51 19.73 -10.72
N TRP B 138 -57.41 19.18 -11.23
CA TRP B 138 -56.24 19.98 -11.61
C TRP B 138 -56.47 20.82 -12.87
N GLU B 139 -57.24 20.28 -13.81
CA GLU B 139 -57.58 20.96 -15.07
C GLU B 139 -58.79 21.89 -14.93
N SER B 140 -59.43 21.88 -13.77
CA SER B 140 -60.68 22.59 -13.54
C SER B 140 -60.54 24.11 -13.62
N GLU B 141 -61.62 24.76 -14.04
CA GLU B 141 -61.72 26.22 -14.09
CA GLU B 141 -61.68 26.21 -14.09
C GLU B 141 -61.71 26.79 -12.67
N ASP B 142 -62.16 25.97 -11.73
CA ASP B 142 -62.21 26.33 -10.31
C ASP B 142 -60.82 26.69 -9.78
N ARG B 143 -59.77 26.15 -10.40
CA ARG B 143 -58.40 26.42 -9.98
C ARG B 143 -57.98 27.87 -10.21
N LEU B 144 -58.51 28.47 -11.27
CA LEU B 144 -58.23 29.88 -11.58
C LEU B 144 -59.16 30.84 -10.84
N SER B 145 -60.40 30.40 -10.60
CA SER B 145 -61.39 31.21 -9.92
C SER B 145 -61.31 31.16 -8.38
N ASP B 146 -60.64 30.13 -7.86
CA ASP B 146 -60.50 29.93 -6.41
C ASP B 146 -59.86 31.11 -5.68
N GLY B 147 -58.90 31.76 -6.31
CA GLY B 147 -58.17 32.88 -5.70
C GLY B 147 -56.93 32.41 -4.94
N LEU B 148 -56.84 31.09 -4.76
CA LEU B 148 -55.70 30.46 -4.13
C LEU B 148 -54.65 30.13 -5.17
N GLY B 149 -53.40 30.02 -4.73
CA GLY B 149 -52.36 29.46 -5.55
C GLY B 149 -52.37 27.95 -5.38
N PHE B 150 -52.01 27.24 -6.44
CA PHE B 150 -51.85 25.79 -6.38
C PHE B 150 -50.58 25.44 -7.10
N PHE B 151 -49.86 24.44 -6.59
CA PHE B 151 -48.72 23.90 -7.32
C PHE B 151 -48.53 22.40 -7.20
N ARG B 152 -47.85 21.84 -8.19
CA ARG B 152 -47.45 20.44 -8.22
C ARG B 152 -45.98 20.42 -8.61
N GLU B 153 -45.15 19.93 -7.70
CA GLU B 153 -43.73 19.76 -7.97
C GLU B 153 -43.43 18.29 -7.85
N ILE B 154 -43.41 17.62 -9.00
CA ILE B 154 -43.32 16.17 -9.05
C ILE B 154 -41.99 15.75 -9.68
N VAL B 155 -41.28 14.88 -8.98
CA VAL B 155 -39.97 14.39 -9.40
C VAL B 155 -39.90 12.88 -9.18
N ALA B 156 -39.09 12.18 -9.98
CA ALA B 156 -39.06 10.74 -9.93
C ALA B 156 -37.64 10.15 -9.99
N PRO B 157 -36.92 10.16 -8.86
CA PRO B 157 -35.57 9.60 -8.85
C PRO B 157 -35.58 8.06 -8.85
N ARG B 158 -34.68 7.46 -9.63
CA ARG B 158 -34.46 6.01 -9.56
C ARG B 158 -33.84 5.68 -8.19
N ALA B 159 -33.87 4.41 -7.80
CA ALA B 159 -33.28 3.98 -6.52
C ALA B 159 -31.79 4.33 -6.43
N GLU B 160 -31.14 4.35 -7.59
CA GLU B 160 -29.72 4.69 -7.67
C GLU B 160 -29.50 6.21 -7.51
N GLN B 161 -30.58 6.98 -7.58
CA GLN B 161 -30.47 8.46 -7.61
C GLN B 161 -30.94 9.17 -6.34
N PHE B 162 -31.07 8.44 -5.24
CA PHE B 162 -31.30 9.10 -3.96
C PHE B 162 -30.57 8.39 -2.83
N GLU B 163 -30.28 9.15 -1.77
CA GLU B 163 -29.67 8.59 -0.58
C GLU B 163 -30.46 9.06 0.64
N THR B 164 -30.38 8.27 1.71
CA THR B 164 -31.01 8.64 2.97
C THR B 164 -29.98 8.55 4.09
N LEU B 165 -30.21 9.33 5.15
CA LEU B 165 -29.35 9.27 6.34
C LEU B 165 -30.20 9.58 7.56
N TYR B 166 -30.18 8.67 8.53
CA TYR B 166 -31.03 8.75 9.70
C TYR B 166 -30.20 8.59 10.96
N ALA B 167 -30.42 9.47 11.91
CA ALA B 167 -29.76 9.39 13.22
C ALA B 167 -30.59 8.54 14.19
N PHE B 168 -31.42 7.67 13.62
CA PHE B 168 -32.33 6.78 14.35
C PHE B 168 -32.67 5.58 13.46
N GLN B 169 -33.38 4.60 14.03
CA GLN B 169 -33.59 3.33 13.33
C GLN B 169 -35.07 3.01 13.09
N GLU B 170 -35.93 3.68 13.83
CA GLU B 170 -37.35 3.35 13.87
C GLU B 170 -38.19 4.43 13.21
N ASP B 171 -39.28 4.01 12.57
CA ASP B 171 -40.35 4.94 12.18
C ASP B 171 -39.88 5.97 11.17
N LEU B 172 -39.35 5.51 10.03
CA LEU B 172 -38.72 6.42 9.08
C LEU B 172 -39.72 7.37 8.43
N PRO B 173 -39.44 8.68 8.45
CA PRO B 173 -40.22 9.69 7.75
C PRO B 173 -39.81 9.85 6.29
N GLY B 174 -40.65 10.50 5.49
CA GLY B 174 -40.31 10.80 4.09
C GLY B 174 -40.15 9.53 3.27
N VAL B 175 -39.17 9.53 2.36
CA VAL B 175 -38.98 8.39 1.44
C VAL B 175 -38.66 7.08 2.18
N GLY B 176 -38.08 7.17 3.37
CA GLY B 176 -37.78 5.99 4.19
C GLY B 176 -39.03 5.19 4.53
N ALA B 177 -40.17 5.87 4.58
CA ALA B 177 -41.46 5.25 4.89
C ALA B 177 -41.97 4.34 3.78
N VAL B 178 -41.48 4.54 2.55
CA VAL B 178 -41.90 3.68 1.42
C VAL B 178 -40.86 2.62 1.07
N MET B 179 -39.73 2.67 1.78
CA MET B 179 -38.69 1.67 1.66
C MET B 179 -39.02 0.45 2.53
N ASP B 180 -38.19 -0.58 2.48
CA ASP B 180 -38.52 -1.86 3.12
C ASP B 180 -38.18 -1.92 4.61
N GLY B 181 -37.13 -1.22 5.01
CA GLY B 181 -36.71 -1.20 6.41
C GLY B 181 -35.41 -0.44 6.64
N ILE B 182 -34.78 -0.72 7.77
CA ILE B 182 -33.56 -0.02 8.20
C ILE B 182 -32.31 -0.88 8.00
N SER B 183 -31.18 -0.23 7.71
CA SER B 183 -29.88 -0.90 7.63
C SER B 183 -29.27 -1.05 9.01
N GLY B 184 -28.11 -1.70 9.06
CA GLY B 184 -27.23 -1.61 10.22
C GLY B 184 -26.47 -0.29 10.17
N GLU B 185 -25.52 -0.11 11.08
CA GLU B 185 -24.68 1.09 11.07
C GLU B 185 -23.88 1.12 9.77
N ILE B 186 -23.88 2.26 9.09
CA ILE B 186 -23.23 2.35 7.77
C ILE B 186 -21.87 3.04 7.81
N ASN B 187 -21.00 2.62 6.90
CA ASN B 187 -19.65 3.18 6.80
C ASN B 187 -19.62 4.60 6.23
N GLU B 188 -20.41 4.84 5.18
CA GLU B 188 -20.28 6.06 4.36
C GLU B 188 -20.97 7.30 4.93
N HIS B 189 -20.51 7.77 6.09
CA HIS B 189 -20.94 9.05 6.66
C HIS B 189 -19.85 9.61 7.58
N GLY B 190 -19.99 10.88 7.99
CA GLY B 190 -19.06 11.51 8.94
C GLY B 190 -17.92 12.30 8.33
N TYR B 191 -18.03 12.57 7.03
CA TYR B 191 -17.04 13.34 6.28
C TYR B 191 -17.71 14.02 5.08
N TRP B 192 -17.21 15.20 4.73
CA TRP B 192 -17.72 15.90 3.55
C TRP B 192 -17.46 15.07 2.29
N GLY B 193 -18.51 14.91 1.49
CA GLY B 193 -18.44 14.01 0.35
C GLY B 193 -19.11 12.68 0.60
N SER B 194 -19.51 12.41 1.86
CA SER B 194 -20.16 11.15 2.20
C SER B 194 -21.59 11.03 1.63
N MET B 195 -22.32 12.14 1.56
CA MET B 195 -23.63 12.15 0.90
C MET B 195 -23.52 11.62 -0.54
N ARG B 196 -22.59 12.18 -1.30
CA ARG B 196 -22.37 11.75 -2.69
C ARG B 196 -22.14 10.25 -2.76
N GLU B 197 -21.30 9.73 -1.87
CA GLU B 197 -20.95 8.31 -1.85
C GLU B 197 -22.08 7.38 -1.42
N ARG B 198 -23.10 7.92 -0.76
CA ARG B 198 -24.31 7.16 -0.42
C ARG B 198 -25.27 7.00 -1.61
N PHE B 199 -25.14 7.85 -2.63
CA PHE B 199 -25.85 7.65 -3.92
C PHE B 199 -25.25 6.43 -4.63
N PRO B 200 -26.07 5.39 -4.90
CA PRO B 200 -25.54 4.22 -5.63
C PRO B 200 -24.96 4.60 -7.00
N ILE B 201 -25.55 5.60 -7.66
CA ILE B 201 -25.05 6.02 -8.98
C ILE B 201 -23.65 6.66 -8.96
N SER B 202 -23.18 7.06 -7.77
CA SER B 202 -21.85 7.65 -7.60
C SER B 202 -20.71 6.65 -7.88
N GLN B 203 -21.07 5.38 -7.88
CA GLN B 203 -20.14 4.33 -8.28
C GLN B 203 -19.69 4.51 -9.73
N THR B 204 -20.50 5.23 -10.50
CA THR B 204 -20.29 5.34 -11.95
C THR B 204 -20.47 6.75 -12.56
N ASP B 205 -21.28 7.58 -11.91
CA ASP B 205 -21.77 8.83 -12.51
C ASP B 205 -21.46 10.05 -11.66
N TRP B 206 -21.05 11.12 -12.33
CA TRP B 206 -20.67 12.37 -11.69
C TRP B 206 -21.86 13.18 -11.19
N MET B 207 -23.04 12.87 -11.73
CA MET B 207 -24.24 13.65 -11.45
C MET B 207 -24.03 15.14 -11.76
N GLN B 208 -23.32 15.38 -12.85
CA GLN B 208 -23.02 16.73 -13.31
C GLN B 208 -24.28 17.39 -13.87
N ALA B 209 -24.53 18.61 -13.44
CA ALA B 209 -25.68 19.37 -13.93
C ALA B 209 -25.41 19.86 -15.35
N SER B 210 -26.46 19.85 -16.17
CA SER B 210 -26.42 20.47 -17.50
C SER B 210 -27.83 20.88 -17.88
N GLY B 211 -27.92 21.88 -18.75
CA GLY B 211 -29.21 22.38 -19.16
C GLY B 211 -29.70 23.47 -18.24
N GLU B 212 -30.94 23.89 -18.43
CA GLU B 212 -31.48 24.96 -17.63
C GLU B 212 -32.93 24.76 -17.18
N LEU B 213 -33.25 25.37 -16.05
CA LEU B 213 -34.59 25.41 -15.52
C LEU B 213 -35.37 26.38 -16.40
N ARG B 214 -36.44 25.89 -17.03
CA ARG B 214 -37.12 26.68 -18.07
C ARG B 214 -38.62 26.59 -18.07
N VAL B 215 -39.24 27.74 -18.32
CA VAL B 215 -40.68 27.82 -18.53
C VAL B 215 -41.00 27.27 -19.91
N ILE B 216 -41.88 26.26 -19.95
CA ILE B 216 -42.33 25.70 -21.23
C ILE B 216 -43.75 26.13 -21.62
N ALA B 217 -44.48 26.70 -20.66
CA ALA B 217 -45.82 27.23 -20.91
C ALA B 217 -46.17 28.34 -19.91
N GLY B 218 -46.81 29.38 -20.41
CA GLY B 218 -47.24 30.49 -19.58
C GLY B 218 -46.14 31.49 -19.27
N ASP B 219 -46.40 32.35 -18.27
CA ASP B 219 -45.50 33.43 -17.89
C ASP B 219 -45.72 33.71 -16.40
N PRO B 220 -44.64 33.57 -15.59
CA PRO B 220 -44.72 33.78 -14.15
C PRO B 220 -45.15 35.20 -13.75
N ALA B 221 -44.84 36.18 -14.59
CA ALA B 221 -45.16 37.59 -14.31
C ALA B 221 -46.65 37.90 -14.36
N VAL B 222 -47.40 37.08 -15.09
CA VAL B 222 -48.84 37.30 -15.30
C VAL B 222 -49.72 36.44 -14.38
N GLY B 223 -49.11 35.43 -13.75
CA GLY B 223 -49.87 34.45 -12.97
C GLY B 223 -50.50 33.43 -13.90
N GLY B 224 -51.65 32.90 -13.50
CA GLY B 224 -52.34 31.85 -14.28
C GLY B 224 -51.58 30.54 -14.22
N ARG B 225 -51.72 29.73 -15.27
CA ARG B 225 -51.02 28.46 -15.35
C ARG B 225 -49.61 28.63 -15.91
N VAL B 226 -48.62 28.20 -15.15
CA VAL B 226 -47.22 28.21 -15.61
C VAL B 226 -46.65 26.80 -15.46
N VAL B 227 -45.94 26.33 -16.48
CA VAL B 227 -45.29 25.02 -16.43
C VAL B 227 -43.78 25.17 -16.65
N VAL B 228 -43.00 24.59 -15.75
CA VAL B 228 -41.54 24.70 -15.73
C VAL B 228 -40.94 23.29 -15.78
N ARG B 229 -39.97 23.08 -16.66
CA ARG B 229 -39.20 21.85 -16.70
C ARG B 229 -37.84 22.02 -16.08
N GLY B 230 -37.39 20.99 -15.38
CA GLY B 230 -36.05 20.97 -14.78
C GLY B 230 -35.00 20.56 -15.77
N HIS B 231 -33.75 20.58 -15.33
CA HIS B 231 -32.62 20.14 -16.13
C HIS B 231 -31.94 18.93 -15.49
N ASP B 232 -30.93 18.39 -16.17
CA ASP B 232 -30.22 17.21 -15.70
C ASP B 232 -29.57 17.47 -14.34
N ASN B 233 -29.87 16.58 -13.39
CA ASN B 233 -29.20 16.54 -12.07
C ASN B 233 -29.43 17.76 -11.18
N ILE B 234 -30.65 18.31 -11.27
CA ILE B 234 -31.19 19.13 -10.21
C ILE B 234 -31.19 18.24 -8.97
N ALA B 235 -30.86 18.82 -7.83
CA ALA B 235 -30.86 18.11 -6.55
C ALA B 235 -31.97 18.60 -5.64
N LEU B 236 -32.58 17.66 -4.91
CA LEU B 236 -33.62 17.99 -3.94
C LEU B 236 -33.21 17.45 -2.57
N ILE B 237 -33.10 18.33 -1.58
CA ILE B 237 -32.90 17.89 -0.22
C ILE B 237 -34.13 18.09 0.68
N ARG B 238 -34.48 17.03 1.39
CA ARG B 238 -35.39 17.13 2.52
CA ARG B 238 -35.39 17.08 2.53
C ARG B 238 -34.58 16.79 3.77
N SER B 239 -34.33 17.80 4.60
CA SER B 239 -33.57 17.64 5.83
C SER B 239 -34.44 18.02 7.02
N GLY B 240 -34.70 17.03 7.87
CA GLY B 240 -35.76 17.16 8.89
C GLY B 240 -35.35 17.02 10.35
N GLN B 241 -36.22 17.55 11.20
CA GLN B 241 -36.02 17.63 12.63
C GLN B 241 -37.31 17.17 13.31
N ASP B 242 -37.17 16.26 14.28
CA ASP B 242 -38.33 15.73 14.98
C ASP B 242 -38.04 15.73 16.47
N TRP B 243 -38.77 16.57 17.21
CA TRP B 243 -38.55 16.75 18.64
C TRP B 243 -39.79 16.39 19.46
N ALA B 244 -40.71 15.68 18.83
CA ALA B 244 -42.01 15.37 19.43
C ALA B 244 -41.91 14.53 20.71
N ASP B 245 -40.93 13.64 20.76
CA ASP B 245 -40.78 12.71 21.89
C ASP B 245 -39.63 13.06 22.84
N ALA B 246 -38.95 14.17 22.57
CA ALA B 246 -37.88 14.65 23.44
C ALA B 246 -38.46 15.23 24.72
N GLU B 247 -37.80 14.96 25.84
CA GLU B 247 -38.20 15.52 27.13
C GLU B 247 -37.70 16.95 27.29
N ALA B 248 -38.24 17.65 28.29
CA ALA B 248 -37.99 19.08 28.53
C ALA B 248 -36.56 19.55 28.27
N ASP B 249 -35.58 18.84 28.83
CA ASP B 249 -34.17 19.24 28.72
C ASP B 249 -33.62 19.14 27.29
N GLU B 250 -33.91 18.03 26.62
CA GLU B 250 -33.46 17.81 25.25
C GLU B 250 -34.20 18.72 24.26
N ARG B 251 -35.46 19.01 24.57
CA ARG B 251 -36.25 19.99 23.83
C ARG B 251 -35.59 21.37 23.89
N SER B 252 -35.18 21.77 25.09
CA SER B 252 -34.45 23.03 25.31
C SER B 252 -33.16 23.07 24.48
N LEU B 253 -32.43 21.95 24.48
CA LEU B 253 -31.20 21.84 23.69
C LEU B 253 -31.42 22.13 22.21
N TYR B 254 -32.47 21.54 21.63
CA TYR B 254 -32.78 21.77 20.21
C TYR B 254 -33.32 23.19 19.95
N LEU B 255 -34.29 23.60 20.77
CA LEU B 255 -34.97 24.89 20.57
C LEU B 255 -34.11 26.12 20.89
N ASP B 256 -33.22 25.99 21.88
CA ASP B 256 -32.37 27.09 22.33
C ASP B 256 -31.01 27.13 21.62
N GLU B 257 -30.46 25.97 21.29
CA GLU B 257 -29.09 25.89 20.76
C GLU B 257 -28.99 25.52 19.28
N ILE B 258 -29.81 24.59 18.82
CA ILE B 258 -29.74 24.13 17.43
C ILE B 258 -30.63 24.96 16.50
N LEU B 259 -31.89 25.14 16.90
CA LEU B 259 -32.87 25.80 16.03
C LEU B 259 -32.49 27.23 15.60
N PRO B 260 -32.00 28.09 16.52
CA PRO B 260 -31.65 29.43 16.05
C PRO B 260 -30.61 29.44 14.92
N THR B 261 -29.61 28.55 14.99
CA THR B 261 -28.60 28.48 13.93
C THR B 261 -29.16 27.85 12.65
N LEU B 262 -30.08 26.90 12.80
CA LEU B 262 -30.76 26.28 11.66
C LEU B 262 -31.62 27.32 10.95
N GLN B 263 -32.35 28.12 11.73
CA GLN B 263 -33.18 29.19 11.19
C GLN B 263 -32.33 30.19 10.40
N SER B 264 -31.18 30.55 10.96
CA SER B 264 -30.26 31.48 10.32
C SER B 264 -29.85 30.96 8.95
N GLY B 265 -29.46 29.68 8.89
CA GLY B 265 -29.08 29.04 7.64
C GLY B 265 -30.21 28.98 6.62
N MET B 266 -31.42 28.71 7.08
CA MET B 266 -32.59 28.61 6.21
C MET B 266 -32.99 29.98 5.63
N ASP B 267 -32.98 31.00 6.48
CA ASP B 267 -33.17 32.39 6.03
C ASP B 267 -32.15 32.76 4.96
N PHE B 268 -30.88 32.44 5.22
CA PHE B 268 -29.84 32.69 4.22
C PHE B 268 -30.16 32.08 2.85
N LEU B 269 -30.49 30.78 2.83
CA LEU B 269 -30.77 30.08 1.57
C LEU B 269 -32.05 30.58 0.90
N ARG B 270 -33.00 30.96 1.73
CA ARG B 270 -34.28 31.53 1.27
C ARG B 270 -34.10 32.89 0.59
N ASP B 271 -33.17 33.68 1.09
CA ASP B 271 -33.00 35.05 0.63
C ASP B 271 -31.75 35.28 -0.22
N ASN B 272 -30.89 34.28 -0.29
CA ASN B 272 -29.65 34.36 -1.07
C ASN B 272 -29.46 33.17 -2.01
N GLY B 273 -30.57 32.64 -2.50
CA GLY B 273 -30.55 31.45 -3.37
C GLY B 273 -29.65 31.52 -4.59
N PRO B 274 -29.93 32.47 -5.51
CA PRO B 274 -29.16 32.60 -6.75
C PRO B 274 -27.64 32.60 -6.55
N ALA B 275 -27.18 33.24 -5.48
CA ALA B 275 -25.74 33.37 -5.21
C ALA B 275 -25.06 32.04 -4.92
N VAL B 276 -25.81 31.10 -4.33
CA VAL B 276 -25.25 29.81 -3.93
C VAL B 276 -25.75 28.63 -4.78
N GLY B 277 -26.73 28.87 -5.65
CA GLY B 277 -27.27 27.83 -6.52
C GLY B 277 -28.48 27.09 -5.95
N CYS B 278 -29.17 27.73 -5.02
CA CYS B 278 -30.40 27.18 -4.46
C CYS B 278 -31.61 27.84 -5.13
N TYR B 279 -32.27 27.09 -6.02
CA TYR B 279 -33.48 27.56 -6.73
C TYR B 279 -34.63 27.89 -5.79
N SER B 280 -34.86 27.01 -4.81
CA SER B 280 -35.96 27.17 -3.86
C SER B 280 -35.56 26.64 -2.49
N ASN B 281 -35.80 27.44 -1.45
CA ASN B 281 -35.60 26.98 -0.09
C ASN B 281 -36.83 27.21 0.77
N ARG B 282 -37.34 26.13 1.34
CA ARG B 282 -38.51 26.20 2.22
C ARG B 282 -38.15 25.56 3.57
N PHE B 283 -38.53 26.23 4.66
CA PHE B 283 -38.37 25.64 5.98
C PHE B 283 -39.75 25.49 6.57
N VAL B 284 -40.22 24.24 6.61
CA VAL B 284 -41.63 23.94 6.83
C VAL B 284 -41.84 23.21 8.15
N ARG B 285 -43.05 23.38 8.70
CA ARG B 285 -43.44 22.69 9.92
C ARG B 285 -44.63 21.78 9.62
N ASN B 286 -44.55 20.54 10.09
CA ASN B 286 -45.66 19.60 9.92
C ASN B 286 -46.92 20.08 10.60
N ILE B 287 -48.06 19.75 10.02
CA ILE B 287 -49.35 20.09 10.58
C ILE B 287 -50.28 18.87 10.47
N ASP B 288 -51.35 18.87 11.27
CA ASP B 288 -52.42 17.89 11.11
C ASP B 288 -53.39 18.37 10.04
N ILE B 289 -54.45 17.60 9.81
CA ILE B 289 -55.41 17.90 8.76
C ILE B 289 -56.16 19.22 9.00
N ASP B 290 -56.04 19.73 10.23
CA ASP B 290 -56.77 20.92 10.67
C ASP B 290 -55.89 22.19 10.68
N GLY B 291 -54.59 22.01 10.46
CA GLY B 291 -53.66 23.14 10.40
C GLY B 291 -52.84 23.35 11.67
N ASN B 292 -53.10 22.52 12.68
CA ASN B 292 -52.40 22.60 13.96
C ASN B 292 -50.97 22.07 13.82
N PHE B 293 -50.02 22.77 14.44
CA PHE B 293 -48.60 22.39 14.35
C PHE B 293 -48.27 21.10 15.10
N LEU B 294 -47.37 20.32 14.49
CA LEU B 294 -46.79 19.13 15.10
C LEU B 294 -45.30 19.40 15.31
N ASP B 295 -44.68 18.64 16.20
CA ASP B 295 -43.29 18.86 16.57
C ASP B 295 -42.31 18.15 15.63
N LEU B 296 -42.49 18.41 14.35
CA LEU B 296 -41.61 17.97 13.28
C LEU B 296 -41.49 19.09 12.28
N SER B 297 -40.30 19.24 11.70
CA SER B 297 -40.05 20.24 10.67
C SER B 297 -39.08 19.68 9.64
N TYR B 298 -39.06 20.30 8.46
CA TYR B 298 -37.98 20.06 7.51
C TYR B 298 -37.71 21.17 6.51
N ASN B 299 -36.51 21.14 5.96
CA ASN B 299 -36.13 21.91 4.80
C ASN B 299 -36.57 21.16 3.55
N ILE B 300 -37.19 21.87 2.61
CA ILE B 300 -37.32 21.38 1.23
C ILE B 300 -36.50 22.32 0.36
N GLY B 301 -35.38 21.82 -0.17
CA GLY B 301 -34.48 22.66 -0.96
C GLY B 301 -34.20 22.07 -2.32
N HIS B 302 -34.45 22.86 -3.35
CA HIS B 302 -34.12 22.49 -4.73
C HIS B 302 -32.87 23.26 -5.17
N TRP B 303 -31.91 22.52 -5.69
CA TRP B 303 -30.59 23.06 -6.03
C TRP B 303 -30.21 22.84 -7.49
N ALA B 304 -29.42 23.78 -8.02
CA ALA B 304 -28.93 23.76 -9.40
C ALA B 304 -27.97 22.61 -9.71
N SER B 305 -27.29 22.12 -8.68
CA SER B 305 -26.46 20.91 -8.79
C SER B 305 -26.27 20.32 -7.42
N LEU B 306 -25.95 19.02 -7.36
CA LEU B 306 -25.59 18.36 -6.11
C LEU B 306 -24.33 19.01 -5.53
N ASP B 307 -23.38 19.34 -6.39
CA ASP B 307 -22.12 19.91 -5.93
C ASP B 307 -22.27 21.31 -5.32
N GLN B 308 -23.21 22.11 -5.81
CA GLN B 308 -23.51 23.40 -5.17
C GLN B 308 -24.05 23.19 -3.75
N LEU B 309 -24.95 22.22 -3.59
CA LEU B 309 -25.40 21.83 -2.26
C LEU B 309 -24.24 21.37 -1.37
N GLU B 310 -23.34 20.55 -1.93
CA GLU B 310 -22.13 20.13 -1.22
C GLU B 310 -21.29 21.30 -0.72
N ARG B 311 -21.04 22.26 -1.61
CA ARG B 311 -20.24 23.45 -1.28
C ARG B 311 -20.85 24.23 -0.13
N TRP B 312 -22.14 24.55 -0.21
CA TRP B 312 -22.81 25.27 0.86
C TRP B 312 -22.69 24.54 2.20
N SER B 313 -23.01 23.25 2.20
CA SER B 313 -23.03 22.46 3.45
C SER B 313 -21.67 22.39 4.14
N GLU B 314 -20.61 22.26 3.36
CA GLU B 314 -19.27 22.04 3.92
C GLU B 314 -18.48 23.33 4.20
N SER B 315 -19.05 24.48 3.85
CA SER B 315 -18.34 25.77 3.94
C SER B 315 -19.12 26.91 4.60
N HIS B 316 -20.46 26.90 4.51
CA HIS B 316 -21.23 28.00 5.08
C HIS B 316 -21.22 28.00 6.62
N PRO B 317 -20.92 29.17 7.24
CA PRO B 317 -20.88 29.28 8.71
C PRO B 317 -22.06 28.63 9.42
N THR B 318 -23.28 28.89 8.93
CA THR B 318 -24.50 28.40 9.57
C THR B 318 -24.59 26.88 9.63
N HIS B 319 -24.40 26.21 8.48
CA HIS B 319 -24.39 24.76 8.52
C HIS B 319 -23.19 24.20 9.28
N LEU B 320 -22.03 24.84 9.13
CA LEU B 320 -20.85 24.45 9.88
C LEU B 320 -21.08 24.57 11.39
N ARG B 321 -21.85 25.57 11.79
CA ARG B 321 -22.29 25.73 13.20
C ARG B 321 -23.09 24.53 13.74
N ILE B 322 -24.18 24.15 13.09
CA ILE B 322 -25.01 23.03 13.55
C ILE B 322 -24.32 21.67 13.42
N PHE B 323 -23.50 21.55 12.37
CA PHE B 323 -22.60 20.42 12.19
C PHE B 323 -21.78 20.22 13.47
N THR B 324 -21.20 21.32 13.93
CA THR B 324 -20.44 21.34 15.18
C THR B 324 -21.17 20.57 16.26
N THR B 325 -22.40 21.00 16.50
CA THR B 325 -23.14 20.66 17.71
C THR B 325 -23.62 19.21 17.68
N PHE B 326 -24.02 18.72 16.51
CA PHE B 326 -24.43 17.32 16.41
C PHE B 326 -23.31 16.37 16.77
N PHE B 327 -22.12 16.65 16.26
CA PHE B 327 -20.91 15.89 16.62
C PHE B 327 -20.66 15.89 18.13
N ARG B 328 -20.96 17.00 18.82
CA ARG B 328 -20.78 17.02 20.28
C ARG B 328 -21.91 16.38 21.10
N VAL B 329 -23.14 16.38 20.57
CA VAL B 329 -24.29 15.84 21.32
C VAL B 329 -24.69 14.43 20.89
N ALA B 330 -24.09 13.93 19.81
CA ALA B 330 -24.46 12.64 19.22
C ALA B 330 -24.39 11.45 20.19
N ALA B 331 -23.41 11.45 21.08
CA ALA B 331 -23.22 10.34 22.04
C ALA B 331 -24.36 10.26 23.06
N GLY B 332 -24.92 11.42 23.41
CA GLY B 332 -25.99 11.48 24.40
C GLY B 332 -27.36 11.82 23.84
N LEU B 333 -27.47 11.89 22.52
CA LEU B 333 -28.76 12.15 21.88
C LEU B 333 -29.67 10.97 22.08
N SER B 334 -30.83 11.21 22.65
CA SER B 334 -31.68 10.08 22.92
C SER B 334 -32.98 10.10 22.15
N LYS B 335 -33.71 11.21 22.17
CA LYS B 335 -35.04 11.25 21.58
CA LYS B 335 -35.04 11.25 21.56
C LYS B 335 -35.18 12.22 20.38
N LEU B 336 -34.24 13.15 20.25
CA LEU B 336 -34.26 14.07 19.10
C LEU B 336 -33.97 13.25 17.86
N ARG B 337 -34.79 13.43 16.82
CA ARG B 337 -34.65 12.67 15.57
C ARG B 337 -34.28 13.58 14.39
N LEU B 338 -33.08 13.37 13.88
CA LEU B 338 -32.54 14.12 12.74
C LEU B 338 -32.26 13.18 11.55
N TYR B 339 -32.61 13.63 10.34
CA TYR B 339 -32.45 12.84 9.13
C TYR B 339 -32.43 13.74 7.89
N HIS B 340 -32.05 13.15 6.76
CA HIS B 340 -32.30 13.74 5.46
C HIS B 340 -32.42 12.68 4.38
N GLU B 341 -32.99 13.11 3.24
CA GLU B 341 -33.01 12.36 2.00
C GLU B 341 -32.62 13.38 0.94
N VAL B 342 -31.78 12.95 0.00
CA VAL B 342 -31.36 13.81 -1.09
C VAL B 342 -31.51 13.01 -2.37
N SER B 343 -32.09 13.66 -3.37
CA SER B 343 -32.32 13.04 -4.67
C SER B 343 -31.74 13.89 -5.79
N VAL B 344 -31.30 13.22 -6.88
CA VAL B 344 -30.99 13.91 -8.12
C VAL B 344 -31.86 13.32 -9.23
N PHE B 345 -32.15 14.10 -10.26
CA PHE B 345 -33.08 13.63 -11.27
C PHE B 345 -32.57 13.89 -12.67
N ASP B 346 -32.86 12.93 -13.55
CA ASP B 346 -32.78 13.15 -14.98
C ASP B 346 -33.65 14.35 -15.34
N ALA B 347 -33.24 15.07 -16.37
CA ALA B 347 -34.01 16.18 -16.88
C ALA B 347 -35.48 15.83 -17.11
N ALA B 348 -35.73 14.67 -17.71
CA ALA B 348 -37.09 14.23 -18.10
C ALA B 348 -37.98 13.85 -16.91
N ASP B 349 -37.36 13.55 -15.77
CA ASP B 349 -38.07 13.01 -14.61
C ASP B 349 -38.54 14.05 -13.58
N GLN B 350 -38.93 15.23 -14.07
CA GLN B 350 -39.36 16.33 -13.23
C GLN B 350 -40.43 17.13 -13.97
N LEU B 351 -41.37 17.67 -13.21
CA LEU B 351 -42.39 18.57 -13.73
C LEU B 351 -42.84 19.51 -12.61
N TYR B 352 -42.77 20.82 -12.87
CA TYR B 352 -43.13 21.83 -11.88
C TYR B 352 -44.26 22.70 -12.45
N GLU B 353 -45.43 22.59 -11.84
CA GLU B 353 -46.65 23.24 -12.33
C GLU B 353 -47.19 24.20 -11.29
N TYR B 354 -47.63 25.37 -11.74
CA TYR B 354 -48.10 26.44 -10.87
C TYR B 354 -49.37 27.08 -11.42
N ILE B 355 -50.35 27.29 -10.54
CA ILE B 355 -51.57 28.00 -10.89
C ILE B 355 -51.77 29.16 -9.91
N ASN B 356 -51.72 30.37 -10.45
CA ASN B 356 -51.94 31.61 -9.68
C ASN B 356 -51.08 31.76 -8.42
N CYS B 357 -49.81 31.34 -8.52
CA CYS B 357 -48.85 31.54 -7.46
C CYS B 357 -48.09 32.83 -7.71
N HIS B 358 -47.63 33.50 -6.64
CA HIS B 358 -46.75 34.66 -6.80
C HIS B 358 -45.45 34.24 -7.51
N PRO B 359 -44.85 35.14 -8.32
CA PRO B 359 -43.76 34.78 -9.22
C PRO B 359 -42.43 34.36 -8.58
N GLY B 360 -42.37 34.35 -7.25
CA GLY B 360 -41.18 33.89 -6.53
C GLY B 360 -41.34 32.49 -5.97
N THR B 361 -42.48 31.87 -6.24
CA THR B 361 -42.83 30.56 -5.69
C THR B 361 -42.00 29.44 -6.34
N GLY B 362 -41.33 28.65 -5.52
CA GLY B 362 -40.59 27.48 -5.99
C GLY B 362 -39.71 27.73 -7.20
N MET B 363 -39.94 26.96 -8.26
CA MET B 363 -39.16 27.00 -9.50
C MET B 363 -39.41 28.25 -10.35
N LEU B 364 -40.46 28.98 -10.02
CA LEU B 364 -40.85 30.15 -10.82
C LEU B 364 -39.79 31.24 -10.76
N ARG B 365 -39.09 31.33 -9.63
CA ARG B 365 -38.16 32.44 -9.41
C ARG B 365 -36.98 32.49 -10.38
N ASP B 366 -36.37 31.33 -10.61
CA ASP B 366 -35.12 31.25 -11.39
C ASP B 366 -35.28 30.63 -12.79
N ALA B 367 -36.50 30.19 -13.12
CA ALA B 367 -36.76 29.61 -14.45
C ALA B 367 -36.51 30.62 -15.56
N VAL B 368 -35.93 30.17 -16.68
CA VAL B 368 -35.80 31.02 -17.87
C VAL B 368 -37.15 31.10 -18.59
N THR B 369 -37.62 32.32 -18.80
CA THR B 369 -38.95 32.53 -19.39
C THR B 369 -38.92 32.25 -20.90
N ILE B 370 -40.10 32.07 -21.49
CA ILE B 370 -40.23 31.77 -22.93
C ILE B 370 -39.60 32.88 -23.78
N ALA B 371 -39.73 34.12 -23.31
CA ALA B 371 -39.15 35.29 -24.00
C ALA B 371 -37.63 35.42 -23.83
N GLU B 372 -37.04 34.59 -22.97
CA GLU B 372 -35.61 34.65 -22.67
C GLU B 372 -34.75 33.64 -23.42
N HIS B 373 -35.34 32.50 -23.79
CA HIS B 373 -34.61 31.43 -24.49
C HIS B 373 -35.32 30.95 -25.77
N MET C 21 -4.26 -8.20 -2.09
CA MET C 21 -4.48 -9.68 -2.02
C MET C 21 -4.53 -10.17 -0.59
N GLU C 22 -5.20 -11.30 -0.39
CA GLU C 22 -5.30 -11.92 0.92
C GLU C 22 -3.95 -12.39 1.43
N SER C 23 -3.74 -12.30 2.74
CA SER C 23 -2.56 -12.85 3.36
C SER C 23 -2.80 -14.30 3.78
N ALA C 24 -1.73 -15.10 3.76
CA ALA C 24 -1.79 -16.47 4.24
C ALA C 24 -2.00 -16.51 5.75
N ILE C 25 -1.65 -15.43 6.43
CA ILE C 25 -1.80 -15.33 7.89
C ILE C 25 -3.23 -14.91 8.24
N GLY C 26 -3.89 -15.73 9.06
CA GLY C 26 -5.24 -15.47 9.54
C GLY C 26 -5.33 -14.09 10.15
N GLU C 27 -6.44 -13.40 9.91
CA GLU C 27 -6.56 -12.00 10.29
C GLU C 27 -6.29 -11.78 11.78
N HIS C 28 -6.80 -12.68 12.61
CA HIS C 28 -6.68 -12.55 14.07
C HIS C 28 -5.24 -12.83 14.57
N LEU C 29 -4.40 -13.39 13.69
CA LEU C 29 -3.03 -13.70 14.03
C LEU C 29 -2.04 -12.65 13.50
N GLN C 30 -2.54 -11.70 12.72
CA GLN C 30 -1.72 -10.62 12.21
C GLN C 30 -1.36 -9.67 13.34
N CYS C 31 -0.11 -9.20 13.36
CA CYS C 31 0.40 -8.39 14.47
C CYS C 31 1.50 -7.45 14.01
N PRO C 32 1.86 -6.46 14.86
CA PRO C 32 3.02 -5.62 14.55
C PRO C 32 4.25 -6.49 14.31
N ARG C 33 5.02 -6.14 13.30
CA ARG C 33 6.17 -6.94 12.90
C ARG C 33 7.46 -6.50 13.59
N THR C 34 8.25 -7.47 13.99
CA THR C 34 9.63 -7.22 14.36
C THR C 34 10.53 -7.85 13.30
N LEU C 35 9.98 -8.80 12.55
CA LEU C 35 10.67 -9.42 11.42
C LEU C 35 9.87 -9.24 10.13
N THR C 36 10.56 -8.96 9.03
CA THR C 36 9.90 -8.56 7.79
C THR C 36 10.09 -9.59 6.66
N ARG C 37 9.26 -9.45 5.62
CA ARG C 37 9.31 -10.30 4.42
C ARG C 37 10.51 -9.98 3.51
N ARG C 38 10.76 -10.86 2.53
CA ARG C 38 11.89 -10.64 1.59
C ARG C 38 11.44 -10.11 0.23
N VAL C 39 10.15 -9.83 0.09
CA VAL C 39 9.62 -9.24 -1.14
C VAL C 39 8.93 -7.90 -0.84
N PRO C 40 9.04 -6.91 -1.76
CA PRO C 40 8.30 -5.65 -1.57
C PRO C 40 6.78 -5.86 -1.62
N ASP C 41 6.01 -4.87 -1.17
CA ASP C 41 4.55 -5.02 -1.12
C ASP C 41 3.86 -5.11 -2.48
N THR C 42 4.53 -4.62 -3.52
CA THR C 42 4.01 -4.72 -4.89
C THR C 42 4.02 -6.14 -5.44
N TYR C 43 4.67 -7.07 -4.72
CA TYR C 43 4.76 -8.47 -5.15
C TYR C 43 3.41 -9.10 -5.48
N THR C 44 3.35 -9.70 -6.67
CA THR C 44 2.20 -10.48 -7.11
C THR C 44 2.68 -11.84 -7.61
N PRO C 45 2.15 -12.93 -7.02
CA PRO C 45 2.51 -14.29 -7.43
C PRO C 45 2.08 -14.60 -8.87
N PRO C 46 2.83 -15.49 -9.57
CA PRO C 46 2.58 -15.77 -10.99
C PRO C 46 1.51 -16.83 -11.27
N PHE C 47 0.97 -17.44 -10.22
CA PHE C 47 -0.13 -18.41 -10.33
C PHE C 47 -0.87 -18.48 -9.00
N PRO C 48 -2.17 -18.84 -9.03
CA PRO C 48 -2.93 -18.90 -7.77
C PRO C 48 -2.59 -20.09 -6.87
N MET C 49 -2.55 -19.82 -5.56
CA MET C 49 -2.50 -20.85 -4.53
C MET C 49 -3.38 -20.39 -3.36
N TRP C 50 -3.77 -21.35 -2.53
CA TRP C 50 -4.71 -21.10 -1.43
C TRP C 50 -4.20 -21.71 -0.13
N VAL C 51 -4.76 -21.25 0.98
CA VAL C 51 -4.41 -21.78 2.30
C VAL C 51 -5.66 -22.12 3.11
N GLY C 52 -5.47 -22.94 4.15
CA GLY C 52 -6.54 -23.22 5.09
C GLY C 52 -6.79 -22.04 6.00
N ARG C 53 -8.06 -21.78 6.30
CA ARG C 53 -8.48 -20.73 7.22
C ARG C 53 -9.11 -21.36 8.44
N ALA C 54 -8.91 -20.73 9.60
CA ALA C 54 -9.62 -21.10 10.81
C ALA C 54 -9.72 -19.87 11.69
N ASP C 55 -10.85 -19.70 12.36
CA ASP C 55 -11.03 -18.54 13.25
C ASP C 55 -10.26 -18.66 14.57
N ASP C 56 -10.47 -17.67 15.42
CA ASP C 56 -9.75 -17.58 16.69
CA ASP C 56 -9.86 -17.53 16.74
C ASP C 56 -9.95 -18.77 17.62
N ALA C 57 -11.03 -19.53 17.45
CA ALA C 57 -11.29 -20.72 18.29
C ALA C 57 -10.18 -21.77 18.23
N LEU C 58 -9.63 -21.99 17.03
CA LEU C 58 -8.53 -22.94 16.84
C LEU C 58 -7.22 -22.32 17.32
N GLN C 59 -6.71 -22.85 18.44
CA GLN C 59 -5.50 -22.32 19.08
C GLN C 59 -4.29 -23.22 18.90
N GLN C 60 -4.51 -24.54 18.90
CA GLN C 60 -3.43 -25.51 18.77
C GLN C 60 -4.00 -26.84 18.32
N VAL C 61 -3.41 -27.43 17.28
CA VAL C 61 -3.91 -28.70 16.75
C VAL C 61 -3.01 -29.82 17.25
N VAL C 62 -3.47 -31.06 17.14
CA VAL C 62 -2.60 -32.21 17.35
C VAL C 62 -2.52 -33.08 16.08
N MET C 63 -1.31 -33.42 15.68
CA MET C 63 -1.08 -34.33 14.55
C MET C 63 -0.52 -35.62 15.11
N GLY C 64 -1.30 -36.68 15.07
CA GLY C 64 -0.90 -37.95 15.66
C GLY C 64 -0.69 -38.98 14.57
N TYR C 65 0.57 -39.34 14.33
CA TYR C 65 0.91 -40.38 13.37
C TYR C 65 1.10 -41.69 14.13
N LEU C 66 0.21 -42.63 13.88
CA LEU C 66 0.18 -43.90 14.59
C LEU C 66 0.57 -45.04 13.66
N GLY C 67 1.68 -45.70 13.97
CA GLY C 67 2.27 -46.66 13.06
C GLY C 67 2.27 -48.12 13.50
N VAL C 68 2.27 -49.00 12.50
CA VAL C 68 2.41 -50.43 12.71
C VAL C 68 3.50 -50.86 11.73
N GLN C 69 4.50 -51.56 12.24
CA GLN C 69 5.66 -51.98 11.46
C GLN C 69 5.79 -53.49 11.44
N PHE C 70 6.13 -54.03 10.27
CA PHE C 70 6.39 -55.46 10.10
C PHE C 70 7.27 -55.70 8.88
N ARG C 71 7.87 -56.90 8.82
CA ARG C 71 8.78 -57.24 7.73
CA ARG C 71 8.79 -57.25 7.74
C ARG C 71 8.42 -58.56 7.04
N ASP C 72 7.97 -59.54 7.84
CA ASP C 72 7.62 -60.86 7.31
C ASP C 72 6.19 -60.90 6.79
N GLU C 73 5.99 -61.61 5.68
CA GLU C 73 4.65 -61.78 5.10
C GLU C 73 3.62 -62.32 6.07
N ASP C 74 4.03 -63.27 6.92
CA ASP C 74 3.11 -63.93 7.83
C ASP C 74 2.56 -62.98 8.92
N GLN C 75 3.14 -61.79 8.99
CA GLN C 75 2.75 -60.74 9.93
C GLN C 75 1.70 -59.76 9.38
N ARG C 76 1.49 -59.80 8.07
CA ARG C 76 0.58 -58.87 7.40
C ARG C 76 -0.85 -58.86 7.98
N PRO C 77 -1.47 -60.05 8.15
CA PRO C 77 -2.83 -60.09 8.70
C PRO C 77 -2.94 -59.39 10.05
N ALA C 78 -2.02 -59.70 10.97
CA ALA C 78 -1.98 -59.09 12.30
C ALA C 78 -1.73 -57.59 12.21
N ALA C 79 -0.85 -57.20 11.28
CA ALA C 79 -0.51 -55.80 11.09
C ALA C 79 -1.70 -55.00 10.56
N LEU C 80 -2.40 -55.54 9.56
CA LEU C 80 -3.61 -54.91 9.04
C LEU C 80 -4.70 -54.85 10.11
N GLN C 81 -4.78 -55.92 10.90
CA GLN C 81 -5.75 -55.99 11.99
C GLN C 81 -5.50 -54.91 13.05
N ALA C 82 -4.24 -54.73 13.42
CA ALA C 82 -3.85 -53.71 14.39
C ALA C 82 -4.22 -52.31 13.88
N MET C 83 -3.97 -52.08 12.59
CA MET C 83 -4.36 -50.83 11.93
C MET C 83 -5.87 -50.63 12.02
N ARG C 84 -6.63 -51.70 11.77
CA ARG C 84 -8.09 -51.65 11.88
C ARG C 84 -8.55 -51.35 13.31
N ASP C 85 -7.81 -51.89 14.29
CA ASP C 85 -8.07 -51.60 15.70
C ASP C 85 -7.87 -50.13 16.02
N ILE C 86 -6.75 -49.56 15.56
CA ILE C 86 -6.44 -48.15 15.79
C ILE C 86 -7.54 -47.26 15.20
N VAL C 87 -7.90 -47.53 13.94
CA VAL C 87 -8.97 -46.80 13.26
C VAL C 87 -10.31 -46.86 14.02
N ALA C 88 -10.65 -48.02 14.55
CA ALA C 88 -11.88 -48.16 15.35
C ALA C 88 -11.81 -47.34 16.63
N GLY C 89 -10.61 -47.22 17.20
CA GLY C 89 -10.38 -46.42 18.40
C GLY C 89 -10.65 -44.94 18.17
N PHE C 90 -10.58 -44.52 16.91
CA PHE C 90 -10.91 -43.14 16.51
C PHE C 90 -12.40 -42.81 16.59
N ASP C 91 -13.25 -43.84 16.55
CA ASP C 91 -14.69 -43.66 16.62
C ASP C 91 -15.20 -43.49 18.06
N LEU C 92 -14.28 -43.57 19.01
CA LEU C 92 -14.56 -43.31 20.41
C LEU C 92 -14.61 -41.81 20.68
N PRO C 93 -15.33 -41.39 21.73
CA PRO C 93 -15.36 -39.98 22.13
C PRO C 93 -13.98 -39.34 22.15
N ASP C 94 -13.90 -38.11 21.64
CA ASP C 94 -12.66 -37.33 21.59
C ASP C 94 -11.64 -37.87 20.59
N GLY C 95 -12.06 -38.76 19.70
CA GLY C 95 -11.22 -39.19 18.59
C GLY C 95 -10.92 -38.04 17.64
N PRO C 96 -10.02 -38.25 16.67
CA PRO C 96 -9.62 -37.15 15.78
C PRO C 96 -10.75 -36.74 14.84
N ALA C 97 -10.74 -35.48 14.44
CA ALA C 97 -11.75 -34.93 13.52
C ALA C 97 -11.56 -35.45 12.08
N HIS C 98 -10.33 -35.82 11.75
CA HIS C 98 -10.01 -36.31 10.41
C HIS C 98 -8.85 -37.27 10.48
N HIS C 99 -8.82 -38.25 9.57
CA HIS C 99 -7.68 -39.16 9.48
C HIS C 99 -7.52 -39.73 8.08
N ASP C 100 -6.33 -40.25 7.81
CA ASP C 100 -6.09 -41.04 6.61
C ASP C 100 -5.02 -42.09 6.90
N LEU C 101 -4.95 -43.11 6.03
CA LEU C 101 -4.11 -44.30 6.25
C LEU C 101 -3.14 -44.47 5.10
N THR C 102 -1.90 -44.79 5.42
CA THR C 102 -0.87 -44.93 4.40
C THR C 102 0.01 -46.17 4.61
N HIS C 103 0.73 -46.52 3.55
CA HIS C 103 1.69 -47.62 3.55
C HIS C 103 2.99 -47.17 2.89
N HIS C 104 4.11 -47.62 3.44
CA HIS C 104 5.40 -47.52 2.78
C HIS C 104 6.36 -48.61 3.27
N ILE C 105 7.35 -48.92 2.44
CA ILE C 105 8.46 -49.79 2.82
C ILE C 105 9.71 -48.94 3.03
N ASP C 106 10.32 -49.05 4.21
CA ASP C 106 11.50 -48.21 4.51
C ASP C 106 12.79 -48.77 3.90
N ASN C 107 13.92 -48.13 4.19
CA ASN C 107 15.16 -48.57 3.57
C ASN C 107 15.80 -49.80 4.23
N GLN C 108 15.12 -50.34 5.26
CA GLN C 108 15.51 -51.59 5.89
C GLN C 108 14.65 -52.78 5.43
N GLY C 109 13.67 -52.48 4.57
CA GLY C 109 12.77 -53.51 4.06
C GLY C 109 11.55 -53.78 4.93
N TYR C 110 11.34 -52.94 5.95
CA TYR C 110 10.16 -53.06 6.81
C TYR C 110 8.99 -52.28 6.26
N GLU C 111 7.82 -52.92 6.25
CA GLU C 111 6.59 -52.27 5.88
C GLU C 111 6.01 -51.49 7.04
N ASN C 112 5.54 -50.26 6.76
CA ASN C 112 4.99 -49.39 7.78
C ASN C 112 3.60 -48.88 7.41
N LEU C 113 2.62 -49.21 8.24
CA LEU C 113 1.25 -48.72 8.10
C LEU C 113 1.11 -47.55 9.06
N ILE C 114 0.76 -46.38 8.52
CA ILE C 114 0.58 -45.20 9.36
C ILE C 114 -0.81 -44.58 9.21
N VAL C 115 -1.52 -44.52 10.33
CA VAL C 115 -2.77 -43.78 10.45
C VAL C 115 -2.46 -42.40 11.03
N VAL C 116 -2.76 -41.35 10.27
CA VAL C 116 -2.57 -39.99 10.78
C VAL C 116 -3.91 -39.40 11.22
N GLY C 117 -3.98 -39.01 12.50
CA GLY C 117 -5.17 -38.40 13.09
C GLY C 117 -4.92 -36.91 13.35
N TYR C 118 -5.96 -36.11 13.12
CA TYR C 118 -5.88 -34.67 13.34
C TYR C 118 -6.97 -34.25 14.33
N TRP C 119 -6.55 -33.59 15.41
CA TRP C 119 -7.45 -33.07 16.42
C TRP C 119 -7.40 -31.55 16.41
N LYS C 120 -8.55 -30.93 16.68
CA LYS C 120 -8.68 -29.48 16.68
C LYS C 120 -8.22 -28.82 17.98
N ASP C 121 -7.96 -29.62 19.01
CA ASP C 121 -7.43 -29.08 20.27
C ASP C 121 -6.62 -30.11 21.06
N VAL C 122 -5.68 -29.62 21.87
CA VAL C 122 -4.81 -30.48 22.68
C VAL C 122 -5.58 -31.31 23.69
N SER C 123 -6.51 -30.69 24.42
CA SER C 123 -7.24 -31.39 25.48
C SER C 123 -8.06 -32.57 24.99
N SER C 124 -8.69 -32.43 23.83
CA SER C 124 -9.46 -33.53 23.27
C SER C 124 -8.56 -34.72 22.95
N GLN C 125 -7.40 -34.47 22.34
CA GLN C 125 -6.45 -35.54 22.04
C GLN C 125 -5.95 -36.21 23.32
N HIS C 126 -5.76 -35.40 24.37
CA HIS C 126 -5.27 -35.88 25.66
C HIS C 126 -6.30 -36.76 26.37
N ARG C 127 -7.56 -36.32 26.37
CA ARG C 127 -8.65 -37.11 26.93
C ARG C 127 -8.76 -38.45 26.20
N TRP C 128 -8.63 -38.41 24.87
CA TRP C 128 -8.68 -39.62 24.05
C TRP C 128 -7.53 -40.57 24.38
N SER C 129 -6.30 -40.07 24.28
CA SER C 129 -5.08 -40.85 24.49
C SER C 129 -4.98 -41.49 25.88
N THR C 130 -5.56 -40.86 26.89
CA THR C 130 -5.48 -41.36 28.26
C THR C 130 -6.76 -42.09 28.68
N SER C 131 -7.75 -42.16 27.79
CA SER C 131 -9.00 -42.87 28.09
C SER C 131 -8.72 -44.36 28.17
N THR C 132 -9.47 -45.06 29.02
CA THR C 132 -9.21 -46.48 29.30
C THR C 132 -8.91 -47.33 28.04
N PRO C 133 -9.78 -47.30 27.01
CA PRO C 133 -9.60 -48.23 25.89
C PRO C 133 -8.31 -47.99 25.09
N ILE C 134 -7.95 -46.71 24.95
CA ILE C 134 -6.77 -46.31 24.19
C ILE C 134 -5.48 -46.57 24.98
N ALA C 135 -5.44 -46.07 26.22
CA ALA C 135 -4.26 -46.21 27.08
C ALA C 135 -3.94 -47.66 27.43
N SER C 136 -4.99 -48.46 27.69
CA SER C 136 -4.81 -49.87 28.04
C SER C 136 -4.24 -50.66 26.86
N TRP C 137 -4.63 -50.29 25.64
CA TRP C 137 -4.08 -50.94 24.44
C TRP C 137 -2.60 -50.60 24.28
N TRP C 138 -2.26 -49.33 24.42
CA TRP C 138 -0.89 -48.85 24.24
C TRP C 138 0.08 -49.38 25.29
N GLU C 139 -0.39 -49.47 26.53
CA GLU C 139 0.45 -49.86 27.67
C GLU C 139 0.51 -51.38 27.89
N SER C 140 -0.33 -52.11 27.16
CA SER C 140 -0.43 -53.57 27.33
C SER C 140 0.88 -54.28 27.04
N GLU C 141 1.13 -55.35 27.82
CA GLU C 141 2.29 -56.20 27.63
C GLU C 141 2.23 -56.87 26.25
N ASP C 142 1.02 -56.97 25.72
CA ASP C 142 0.76 -57.60 24.42
C ASP C 142 1.42 -56.85 23.26
N ARG C 143 1.70 -55.56 23.47
CA ARG C 143 2.41 -54.75 22.47
C ARG C 143 3.84 -55.23 22.29
N LEU C 144 4.41 -55.80 23.35
CA LEU C 144 5.75 -56.36 23.30
C LEU C 144 5.77 -57.77 22.72
N SER C 145 4.68 -58.52 22.94
CA SER C 145 4.60 -59.92 22.51
C SER C 145 4.03 -60.14 21.11
N ASP C 146 3.41 -59.11 20.53
CA ASP C 146 2.83 -59.18 19.17
C ASP C 146 3.85 -59.53 18.08
N GLY C 147 5.11 -59.18 18.31
CA GLY C 147 6.14 -59.32 17.28
C GLY C 147 6.18 -58.14 16.31
N LEU C 148 5.08 -57.38 16.27
CA LEU C 148 4.98 -56.19 15.43
C LEU C 148 5.72 -55.00 16.04
N GLY C 149 6.06 -54.03 15.20
CA GLY C 149 6.50 -52.71 15.69
C GLY C 149 5.33 -51.75 15.77
N PHE C 150 5.30 -50.94 16.83
CA PHE C 150 4.29 -49.89 17.01
C PHE C 150 4.96 -48.56 17.29
N PHE C 151 4.40 -47.49 16.74
CA PHE C 151 4.92 -46.17 17.08
C PHE C 151 3.84 -45.11 17.13
N ARG C 152 4.09 -44.09 17.95
CA ARG C 152 3.24 -42.92 18.03
C ARG C 152 4.15 -41.72 17.95
N GLU C 153 3.98 -40.94 16.89
CA GLU C 153 4.69 -39.69 16.71
C GLU C 153 3.65 -38.58 16.72
N ILE C 154 3.51 -37.98 17.90
CA ILE C 154 2.43 -37.03 18.17
C ILE C 154 2.98 -35.63 18.45
N VAL C 155 2.57 -34.70 17.60
CA VAL C 155 3.09 -33.32 17.65
C VAL C 155 1.95 -32.30 17.61
N ALA C 156 2.14 -31.18 18.32
CA ALA C 156 1.06 -30.22 18.57
C ALA C 156 1.44 -28.76 18.32
N PRO C 157 1.41 -28.33 17.05
CA PRO C 157 1.76 -26.95 16.76
C PRO C 157 0.60 -26.01 17.08
N ARG C 158 0.92 -24.87 17.67
CA ARG C 158 -0.04 -23.79 17.85
C ARG C 158 -0.42 -23.21 16.48
N ALA C 159 -1.53 -22.48 16.45
CA ALA C 159 -2.02 -21.87 15.21
C ALA C 159 -0.94 -21.06 14.51
N GLU C 160 -0.09 -20.40 15.30
CA GLU C 160 0.97 -19.54 14.77
C GLU C 160 2.17 -20.34 14.25
N GLN C 161 2.15 -21.66 14.50
CA GLN C 161 3.30 -22.53 14.26
C GLN C 161 3.13 -23.49 13.08
N PHE C 162 2.11 -23.29 12.25
CA PHE C 162 2.02 -24.08 11.03
C PHE C 162 1.50 -23.27 9.85
N GLU C 163 1.84 -23.74 8.65
CA GLU C 163 1.39 -23.15 7.40
C GLU C 163 0.91 -24.23 6.44
N THR C 164 -0.01 -23.85 5.56
CA THR C 164 -0.54 -24.75 4.56
C THR C 164 -0.44 -24.05 3.21
N LEU C 165 -0.42 -24.85 2.15
CA LEU C 165 -0.46 -24.34 0.78
C LEU C 165 -1.08 -25.37 -0.14
N TYR C 166 -2.12 -24.95 -0.86
CA TYR C 166 -2.88 -25.83 -1.75
C TYR C 166 -2.95 -25.25 -3.17
N ALA C 167 -2.71 -26.10 -4.17
CA ALA C 167 -2.90 -25.71 -5.57
C ALA C 167 -4.33 -26.00 -6.04
N PHE C 168 -5.26 -25.97 -5.09
CA PHE C 168 -6.66 -26.27 -5.31
C PHE C 168 -7.49 -25.71 -4.14
N GLN C 169 -8.81 -25.63 -4.33
CA GLN C 169 -9.68 -24.94 -3.35
C GLN C 169 -10.57 -25.86 -2.51
N GLU C 170 -10.84 -27.07 -3.01
CA GLU C 170 -11.83 -27.92 -2.35
C GLU C 170 -11.23 -29.18 -1.73
N ASP C 171 -12.01 -29.82 -0.85
CA ASP C 171 -11.70 -31.13 -0.28
C ASP C 171 -10.27 -31.20 0.28
N LEU C 172 -9.94 -30.28 1.18
CA LEU C 172 -8.59 -30.18 1.74
C LEU C 172 -8.19 -31.42 2.54
N PRO C 173 -7.03 -32.03 2.18
CA PRO C 173 -6.46 -33.15 2.92
C PRO C 173 -5.65 -32.67 4.14
N GLY C 174 -5.21 -33.62 4.96
CA GLY C 174 -4.35 -33.31 6.10
C GLY C 174 -4.99 -32.37 7.08
N VAL C 175 -4.19 -31.46 7.62
CA VAL C 175 -4.66 -30.51 8.63
C VAL C 175 -5.76 -29.54 8.12
N GLY C 176 -5.77 -29.28 6.81
CA GLY C 176 -6.79 -28.40 6.22
C GLY C 176 -8.19 -28.94 6.42
N ALA C 177 -8.28 -30.26 6.54
CA ALA C 177 -9.55 -30.94 6.76
C ALA C 177 -10.21 -30.62 8.11
N VAL C 178 -9.42 -30.21 9.09
CA VAL C 178 -9.97 -29.85 10.40
C VAL C 178 -10.09 -28.34 10.60
N MET C 179 -9.57 -27.57 9.64
CA MET C 179 -9.71 -26.11 9.67
C MET C 179 -11.11 -25.70 9.21
N ASP C 180 -11.39 -24.39 9.23
CA ASP C 180 -12.75 -23.89 9.02
C ASP C 180 -13.15 -23.75 7.56
N GLY C 181 -12.16 -23.54 6.69
CA GLY C 181 -12.43 -23.39 5.28
C GLY C 181 -11.20 -23.01 4.49
N ILE C 182 -11.45 -22.50 3.28
CA ILE C 182 -10.41 -22.13 2.33
C ILE C 182 -10.32 -20.62 2.15
N SER C 183 -9.10 -20.12 1.94
CA SER C 183 -8.86 -18.70 1.70
C SER C 183 -9.14 -18.33 0.25
N GLY C 184 -9.00 -17.04 -0.06
CA GLY C 184 -8.91 -16.61 -1.45
C GLY C 184 -7.46 -16.78 -1.88
N GLU C 185 -7.13 -16.28 -3.07
CA GLU C 185 -5.75 -16.35 -3.53
C GLU C 185 -4.83 -15.54 -2.63
N ILE C 186 -3.72 -16.16 -2.22
CA ILE C 186 -2.80 -15.54 -1.25
C ILE C 186 -1.56 -14.95 -1.89
N ASN C 187 -0.98 -13.98 -1.19
CA ASN C 187 0.17 -13.25 -1.69
C ASN C 187 1.50 -13.98 -1.46
N GLU C 188 1.65 -14.55 -0.27
CA GLU C 188 2.94 -15.08 0.20
C GLU C 188 3.27 -16.47 -0.35
N HIS C 189 3.48 -16.54 -1.65
CA HIS C 189 3.98 -17.77 -2.27
C HIS C 189 4.65 -17.45 -3.62
N GLY C 190 5.40 -18.42 -4.14
CA GLY C 190 6.04 -18.30 -5.45
C GLY C 190 7.51 -17.88 -5.43
N TYR C 191 8.11 -17.86 -4.24
CA TYR C 191 9.51 -17.47 -4.07
C TYR C 191 10.09 -18.19 -2.87
N TRP C 192 11.38 -18.51 -2.95
CA TRP C 192 12.04 -19.18 -1.84
C TRP C 192 12.00 -18.26 -0.61
N GLY C 193 11.56 -18.83 0.51
CA GLY C 193 11.32 -18.04 1.71
C GLY C 193 9.86 -17.71 1.96
N SER C 194 8.97 -18.02 1.00
CA SER C 194 7.53 -17.76 1.18
C SER C 194 6.91 -18.66 2.25
N MET C 195 7.32 -19.94 2.29
CA MET C 195 6.88 -20.87 3.33
C MET C 195 7.03 -20.28 4.73
N ARG C 196 8.22 -19.81 5.04
CA ARG C 196 8.50 -19.17 6.33
C ARG C 196 7.53 -18.02 6.59
N GLU C 197 7.29 -17.22 5.55
CA GLU C 197 6.42 -16.04 5.67
C GLU C 197 4.93 -16.38 5.86
N ARG C 198 4.56 -17.63 5.62
CA ARG C 198 3.20 -18.09 5.85
C ARG C 198 2.95 -18.59 7.27
N PHE C 199 4.02 -18.86 8.02
CA PHE C 199 3.92 -19.12 9.46
C PHE C 199 3.60 -17.80 10.14
N PRO C 200 2.45 -17.71 10.84
CA PRO C 200 2.16 -16.44 11.51
C PRO C 200 3.26 -16.00 12.49
N ILE C 201 3.94 -16.95 13.13
CA ILE C 201 4.98 -16.62 14.11
C ILE C 201 6.22 -15.95 13.49
N SER C 202 6.41 -16.11 12.17
CA SER C 202 7.50 -15.44 11.45
C SER C 202 7.43 -13.91 11.51
N GLN C 203 6.28 -13.37 11.92
CA GLN C 203 6.15 -11.91 12.09
C GLN C 203 7.03 -11.41 13.24
N THR C 204 7.37 -12.31 14.17
CA THR C 204 8.09 -11.92 15.39
C THR C 204 9.21 -12.86 15.82
N ASP C 205 9.22 -14.08 15.28
CA ASP C 205 10.15 -15.12 15.73
C ASP C 205 10.87 -15.83 14.58
N TRP C 206 12.15 -16.10 14.82
CA TRP C 206 13.04 -16.75 13.86
C TRP C 206 12.82 -18.26 13.71
N MET C 207 12.05 -18.85 14.62
CA MET C 207 11.82 -20.31 14.65
C MET C 207 13.15 -21.05 14.59
N GLN C 208 14.08 -20.59 15.44
CA GLN C 208 15.43 -21.10 15.48
C GLN C 208 15.44 -22.42 16.24
N ALA C 209 16.10 -23.41 15.66
CA ALA C 209 16.27 -24.70 16.32
C ALA C 209 17.29 -24.58 17.45
N SER C 210 17.01 -25.27 18.56
CA SER C 210 17.96 -25.45 19.64
C SER C 210 17.65 -26.75 20.37
N GLY C 211 18.61 -27.25 21.13
CA GLY C 211 18.45 -28.52 21.85
C GLY C 211 18.77 -29.72 20.98
N GLU C 212 18.63 -30.92 21.55
CA GLU C 212 18.86 -32.14 20.76
C GLU C 212 17.67 -33.07 20.78
N LEU C 213 17.59 -33.90 19.75
CA LEU C 213 16.67 -35.01 19.72
C LEU C 213 17.20 -36.04 20.72
N ARG C 214 16.46 -36.27 21.80
CA ARG C 214 16.95 -37.06 22.93
C ARG C 214 16.12 -38.30 23.27
N VAL C 215 16.81 -39.43 23.48
CA VAL C 215 16.19 -40.59 24.11
C VAL C 215 16.05 -40.28 25.61
N ILE C 216 14.82 -40.35 26.12
CA ILE C 216 14.57 -40.07 27.53
C ILE C 216 14.17 -41.31 28.33
N ALA C 217 13.90 -42.40 27.61
CA ALA C 217 13.64 -43.70 28.22
C ALA C 217 13.95 -44.81 27.22
N GLY C 218 14.60 -45.86 27.71
CA GLY C 218 14.89 -47.04 26.90
C GLY C 218 16.15 -46.90 26.07
N ASP C 219 16.33 -47.84 25.13
CA ASP C 219 17.51 -47.89 24.28
C ASP C 219 17.11 -48.46 22.93
N PRO C 220 17.27 -47.67 21.84
CA PRO C 220 16.97 -48.13 20.49
C PRO C 220 17.68 -49.43 20.11
N ALA C 221 18.89 -49.63 20.67
CA ALA C 221 19.69 -50.84 20.40
C ALA C 221 19.10 -52.10 21.04
N VAL C 222 18.30 -51.93 22.08
CA VAL C 222 17.69 -53.06 22.80
C VAL C 222 16.29 -53.39 22.27
N GLY C 223 15.66 -52.41 21.63
CA GLY C 223 14.27 -52.57 21.21
C GLY C 223 13.38 -52.35 22.42
N GLY C 224 12.24 -53.02 22.45
CA GLY C 224 11.25 -52.78 23.50
C GLY C 224 10.70 -51.37 23.42
N ARG C 225 10.40 -50.77 24.57
CA ARG C 225 9.84 -49.44 24.64
C ARG C 225 10.92 -48.36 24.67
N VAL C 226 10.86 -47.43 23.71
CA VAL C 226 11.79 -46.31 23.62
C VAL C 226 10.98 -45.01 23.54
N VAL C 227 11.40 -44.00 24.30
CA VAL C 227 10.75 -42.69 24.26
C VAL C 227 11.74 -41.60 23.85
N VAL C 228 11.42 -40.92 22.76
CA VAL C 228 12.25 -39.85 22.24
C VAL C 228 11.53 -38.50 22.40
N ARG C 229 12.24 -37.53 22.96
CA ARG C 229 11.73 -36.18 23.03
C ARG C 229 12.38 -35.32 21.97
N GLY C 230 11.55 -34.55 21.27
CA GLY C 230 12.01 -33.61 20.25
C GLY C 230 12.62 -32.38 20.89
N HIS C 231 13.19 -31.51 20.05
CA HIS C 231 13.75 -30.25 20.52
C HIS C 231 13.01 -29.08 19.90
N ASP C 232 13.17 -27.89 20.50
CA ASP C 232 12.58 -26.67 19.95
C ASP C 232 12.77 -26.54 18.43
N ASN C 233 11.66 -26.30 17.75
CA ASN C 233 11.63 -25.95 16.33
C ASN C 233 12.18 -27.01 15.35
N ILE C 234 11.94 -28.27 15.69
CA ILE C 234 11.95 -29.34 14.69
C ILE C 234 10.82 -28.95 13.76
N ALA C 235 11.03 -29.16 12.46
CA ALA C 235 9.98 -28.91 11.47
C ALA C 235 9.52 -30.23 10.87
N LEU C 236 8.22 -30.31 10.61
CA LEU C 236 7.60 -31.47 9.99
C LEU C 236 6.90 -31.01 8.72
N ILE C 237 7.26 -31.62 7.60
CA ILE C 237 6.56 -31.36 6.34
C ILE C 237 5.74 -32.58 5.89
N ARG C 238 4.46 -32.33 5.59
CA ARG C 238 3.68 -33.30 4.82
C ARG C 238 3.40 -32.65 3.47
N SER C 239 4.03 -33.18 2.42
CA SER C 239 3.86 -32.64 1.07
C SER C 239 3.25 -33.73 0.21
N GLY C 240 2.04 -33.46 -0.28
CA GLY C 240 1.23 -34.49 -0.91
C GLY C 240 0.92 -34.34 -2.39
N GLN C 241 0.57 -35.47 -3.00
CA GLN C 241 0.22 -35.58 -4.40
C GLN C 241 -1.08 -36.38 -4.48
N ASP C 242 -2.02 -35.90 -5.29
CA ASP C 242 -3.30 -36.55 -5.45
C ASP C 242 -3.63 -36.59 -6.93
N TRP C 243 -3.57 -37.78 -7.52
CA TRP C 243 -3.85 -37.98 -8.95
C TRP C 243 -5.08 -38.86 -9.20
N ALA C 244 -5.87 -39.06 -8.15
CA ALA C 244 -7.02 -39.97 -8.15
C ALA C 244 -8.11 -39.65 -9.18
N ASP C 245 -8.23 -38.37 -9.54
CA ASP C 245 -9.29 -37.91 -10.43
C ASP C 245 -8.76 -37.40 -11.77
N ALA C 246 -7.46 -37.56 -12.00
CA ALA C 246 -6.83 -37.11 -13.24
C ALA C 246 -7.20 -38.00 -14.43
N GLU C 247 -7.34 -37.39 -15.60
CA GLU C 247 -7.55 -38.12 -16.85
C GLU C 247 -6.25 -38.78 -17.30
N ALA C 248 -6.35 -39.64 -18.32
CA ALA C 248 -5.22 -40.44 -18.81
C ALA C 248 -3.94 -39.66 -19.12
N ASP C 249 -4.08 -38.48 -19.73
CA ASP C 249 -2.93 -37.68 -20.15
C ASP C 249 -2.22 -37.00 -18.99
N GLU C 250 -2.99 -36.52 -18.01
CA GLU C 250 -2.44 -35.91 -16.82
C GLU C 250 -1.79 -36.95 -15.93
N ARG C 251 -2.43 -38.13 -15.83
CA ARG C 251 -1.87 -39.28 -15.11
C ARG C 251 -0.46 -39.57 -15.61
N SER C 252 -0.30 -39.69 -16.94
CA SER C 252 0.98 -39.97 -17.57
C SER C 252 2.01 -38.87 -17.35
N LEU C 253 1.58 -37.61 -17.39
CA LEU C 253 2.46 -36.48 -17.06
C LEU C 253 2.97 -36.55 -15.63
N TYR C 254 2.09 -36.89 -14.68
CA TYR C 254 2.54 -37.07 -13.31
C TYR C 254 3.42 -38.30 -13.15
N LEU C 255 2.95 -39.44 -13.66
CA LEU C 255 3.64 -40.72 -13.42
C LEU C 255 4.96 -40.87 -14.17
N ASP C 256 5.09 -40.21 -15.32
CA ASP C 256 6.29 -40.34 -16.15
C ASP C 256 7.25 -39.16 -16.04
N GLU C 257 6.72 -37.98 -15.78
CA GLU C 257 7.54 -36.76 -15.78
C GLU C 257 7.77 -36.14 -14.40
N ILE C 258 6.83 -36.32 -13.50
CA ILE C 258 6.97 -35.73 -12.17
C ILE C 258 7.46 -36.76 -11.15
N LEU C 259 6.76 -37.89 -11.06
CA LEU C 259 7.06 -38.92 -10.05
C LEU C 259 8.52 -39.42 -10.04
N PRO C 260 9.13 -39.72 -11.21
CA PRO C 260 10.54 -40.11 -11.18
C PRO C 260 11.45 -39.15 -10.42
N THR C 261 11.29 -37.84 -10.64
CA THR C 261 12.12 -36.84 -9.97
C THR C 261 11.76 -36.72 -8.48
N LEU C 262 10.46 -36.84 -8.18
CA LEU C 262 10.00 -36.86 -6.80
C LEU C 262 10.60 -38.07 -6.07
N GLN C 263 10.51 -39.23 -6.71
CA GLN C 263 11.05 -40.45 -6.13
C GLN C 263 12.55 -40.34 -5.88
N SER C 264 13.28 -39.75 -6.83
CA SER C 264 14.72 -39.53 -6.68
C SER C 264 15.01 -38.65 -5.46
N GLY C 265 14.23 -37.59 -5.28
CA GLY C 265 14.41 -36.68 -4.16
C GLY C 265 14.11 -37.33 -2.81
N MET C 266 13.05 -38.14 -2.79
CA MET C 266 12.65 -38.87 -1.59
C MET C 266 13.66 -39.92 -1.17
N ASP C 267 14.21 -40.66 -2.14
CA ASP C 267 15.30 -41.59 -1.87
C ASP C 267 16.50 -40.86 -1.29
N PHE C 268 16.82 -39.70 -1.85
CA PHE C 268 17.96 -38.93 -1.36
C PHE C 268 17.80 -38.57 0.12
N LEU C 269 16.66 -37.99 0.47
CA LEU C 269 16.39 -37.60 1.86
C LEU C 269 16.34 -38.82 2.79
N ARG C 270 15.70 -39.88 2.31
CA ARG C 270 15.62 -41.14 3.06
C ARG C 270 17.01 -41.73 3.40
N ASP C 271 17.97 -41.58 2.49
CA ASP C 271 19.27 -42.28 2.60
C ASP C 271 20.44 -41.36 2.92
N ASN C 272 20.21 -40.04 2.92
CA ASN C 272 21.26 -39.06 3.20
C ASN C 272 20.77 -38.01 4.18
N GLY C 273 19.87 -38.44 5.06
CA GLY C 273 19.21 -37.56 6.05
C GLY C 273 20.14 -36.74 6.91
N PRO C 274 21.07 -37.38 7.65
CA PRO C 274 22.00 -36.65 8.53
C PRO C 274 22.84 -35.57 7.84
N ALA C 275 23.20 -35.81 6.57
CA ALA C 275 23.96 -34.84 5.78
C ALA C 275 23.22 -33.51 5.57
N VAL C 276 21.90 -33.59 5.44
CA VAL C 276 21.07 -32.42 5.13
C VAL C 276 20.19 -31.93 6.28
N GLY C 277 20.15 -32.69 7.37
CA GLY C 277 19.39 -32.32 8.58
C GLY C 277 17.96 -32.87 8.59
N CYS C 278 17.78 -34.02 7.96
CA CYS C 278 16.46 -34.65 7.87
C CYS C 278 16.49 -35.88 8.75
N TYR C 279 15.88 -35.78 9.93
CA TYR C 279 15.88 -36.88 10.91
C TYR C 279 15.16 -38.12 10.37
N SER C 280 14.12 -37.88 9.59
CA SER C 280 13.28 -38.97 9.08
C SER C 280 12.61 -38.53 7.79
N ASN C 281 12.69 -39.38 6.77
CA ASN C 281 11.97 -39.13 5.55
C ASN C 281 11.20 -40.35 5.09
N ARG C 282 9.88 -40.19 5.00
CA ARG C 282 9.00 -41.24 4.51
C ARG C 282 8.27 -40.77 3.26
N PHE C 283 8.20 -41.63 2.24
CA PHE C 283 7.38 -41.34 1.08
C PHE C 283 6.31 -42.42 1.03
N VAL C 284 5.09 -42.04 1.37
CA VAL C 284 4.04 -43.02 1.66
C VAL C 284 2.89 -42.95 0.66
N ARG C 285 2.15 -44.05 0.53
CA ARG C 285 1.01 -44.12 -0.38
C ARG C 285 -0.25 -44.37 0.44
N ASN C 286 -1.30 -43.59 0.19
CA ASN C 286 -2.58 -43.83 0.86
C ASN C 286 -3.20 -45.18 0.52
N ILE C 287 -3.84 -45.77 1.52
CA ILE C 287 -4.50 -47.07 1.39
C ILE C 287 -5.90 -47.01 1.99
N ASP C 288 -6.75 -47.95 1.59
CA ASP C 288 -8.01 -48.16 2.29
C ASP C 288 -7.79 -49.03 3.53
N ILE C 289 -8.89 -49.34 4.22
CA ILE C 289 -8.86 -50.14 5.44
C ILE C 289 -8.29 -51.56 5.27
N ASP C 290 -8.27 -52.05 4.03
CA ASP C 290 -7.78 -53.39 3.72
C ASP C 290 -6.37 -53.43 3.12
N GLY C 291 -5.77 -52.25 2.99
CA GLY C 291 -4.39 -52.16 2.49
C GLY C 291 -4.26 -52.00 1.00
N ASN C 292 -5.38 -51.80 0.30
CA ASN C 292 -5.36 -51.52 -1.13
C ASN C 292 -4.93 -50.07 -1.38
N PHE C 293 -4.03 -49.86 -2.35
CA PHE C 293 -3.51 -48.51 -2.65
C PHE C 293 -4.58 -47.57 -3.21
N LEU C 294 -4.52 -46.32 -2.78
CA LEU C 294 -5.29 -45.23 -3.38
C LEU C 294 -4.30 -44.35 -4.16
N ASP C 295 -4.82 -43.53 -5.08
CA ASP C 295 -3.98 -42.72 -5.94
C ASP C 295 -3.72 -41.36 -5.30
N LEU C 296 -3.22 -41.43 -4.07
CA LEU C 296 -2.76 -40.28 -3.32
C LEU C 296 -1.50 -40.73 -2.61
N SER C 297 -0.56 -39.80 -2.45
CA SER C 297 0.67 -40.07 -1.70
C SER C 297 1.09 -38.83 -0.93
N TYR C 298 2.06 -38.99 -0.02
CA TYR C 298 2.76 -37.84 0.54
C TYR C 298 4.08 -38.15 1.23
N ASN C 299 4.91 -37.11 1.28
CA ASN C 299 6.14 -37.12 2.07
C ASN C 299 5.75 -36.80 3.50
N ILE C 300 6.36 -37.52 4.44
CA ILE C 300 6.33 -37.15 5.86
C ILE C 300 7.80 -36.96 6.23
N GLY C 301 8.22 -35.72 6.43
CA GLY C 301 9.62 -35.41 6.68
C GLY C 301 9.80 -34.61 7.95
N HIS C 302 10.62 -35.14 8.84
CA HIS C 302 11.00 -34.47 10.08
C HIS C 302 12.40 -33.90 9.91
N TRP C 303 12.55 -32.61 10.21
CA TRP C 303 13.79 -31.88 9.98
C TRP C 303 14.35 -31.22 11.25
N ALA C 304 15.68 -31.21 11.34
CA ALA C 304 16.41 -30.63 12.46
C ALA C 304 16.15 -29.13 12.63
N SER C 305 15.82 -28.47 11.52
CA SER C 305 15.39 -27.07 11.55
C SER C 305 14.55 -26.72 10.33
N LEU C 306 13.75 -25.66 10.44
CA LEU C 306 13.03 -25.12 9.30
C LEU C 306 13.99 -24.61 8.22
N ASP C 307 15.08 -23.98 8.65
CA ASP C 307 16.04 -23.44 7.69
C ASP C 307 16.79 -24.52 6.90
N GLN C 308 17.07 -25.66 7.54
CA GLN C 308 17.63 -26.81 6.80
C GLN C 308 16.67 -27.31 5.71
N LEU C 309 15.38 -27.34 6.01
CA LEU C 309 14.38 -27.70 5.01
C LEU C 309 14.36 -26.68 3.88
N GLU C 310 14.45 -25.40 4.22
CA GLU C 310 14.51 -24.33 3.24
C GLU C 310 15.72 -24.50 2.32
N ARG C 311 16.88 -24.80 2.92
CA ARG C 311 18.12 -24.97 2.18
C ARG C 311 18.01 -26.12 1.17
N TRP C 312 17.44 -27.23 1.62
CA TRP C 312 17.30 -28.38 0.72
C TRP C 312 16.36 -28.07 -0.46
N SER C 313 15.19 -27.52 -0.17
CA SER C 313 14.17 -27.25 -1.20
C SER C 313 14.63 -26.27 -2.28
N GLU C 314 15.42 -25.28 -1.88
CA GLU C 314 15.83 -24.18 -2.76
C GLU C 314 17.14 -24.44 -3.51
N SER C 315 17.90 -25.45 -3.08
CA SER C 315 19.25 -25.66 -3.63
C SER C 315 19.55 -27.06 -4.18
N HIS C 316 18.84 -28.08 -3.68
CA HIS C 316 19.12 -29.46 -4.11
C HIS C 316 18.59 -29.75 -5.52
N PRO C 317 19.44 -30.33 -6.39
CA PRO C 317 19.00 -30.57 -7.76
C PRO C 317 17.67 -31.32 -7.86
N THR C 318 17.40 -32.23 -6.93
CA THR C 318 16.14 -32.98 -6.96
C THR C 318 14.89 -32.10 -6.84
N HIS C 319 14.79 -31.29 -5.78
CA HIS C 319 13.62 -30.43 -5.64
C HIS C 319 13.57 -29.33 -6.70
N LEU C 320 14.73 -28.80 -7.06
CA LEU C 320 14.82 -27.84 -8.14
C LEU C 320 14.42 -28.51 -9.46
N ARG C 321 14.88 -29.75 -9.65
CA ARG C 321 14.50 -30.57 -10.80
C ARG C 321 12.99 -30.75 -10.78
N ILE C 322 12.48 -31.28 -9.66
CA ILE C 322 11.05 -31.33 -9.34
C ILE C 322 10.37 -29.99 -9.67
N PHE C 323 10.93 -28.90 -9.14
CA PHE C 323 10.42 -27.52 -9.30
C PHE C 323 10.46 -27.06 -10.77
N THR C 324 11.54 -27.36 -11.48
CA THR C 324 11.67 -26.99 -12.89
C THR C 324 10.91 -27.93 -13.84
N THR C 325 10.87 -29.22 -13.48
CA THR C 325 10.12 -30.23 -14.25
C THR C 325 8.62 -29.99 -14.09
N PHE C 326 8.23 -29.37 -12.98
CA PHE C 326 6.85 -28.95 -12.74
C PHE C 326 6.43 -27.86 -13.71
N PHE C 327 7.24 -26.82 -13.84
CA PHE C 327 6.93 -25.69 -14.72
C PHE C 327 7.08 -26.04 -16.21
N ARG C 328 7.92 -27.02 -16.51
CA ARG C 328 8.13 -27.52 -17.87
C ARG C 328 6.89 -28.23 -18.44
N VAL C 329 6.26 -29.08 -17.62
CA VAL C 329 5.08 -29.84 -18.04
C VAL C 329 3.76 -29.21 -17.59
N ALA C 330 3.85 -28.13 -16.81
CA ALA C 330 2.70 -27.47 -16.16
C ALA C 330 1.45 -27.29 -17.03
N ALA C 331 1.65 -27.09 -18.33
CA ALA C 331 0.57 -26.81 -19.27
C ALA C 331 -0.49 -27.91 -19.36
N GLY C 332 -0.05 -29.16 -19.24
CA GLY C 332 -0.94 -30.32 -19.38
C GLY C 332 -1.59 -30.79 -18.09
N LEU C 333 -1.56 -29.94 -17.07
CA LEU C 333 -2.14 -30.25 -15.75
C LEU C 333 -3.43 -29.45 -15.47
N SER C 334 -4.40 -30.11 -14.84
CA SER C 334 -5.75 -29.58 -14.62
C SER C 334 -6.50 -30.24 -13.45
N LYS C 335 -6.16 -31.50 -13.14
CA LYS C 335 -6.84 -32.25 -12.08
C LYS C 335 -5.91 -32.80 -11.00
N LEU C 336 -4.61 -32.80 -11.27
CA LEU C 336 -3.60 -33.18 -10.27
C LEU C 336 -3.64 -32.20 -9.12
N ARG C 337 -3.69 -32.74 -7.90
CA ARG C 337 -3.78 -31.93 -6.71
C ARG C 337 -2.50 -32.05 -5.92
N LEU C 338 -1.82 -30.92 -5.75
CA LEU C 338 -0.57 -30.86 -4.98
C LEU C 338 -0.71 -29.85 -3.86
N TYR C 339 -0.08 -30.12 -2.72
CA TYR C 339 -0.25 -29.29 -1.53
C TYR C 339 0.86 -29.63 -0.55
N HIS C 340 1.02 -28.80 0.46
CA HIS C 340 1.76 -29.19 1.65
C HIS C 340 1.26 -28.51 2.92
N GLU C 341 1.61 -29.11 4.05
CA GLU C 341 1.49 -28.48 5.36
C GLU C 341 2.88 -28.56 6.00
N VAL C 342 3.32 -27.45 6.58
CA VAL C 342 4.58 -27.44 7.35
C VAL C 342 4.34 -26.86 8.74
N SER C 343 4.87 -27.53 9.76
CA SER C 343 4.71 -27.15 11.16
C SER C 343 6.04 -27.09 11.89
N VAL C 344 6.12 -26.25 12.92
CA VAL C 344 7.24 -26.26 13.87
C VAL C 344 6.68 -26.41 15.29
N PHE C 345 7.49 -26.92 16.22
CA PHE C 345 6.95 -27.16 17.56
C PHE C 345 7.96 -26.90 18.67
N ASP C 346 7.45 -26.47 19.82
CA ASP C 346 8.22 -26.50 21.07
C ASP C 346 8.57 -27.95 21.42
N ALA C 347 9.65 -28.12 22.18
CA ALA C 347 10.10 -29.46 22.54
C ALA C 347 8.99 -30.24 23.25
N ALA C 348 8.30 -29.56 24.18
CA ALA C 348 7.21 -30.15 24.97
C ALA C 348 5.99 -30.60 24.15
N ASP C 349 5.91 -30.13 22.91
CA ASP C 349 4.76 -30.43 22.06
C ASP C 349 5.01 -31.56 21.08
N GLN C 350 6.07 -32.34 21.34
CA GLN C 350 6.40 -33.49 20.51
C GLN C 350 6.68 -34.70 21.38
N LEU C 351 6.11 -35.83 20.97
CA LEU C 351 6.33 -37.11 21.63
C LEU C 351 6.54 -38.15 20.54
N TYR C 352 7.65 -38.85 20.62
CA TYR C 352 7.96 -39.92 19.66
C TYR C 352 8.21 -41.19 20.45
N GLU C 353 7.25 -42.12 20.36
CA GLU C 353 7.31 -43.33 21.15
C GLU C 353 7.27 -44.56 20.26
N TYR C 354 8.13 -45.52 20.57
CA TYR C 354 8.33 -46.72 19.75
C TYR C 354 8.30 -47.98 20.60
N ILE C 355 7.65 -49.02 20.08
CA ILE C 355 7.67 -50.34 20.71
C ILE C 355 8.11 -51.36 19.67
N ASN C 356 9.23 -52.03 19.92
CA ASN C 356 9.74 -53.09 19.04
C ASN C 356 9.84 -52.68 17.56
N CYS C 357 10.41 -51.49 17.33
CA CYS C 357 10.69 -51.00 16.00
C CYS C 357 12.19 -51.14 15.76
N HIS C 358 12.61 -51.30 14.51
CA HIS C 358 14.04 -51.33 14.21
C HIS C 358 14.68 -49.96 14.52
N PRO C 359 15.97 -49.96 14.94
CA PRO C 359 16.65 -48.74 15.42
C PRO C 359 16.76 -47.57 14.43
N GLY C 360 16.35 -47.77 13.19
CA GLY C 360 16.36 -46.70 12.18
C GLY C 360 15.00 -46.05 12.00
N THR C 361 14.00 -46.54 12.72
CA THR C 361 12.63 -46.09 12.60
C THR C 361 12.43 -44.66 13.10
N GLY C 362 11.95 -43.78 12.23
CA GLY C 362 11.60 -42.41 12.61
C GLY C 362 12.71 -41.72 13.36
N MET C 363 12.36 -41.17 14.52
CA MET C 363 13.28 -40.40 15.35
C MET C 363 14.24 -41.26 16.18
N LEU C 364 14.15 -42.57 16.06
CA LEU C 364 15.13 -43.47 16.69
C LEU C 364 16.53 -43.35 16.07
N ARG C 365 16.59 -43.05 14.77
CA ARG C 365 17.85 -43.10 14.04
C ARG C 365 18.86 -42.08 14.55
N ASP C 366 18.41 -40.84 14.75
CA ASP C 366 19.28 -39.71 15.04
C ASP C 366 19.31 -39.25 16.51
N ALA C 367 18.36 -39.73 17.31
CA ALA C 367 18.26 -39.34 18.73
C ALA C 367 19.50 -39.72 19.56
N VAL C 368 19.86 -38.86 20.51
CA VAL C 368 21.05 -39.06 21.35
C VAL C 368 20.78 -39.80 22.65
N THR C 369 21.81 -40.47 23.17
CA THR C 369 21.70 -41.31 24.38
C THR C 369 21.90 -40.54 25.69
N ILE C 370 21.27 -41.04 26.75
CA ILE C 370 21.21 -40.38 28.07
C ILE C 370 22.56 -39.86 28.62
N ALA C 371 23.54 -40.75 28.76
CA ALA C 371 24.82 -40.39 29.35
C ALA C 371 25.75 -39.66 28.35
N GLU C 372 25.38 -39.70 27.07
CA GLU C 372 26.20 -39.15 25.99
C GLU C 372 26.04 -37.63 25.77
N HIS C 373 26.02 -36.88 26.88
CA HIS C 373 26.11 -35.41 26.85
C HIS C 373 26.05 -34.80 28.25
N MET D 21 31.09 -14.37 11.95
CA MET D 21 31.65 -14.15 10.59
C MET D 21 31.59 -12.69 10.19
N GLU D 22 32.36 -12.32 9.16
CA GLU D 22 32.27 -10.97 8.62
C GLU D 22 30.99 -10.77 7.84
N SER D 23 30.49 -9.53 7.86
CA SER D 23 29.31 -9.13 7.09
C SER D 23 29.72 -8.52 5.75
N ALA D 24 28.91 -8.81 4.73
CA ALA D 24 29.04 -8.16 3.43
C ALA D 24 28.83 -6.65 3.55
N ILE D 25 28.05 -6.22 4.55
CA ILE D 25 27.83 -4.79 4.77
C ILE D 25 29.00 -4.18 5.55
N GLY D 26 29.64 -3.18 4.94
CA GLY D 26 30.78 -2.48 5.54
C GLY D 26 30.42 -1.89 6.88
N GLU D 27 31.37 -1.95 7.81
CA GLU D 27 31.13 -1.52 9.20
C GLU D 27 30.44 -0.16 9.28
N HIS D 28 30.97 0.82 8.55
CA HIS D 28 30.43 2.18 8.59
C HIS D 28 29.00 2.31 8.05
N LEU D 29 28.57 1.30 7.29
CA LEU D 29 27.24 1.29 6.66
C LEU D 29 26.21 0.48 7.46
N GLN D 30 26.67 -0.18 8.52
CA GLN D 30 25.79 -0.91 9.43
C GLN D 30 24.98 0.06 10.28
N CYS D 31 23.67 -0.17 10.35
CA CYS D 31 22.77 0.71 11.09
C CYS D 31 21.69 -0.11 11.83
N PRO D 32 20.98 0.53 12.79
CA PRO D 32 19.77 -0.06 13.37
C PRO D 32 18.80 -0.47 12.26
N ARG D 33 18.33 -1.71 12.33
CA ARG D 33 17.55 -2.32 11.27
C ARG D 33 16.06 -2.09 11.45
N THR D 34 15.36 -1.95 10.34
CA THR D 34 13.90 -2.07 10.35
C THR D 34 13.44 -3.26 9.53
N LEU D 35 14.24 -3.60 8.52
CA LEU D 35 14.01 -4.81 7.74
C LEU D 35 15.02 -5.88 8.11
N THR D 36 14.56 -7.12 8.19
CA THR D 36 15.40 -8.22 8.63
C THR D 36 15.77 -9.20 7.52
N ARG D 37 16.75 -10.06 7.82
CA ARG D 37 17.18 -11.11 6.89
C ARG D 37 16.18 -12.26 6.87
N ARG D 38 16.36 -13.18 5.93
CA ARG D 38 15.47 -14.34 5.82
C ARG D 38 16.09 -15.63 6.40
N VAL D 39 17.27 -15.49 7.00
CA VAL D 39 17.96 -16.61 7.63
C VAL D 39 18.24 -16.30 9.09
N PRO D 40 18.16 -17.31 9.97
CA PRO D 40 18.48 -17.07 11.38
C PRO D 40 19.95 -16.74 11.60
N ASP D 41 20.28 -16.26 12.79
CA ASP D 41 21.64 -15.83 13.13
C ASP D 41 22.67 -16.95 13.09
N THR D 42 22.22 -18.19 13.21
CA THR D 42 23.12 -19.34 13.20
C THR D 42 23.61 -19.74 11.80
N TYR D 43 23.10 -19.07 10.75
CA TYR D 43 23.44 -19.42 9.36
C TYR D 43 24.94 -19.34 9.06
N THR D 44 25.44 -20.42 8.44
CA THR D 44 26.82 -20.50 7.96
C THR D 44 26.80 -21.00 6.50
N PRO D 45 27.37 -20.20 5.56
CA PRO D 45 27.41 -20.56 4.14
C PRO D 45 28.21 -21.84 3.86
N PRO D 46 27.84 -22.60 2.81
CA PRO D 46 28.46 -23.89 2.51
C PRO D 46 29.81 -23.80 1.80
N PHE D 47 30.21 -22.61 1.38
CA PHE D 47 31.50 -22.37 0.72
C PHE D 47 31.91 -20.90 0.91
N PRO D 48 33.22 -20.59 0.80
CA PRO D 48 33.65 -19.21 1.01
C PRO D 48 33.40 -18.29 -0.19
N MET D 49 32.92 -17.08 0.11
CA MET D 49 32.82 -16.00 -0.87
C MET D 49 33.23 -14.70 -0.20
N TRP D 50 33.61 -13.71 -1.00
CA TRP D 50 34.18 -12.47 -0.51
C TRP D 50 33.47 -11.27 -1.15
N VAL D 51 33.64 -10.10 -0.55
CA VAL D 51 33.05 -8.87 -1.07
C VAL D 51 34.06 -7.72 -1.08
N GLY D 52 33.78 -6.70 -1.89
CA GLY D 52 34.59 -5.49 -1.90
C GLY D 52 34.39 -4.68 -0.62
N ARG D 53 35.50 -4.17 -0.09
CA ARG D 53 35.49 -3.24 1.05
C ARG D 53 35.89 -1.83 0.62
N ALA D 54 35.24 -0.82 1.21
CA ALA D 54 35.68 0.57 1.11
C ALA D 54 35.22 1.33 2.35
N ASP D 55 36.00 2.32 2.76
CA ASP D 55 35.63 3.13 3.93
C ASP D 55 34.60 4.22 3.59
N ASP D 56 34.35 5.13 4.53
CA ASP D 56 33.31 6.14 4.35
C ASP D 56 33.61 7.21 3.29
N ALA D 57 34.84 7.24 2.77
CA ALA D 57 35.20 8.15 1.69
C ALA D 57 34.49 7.82 0.38
N LEU D 58 34.09 6.56 0.23
CA LEU D 58 33.33 6.15 -0.94
C LEU D 58 31.84 6.21 -0.61
N GLN D 59 31.22 7.36 -0.95
CA GLN D 59 29.80 7.58 -0.67
C GLN D 59 28.91 7.16 -1.83
N GLN D 60 29.35 7.45 -3.05
CA GLN D 60 28.57 7.27 -4.27
C GLN D 60 29.49 7.13 -5.46
N VAL D 61 29.29 6.09 -6.27
CA VAL D 61 30.12 5.86 -7.45
C VAL D 61 29.38 6.21 -8.73
N VAL D 62 30.12 6.39 -9.83
CA VAL D 62 29.48 6.52 -11.14
C VAL D 62 29.95 5.38 -12.02
N MET D 63 29.00 4.69 -12.62
CA MET D 63 29.30 3.65 -13.58
C MET D 63 28.87 4.18 -14.95
N GLY D 64 29.83 4.43 -15.82
CA GLY D 64 29.53 5.00 -17.14
C GLY D 64 29.86 4.02 -18.25
N TYR D 65 28.83 3.51 -18.92
CA TYR D 65 28.99 2.57 -20.02
C TYR D 65 28.87 3.33 -21.34
N LEU D 66 29.98 3.40 -22.07
CA LEU D 66 30.10 4.24 -23.27
C LEU D 66 30.28 3.36 -24.50
N GLY D 67 29.31 3.40 -25.39
CA GLY D 67 29.26 2.48 -26.52
C GLY D 67 29.44 3.09 -27.90
N VAL D 68 29.95 2.25 -28.81
CA VAL D 68 30.02 2.55 -30.23
C VAL D 68 29.35 1.36 -30.92
N GLN D 69 28.41 1.65 -31.81
CA GLN D 69 27.63 0.61 -32.47
C GLN D 69 27.73 0.69 -33.99
N PHE D 70 27.88 -0.46 -34.64
CA PHE D 70 27.98 -0.56 -36.10
C PHE D 70 27.59 -1.97 -36.58
N ARG D 71 27.29 -2.11 -37.87
CA ARG D 71 26.90 -3.40 -38.44
CA ARG D 71 26.86 -3.39 -38.45
C ARG D 71 27.66 -3.78 -39.70
N ASP D 72 28.02 -2.79 -40.51
CA ASP D 72 28.77 -3.05 -41.73
C ASP D 72 30.26 -3.23 -41.39
N GLU D 73 30.88 -4.21 -42.04
CA GLU D 73 32.30 -4.50 -41.83
CA GLU D 73 32.30 -4.50 -41.83
C GLU D 73 33.18 -3.27 -42.08
N ASP D 74 32.84 -2.50 -43.11
CA ASP D 74 33.59 -1.32 -43.51
C ASP D 74 33.63 -0.23 -42.43
N GLN D 75 32.68 -0.31 -41.49
CA GLN D 75 32.59 0.63 -40.36
C GLN D 75 33.55 0.26 -39.22
N ARG D 76 34.11 -0.95 -39.23
CA ARG D 76 34.97 -1.41 -38.13
C ARG D 76 36.18 -0.50 -37.82
N PRO D 77 36.95 -0.08 -38.86
CA PRO D 77 38.06 0.83 -38.60
C PRO D 77 37.64 2.11 -37.88
N ALA D 78 36.55 2.74 -38.34
CA ALA D 78 36.04 3.96 -37.73
C ALA D 78 35.49 3.70 -36.33
N ALA D 79 34.83 2.56 -36.16
CA ALA D 79 34.28 2.19 -34.85
C ALA D 79 35.38 1.99 -33.82
N LEU D 80 36.46 1.31 -34.21
CA LEU D 80 37.59 1.05 -33.33
C LEU D 80 38.35 2.33 -32.98
N GLN D 81 38.47 3.23 -33.95
CA GLN D 81 39.07 4.54 -33.73
C GLN D 81 38.27 5.33 -32.70
N ALA D 82 36.94 5.32 -32.87
CA ALA D 82 36.03 5.97 -31.92
C ALA D 82 36.23 5.47 -30.50
N MET D 83 36.31 4.15 -30.36
CA MET D 83 36.57 3.50 -29.06
C MET D 83 37.90 3.98 -28.48
N ARG D 84 38.92 4.05 -29.33
CA ARG D 84 40.25 4.54 -28.96
C ARG D 84 40.20 5.99 -28.50
N ASP D 85 39.42 6.81 -29.21
CA ASP D 85 39.23 8.23 -28.87
C ASP D 85 38.57 8.38 -27.49
N ILE D 86 37.58 7.54 -27.21
CA ILE D 86 36.87 7.52 -25.93
C ILE D 86 37.84 7.16 -24.79
N VAL D 87 38.63 6.11 -25.00
CA VAL D 87 39.62 5.63 -24.03
C VAL D 87 40.68 6.68 -23.75
N ALA D 88 41.08 7.42 -24.79
CA ALA D 88 42.03 8.52 -24.66
C ALA D 88 41.48 9.64 -23.75
N GLY D 89 40.18 9.89 -23.85
CA GLY D 89 39.51 10.88 -23.01
C GLY D 89 39.42 10.47 -21.56
N PHE D 90 39.57 9.17 -21.31
CA PHE D 90 39.62 8.60 -19.96
C PHE D 90 40.93 8.94 -19.25
N ASP D 91 41.96 9.27 -20.03
CA ASP D 91 43.28 9.62 -19.50
C ASP D 91 43.42 11.09 -19.10
N LEU D 92 42.34 11.86 -19.27
CA LEU D 92 42.33 13.29 -18.93
C LEU D 92 42.04 13.48 -17.45
N PRO D 93 42.26 14.71 -16.91
CA PRO D 93 41.86 14.97 -15.53
C PRO D 93 40.41 14.57 -15.26
N ASP D 94 40.18 13.99 -14.09
CA ASP D 94 38.85 13.54 -13.64
C ASP D 94 38.28 12.37 -14.44
N GLY D 95 39.13 11.72 -15.23
CA GLY D 95 38.76 10.47 -15.90
C GLY D 95 38.50 9.40 -14.86
N PRO D 96 37.98 8.24 -15.28
CA PRO D 96 37.64 7.19 -14.33
C PRO D 96 38.86 6.56 -13.68
N ALA D 97 38.68 6.10 -12.44
CA ALA D 97 39.72 5.37 -11.71
C ALA D 97 40.03 4.02 -12.35
N HIS D 98 39.06 3.43 -13.02
CA HIS D 98 39.22 2.11 -13.63
C HIS D 98 38.31 2.03 -14.85
N HIS D 99 38.72 1.24 -15.84
CA HIS D 99 37.89 0.99 -17.01
C HIS D 99 38.24 -0.35 -17.65
N ASP D 100 37.30 -0.90 -18.41
CA ASP D 100 37.58 -2.06 -19.27
C ASP D 100 36.74 -2.01 -20.56
N LEU D 101 37.17 -2.76 -21.57
CA LEU D 101 36.59 -2.64 -22.89
C LEU D 101 35.99 -3.97 -23.31
N THR D 102 34.80 -3.94 -23.91
CA THR D 102 34.13 -5.17 -24.35
C THR D 102 33.48 -5.10 -25.74
N HIS D 103 33.23 -6.28 -26.31
CA HIS D 103 32.58 -6.43 -27.60
C HIS D 103 31.42 -7.43 -27.48
N HIS D 104 30.33 -7.15 -28.19
CA HIS D 104 29.26 -8.10 -28.39
C HIS D 104 28.44 -7.80 -29.66
N ILE D 105 27.84 -8.84 -30.22
CA ILE D 105 26.85 -8.71 -31.30
C ILE D 105 25.44 -8.90 -30.73
N ASP D 106 24.57 -7.91 -30.96
CA ASP D 106 23.21 -7.98 -30.40
C ASP D 106 22.27 -8.83 -31.27
N ASN D 107 21.01 -8.97 -30.86
CA ASN D 107 20.06 -9.81 -31.61
C ASN D 107 19.54 -9.19 -32.91
N GLN D 108 19.99 -7.96 -33.20
CA GLN D 108 19.73 -7.30 -34.48
C GLN D 108 20.96 -7.37 -35.39
N GLY D 109 22.01 -8.04 -34.93
CA GLY D 109 23.23 -8.25 -35.72
C GLY D 109 24.19 -7.06 -35.75
N TYR D 110 23.97 -6.10 -34.86
CA TYR D 110 24.86 -4.96 -34.71
C TYR D 110 25.98 -5.28 -33.73
N GLU D 111 27.20 -4.89 -34.08
CA GLU D 111 28.34 -5.06 -33.19
C GLU D 111 28.42 -3.84 -32.27
N ASN D 112 28.76 -4.10 -31.01
CA ASN D 112 28.76 -3.07 -29.97
C ASN D 112 30.02 -3.09 -29.15
N LEU D 113 30.80 -2.01 -29.29
CA LEU D 113 31.97 -1.79 -28.49
CA LEU D 113 31.99 -1.78 -28.49
C LEU D 113 31.55 -0.96 -27.28
N ILE D 114 31.80 -1.48 -26.08
CA ILE D 114 31.46 -0.74 -24.86
C ILE D 114 32.66 -0.61 -23.93
N VAL D 115 32.98 0.64 -23.58
CA VAL D 115 33.99 0.95 -22.56
C VAL D 115 33.24 1.38 -21.31
N VAL D 116 33.48 0.67 -20.21
CA VAL D 116 32.87 1.03 -18.92
C VAL D 116 33.88 1.72 -18.04
N GLY D 117 33.51 2.90 -17.54
CA GLY D 117 34.32 3.65 -16.59
C GLY D 117 33.71 3.67 -15.21
N TYR D 118 34.56 3.59 -14.18
CA TYR D 118 34.13 3.71 -12.80
C TYR D 118 34.84 4.91 -12.15
N TRP D 119 34.04 5.83 -11.63
CA TRP D 119 34.52 6.99 -10.87
C TRP D 119 34.18 6.81 -9.39
N LYS D 120 35.07 7.27 -8.52
CA LYS D 120 34.89 7.14 -7.07
C LYS D 120 33.98 8.21 -6.47
N ASP D 121 33.54 9.16 -7.30
CA ASP D 121 32.63 10.21 -6.85
C ASP D 121 31.85 10.85 -8.00
N VAL D 122 30.74 11.50 -7.66
CA VAL D 122 29.89 12.12 -8.66
C VAL D 122 30.52 13.40 -9.23
N SER D 123 31.13 14.21 -8.36
CA SER D 123 31.69 15.49 -8.79
C SER D 123 32.81 15.34 -9.82
N SER D 124 33.73 14.39 -9.61
CA SER D 124 34.78 14.11 -10.61
C SER D 124 34.21 13.74 -11.98
N GLN D 125 33.17 12.90 -12.01
CA GLN D 125 32.56 12.47 -13.26
C GLN D 125 31.87 13.62 -13.97
N HIS D 126 31.20 14.46 -13.19
CA HIS D 126 30.55 15.65 -13.73
C HIS D 126 31.56 16.63 -14.30
N ARG D 127 32.64 16.89 -13.55
CA ARG D 127 33.75 17.71 -14.03
C ARG D 127 34.35 17.17 -15.32
N TRP D 128 34.44 15.84 -15.41
CA TRP D 128 34.99 15.17 -16.59
C TRP D 128 34.10 15.35 -17.82
N SER D 129 32.81 15.05 -17.67
CA SER D 129 31.88 15.07 -18.80
C SER D 129 31.53 16.48 -19.30
N THR D 130 31.71 17.47 -18.43
CA THR D 130 31.47 18.88 -18.76
C THR D 130 32.73 19.59 -19.25
N SER D 131 33.89 18.94 -19.08
CA SER D 131 35.15 19.47 -19.59
C SER D 131 35.08 19.54 -21.12
N THR D 132 35.66 20.60 -21.69
CA THR D 132 35.55 20.89 -23.12
C THR D 132 35.90 19.71 -24.06
N PRO D 133 37.05 19.03 -23.86
CA PRO D 133 37.39 17.95 -24.79
C PRO D 133 36.38 16.81 -24.80
N ILE D 134 35.71 16.57 -23.67
CA ILE D 134 34.70 15.51 -23.57
C ILE D 134 33.33 15.98 -24.05
N ALA D 135 32.94 17.19 -23.63
CA ALA D 135 31.63 17.75 -23.95
C ALA D 135 31.48 18.10 -25.43
N SER D 136 32.53 18.67 -26.02
CA SER D 136 32.52 19.05 -27.44
C SER D 136 32.47 17.83 -28.37
N TRP D 137 33.02 16.70 -27.90
CA TRP D 137 32.96 15.46 -28.67
C TRP D 137 31.54 14.88 -28.71
N TRP D 138 30.87 14.87 -27.56
CA TRP D 138 29.54 14.30 -27.44
C TRP D 138 28.46 15.15 -28.10
N GLU D 139 28.64 16.47 -28.05
CA GLU D 139 27.71 17.44 -28.65
C GLU D 139 28.01 17.71 -30.13
N SER D 140 29.10 17.13 -30.63
CA SER D 140 29.60 17.39 -31.98
C SER D 140 28.64 16.94 -33.09
N GLU D 141 28.68 17.68 -34.19
CA GLU D 141 27.95 17.33 -35.41
C GLU D 141 28.50 16.04 -36.00
N ASP D 142 29.77 15.78 -35.74
CA ASP D 142 30.45 14.57 -36.19
C ASP D 142 29.75 13.29 -35.69
N ARG D 143 29.04 13.39 -34.57
CA ARG D 143 28.34 12.22 -33.99
C ARG D 143 27.18 11.74 -34.87
N LEU D 144 26.54 12.66 -35.56
CA LEU D 144 25.42 12.34 -36.45
C LEU D 144 25.91 11.97 -37.86
N SER D 145 27.01 12.60 -38.29
CA SER D 145 27.59 12.33 -39.59
C SER D 145 28.51 11.10 -39.65
N ASP D 146 28.97 10.64 -38.49
CA ASP D 146 29.86 9.47 -38.40
C ASP D 146 29.30 8.19 -39.03
N GLY D 147 27.99 8.00 -38.90
CA GLY D 147 27.33 6.79 -39.41
C GLY D 147 27.31 5.68 -38.38
N LEU D 148 28.07 5.88 -37.29
CA LEU D 148 28.12 4.94 -36.19
C LEU D 148 27.03 5.29 -35.18
N GLY D 149 26.62 4.30 -34.39
CA GLY D 149 25.82 4.55 -33.20
C GLY D 149 26.74 4.87 -32.05
N PHE D 150 26.29 5.77 -31.18
CA PHE D 150 27.00 6.07 -29.95
C PHE D 150 26.00 6.03 -28.81
N PHE D 151 26.44 5.59 -27.64
CA PHE D 151 25.59 5.69 -26.46
C PHE D 151 26.36 5.96 -25.16
N ARG D 152 25.66 6.57 -24.22
CA ARG D 152 26.13 6.79 -22.86
C ARG D 152 25.05 6.32 -21.91
N GLU D 153 25.37 5.32 -21.10
CA GLU D 153 24.45 4.81 -20.10
C GLU D 153 25.14 4.98 -18.77
N ILE D 154 24.84 6.10 -18.12
CA ILE D 154 25.53 6.53 -16.91
C ILE D 154 24.59 6.46 -15.71
N VAL D 155 25.04 5.76 -14.66
CA VAL D 155 24.27 5.55 -13.43
C VAL D 155 25.16 5.81 -12.22
N ALA D 156 24.57 6.23 -11.09
CA ALA D 156 25.36 6.60 -9.91
C ALA D 156 24.81 6.07 -8.58
N PRO D 157 25.06 4.78 -8.27
CA PRO D 157 24.57 4.23 -7.00
C PRO D 157 25.41 4.71 -5.82
N ARG D 158 24.74 5.02 -4.72
CA ARG D 158 25.39 5.29 -3.44
C ARG D 158 26.00 3.99 -2.94
N ALA D 159 26.96 4.08 -2.01
CA ALA D 159 27.59 2.89 -1.43
C ALA D 159 26.56 1.92 -0.82
N GLU D 160 25.45 2.47 -0.34
CA GLU D 160 24.39 1.67 0.25
C GLU D 160 23.54 0.96 -0.81
N GLN D 161 23.71 1.35 -2.07
CA GLN D 161 22.87 0.85 -3.16
C GLN D 161 23.56 -0.10 -4.15
N PHE D 162 24.70 -0.66 -3.76
CA PHE D 162 25.26 -1.75 -4.56
C PHE D 162 25.90 -2.83 -3.69
N GLU D 163 25.96 -4.04 -4.23
CA GLU D 163 26.61 -5.14 -3.56
C GLU D 163 27.54 -5.84 -4.53
N THR D 164 28.59 -6.45 -3.99
CA THR D 164 29.49 -7.25 -4.80
C THR D 164 29.60 -8.66 -4.22
N LEU D 165 29.95 -9.62 -5.06
CA LEU D 165 30.22 -10.99 -4.62
C LEU D 165 31.28 -11.61 -5.52
N TYR D 166 32.36 -12.07 -4.89
CA TYR D 166 33.53 -12.59 -5.58
C TYR D 166 33.88 -14.00 -5.10
N ALA D 167 34.11 -14.90 -6.04
CA ALA D 167 34.56 -16.25 -5.72
C ALA D 167 36.09 -16.31 -5.66
N PHE D 168 36.70 -15.15 -5.42
CA PHE D 168 38.15 -14.98 -5.35
C PHE D 168 38.45 -13.73 -4.53
N GLN D 169 39.73 -13.51 -4.21
CA GLN D 169 40.11 -12.45 -3.27
C GLN D 169 41.01 -11.39 -3.89
N GLU D 170 41.62 -11.73 -5.00
CA GLU D 170 42.66 -10.90 -5.61
C GLU D 170 42.18 -10.25 -6.89
N ASP D 171 42.66 -9.03 -7.14
CA ASP D 171 42.57 -8.43 -8.47
C ASP D 171 41.12 -8.18 -8.90
N LEU D 172 40.37 -7.43 -8.10
CA LEU D 172 38.93 -7.30 -8.35
C LEU D 172 38.62 -6.52 -9.63
N PRO D 173 37.76 -7.09 -10.50
CA PRO D 173 37.24 -6.44 -11.69
C PRO D 173 36.03 -5.56 -11.40
N GLY D 174 35.69 -4.67 -12.34
CA GLY D 174 34.50 -3.85 -12.21
C GLY D 174 34.62 -2.89 -11.04
N VAL D 175 33.50 -2.66 -10.35
CA VAL D 175 33.45 -1.71 -9.24
C VAL D 175 34.39 -2.09 -8.09
N GLY D 176 34.68 -3.38 -7.94
CA GLY D 176 35.64 -3.84 -6.94
C GLY D 176 37.00 -3.18 -7.10
N ALA D 177 37.35 -2.83 -8.33
CA ALA D 177 38.64 -2.20 -8.64
C ALA D 177 38.77 -0.76 -8.10
N VAL D 178 37.64 -0.10 -7.82
CA VAL D 178 37.68 1.28 -7.29
C VAL D 178 37.38 1.31 -5.78
N MET D 179 37.09 0.15 -5.22
CA MET D 179 36.95 0.00 -3.77
C MET D 179 38.35 -0.14 -3.14
N ASP D 180 38.38 -0.22 -1.81
CA ASP D 180 39.66 -0.19 -1.06
C ASP D 180 40.38 -1.53 -0.98
N GLY D 181 39.61 -2.62 -0.93
CA GLY D 181 40.20 -3.95 -0.82
C GLY D 181 39.18 -5.07 -0.67
N ILE D 182 39.65 -6.22 -0.19
CA ILE D 182 38.80 -7.41 -0.04
C ILE D 182 38.42 -7.68 1.42
N SER D 183 37.24 -8.26 1.61
CA SER D 183 36.76 -8.66 2.92
C SER D 183 37.28 -10.03 3.29
N GLY D 184 36.98 -10.48 4.51
CA GLY D 184 37.11 -11.90 4.85
C GLY D 184 35.94 -12.66 4.25
N GLU D 185 35.83 -13.95 4.57
CA GLU D 185 34.70 -14.75 4.12
C GLU D 185 33.43 -14.16 4.73
N ILE D 186 32.40 -13.98 3.90
CA ILE D 186 31.17 -13.32 4.36
C ILE D 186 30.03 -14.27 4.63
N ASN D 187 29.17 -13.88 5.57
CA ASN D 187 28.03 -14.70 5.98
C ASN D 187 26.89 -14.68 4.97
N GLU D 188 26.61 -13.52 4.38
CA GLU D 188 25.39 -13.29 3.59
C GLU D 188 25.44 -13.75 2.14
N HIS D 189 25.61 -15.07 1.93
CA HIS D 189 25.53 -15.67 0.60
C HIS D 189 25.17 -17.16 0.72
N GLY D 190 24.87 -17.80 -0.41
CA GLY D 190 24.55 -19.23 -0.44
C GLY D 190 23.07 -19.58 -0.35
N TYR D 191 22.21 -18.56 -0.44
CA TYR D 191 20.75 -18.75 -0.40
C TYR D 191 20.07 -17.66 -1.23
N TRP D 192 18.90 -17.97 -1.79
CA TRP D 192 18.13 -16.99 -2.54
C TRP D 192 17.64 -15.89 -1.61
N GLY D 193 17.87 -14.64 -1.99
CA GLY D 193 17.62 -13.52 -1.09
C GLY D 193 18.89 -12.95 -0.49
N SER D 194 20.02 -13.64 -0.69
CA SER D 194 21.30 -13.18 -0.12
C SER D 194 21.85 -11.95 -0.82
N MET D 195 21.62 -11.83 -2.12
CA MET D 195 22.01 -10.61 -2.86
C MET D 195 21.37 -9.38 -2.21
N ARG D 196 20.05 -9.43 -2.03
CA ARG D 196 19.32 -8.33 -1.40
C ARG D 196 19.94 -7.95 -0.08
N GLU D 197 20.27 -8.94 0.75
CA GLU D 197 20.82 -8.70 2.07
C GLU D 197 22.26 -8.16 2.06
N ARG D 198 22.97 -8.33 0.94
CA ARG D 198 24.30 -7.72 0.79
C ARG D 198 24.23 -6.22 0.46
N PHE D 199 23.07 -5.74 0.01
CA PHE D 199 22.84 -4.29 -0.13
C PHE D 199 22.70 -3.68 1.27
N PRO D 200 23.58 -2.72 1.63
CA PRO D 200 23.45 -2.04 2.92
C PRO D 200 22.06 -1.40 3.12
N ILE D 201 21.48 -0.86 2.05
CA ILE D 201 20.16 -0.21 2.17
C ILE D 201 19.02 -1.19 2.51
N SER D 202 19.25 -2.50 2.35
CA SER D 202 18.25 -3.53 2.68
C SER D 202 17.91 -3.60 4.18
N GLN D 203 18.77 -3.01 4.98
CA GLN D 203 18.57 -2.84 6.41
C GLN D 203 17.36 -1.97 6.70
N THR D 204 16.94 -1.17 5.71
CA THR D 204 15.89 -0.17 5.90
C THR D 204 14.88 -0.04 4.76
N ASP D 205 15.31 -0.36 3.53
CA ASP D 205 14.59 0.01 2.31
C ASP D 205 14.28 -1.22 1.46
N TRP D 206 13.06 -1.26 0.95
CA TRP D 206 12.56 -2.34 0.10
C TRP D 206 13.13 -2.34 -1.32
N MET D 207 13.68 -1.19 -1.72
CA MET D 207 14.15 -0.99 -3.10
C MET D 207 13.03 -1.32 -4.10
N GLN D 208 11.82 -0.88 -3.75
CA GLN D 208 10.64 -1.10 -4.58
C GLN D 208 10.69 -0.19 -5.80
N ALA D 209 10.46 -0.79 -6.97
CA ALA D 209 10.39 -0.02 -8.20
C ALA D 209 9.11 0.82 -8.28
N SER D 210 9.24 2.03 -8.79
CA SER D 210 8.10 2.89 -9.14
C SER D 210 8.51 3.81 -10.27
N GLY D 211 7.52 4.28 -11.03
CA GLY D 211 7.74 5.15 -12.17
C GLY D 211 7.98 4.34 -13.44
N GLU D 212 8.34 5.04 -14.50
CA GLU D 212 8.58 4.36 -15.76
C GLU D 212 9.82 4.82 -16.52
N LEU D 213 10.37 3.92 -17.32
CA LEU D 213 11.47 4.21 -18.20
C LEU D 213 10.88 5.04 -19.34
N ARG D 214 11.42 6.25 -19.53
CA ARG D 214 10.77 7.28 -20.34
C ARG D 214 11.70 7.98 -21.30
N VAL D 215 11.24 8.18 -22.53
CA VAL D 215 11.93 9.08 -23.46
C VAL D 215 11.61 10.52 -23.08
N ILE D 216 12.64 11.34 -22.83
CA ILE D 216 12.45 12.75 -22.52
C ILE D 216 12.80 13.69 -23.68
N ALA D 217 13.53 13.17 -24.66
CA ALA D 217 13.91 13.93 -25.86
C ALA D 217 14.10 12.98 -27.04
N GLY D 218 13.64 13.41 -28.20
CA GLY D 218 13.80 12.62 -29.43
C GLY D 218 12.80 11.48 -29.58
N ASP D 219 13.09 10.58 -30.51
CA ASP D 219 12.21 9.46 -30.88
C ASP D 219 13.07 8.31 -31.41
N PRO D 220 13.01 7.13 -30.73
CA PRO D 220 13.82 5.97 -31.10
C PRO D 220 13.56 5.46 -32.53
N ALA D 221 12.34 5.67 -33.01
CA ALA D 221 11.93 5.20 -34.33
C ALA D 221 12.59 5.96 -35.49
N VAL D 222 13.06 7.18 -35.21
CA VAL D 222 13.66 8.03 -36.23
C VAL D 222 15.20 8.04 -36.19
N GLY D 223 15.77 7.54 -35.08
CA GLY D 223 17.20 7.61 -34.86
C GLY D 223 17.57 8.98 -34.33
N GLY D 224 18.76 9.46 -34.68
CA GLY D 224 19.27 10.74 -34.18
C GLY D 224 19.55 10.68 -32.69
N ARG D 225 19.44 11.82 -32.02
CA ARG D 225 19.66 11.90 -30.58
C ARG D 225 18.38 11.55 -29.81
N VAL D 226 18.50 10.57 -28.91
CA VAL D 226 17.40 10.16 -28.05
C VAL D 226 17.92 10.16 -26.61
N VAL D 227 17.13 10.71 -25.70
CA VAL D 227 17.47 10.74 -24.28
C VAL D 227 16.37 10.06 -23.45
N VAL D 228 16.76 9.05 -22.69
CA VAL D 228 15.85 8.27 -21.85
C VAL D 228 16.22 8.44 -20.37
N ARG D 229 15.20 8.65 -19.54
CA ARG D 229 15.40 8.70 -18.10
CA ARG D 229 15.38 8.71 -18.09
C ARG D 229 14.88 7.42 -17.46
N GLY D 230 15.58 6.96 -16.42
CA GLY D 230 15.19 5.76 -15.70
C GLY D 230 14.18 6.09 -14.62
N HIS D 231 13.70 5.06 -13.93
CA HIS D 231 12.78 5.23 -12.81
C HIS D 231 13.41 4.70 -11.52
N ASP D 232 12.69 4.85 -10.41
CA ASP D 232 13.16 4.46 -9.09
C ASP D 232 13.46 2.95 -9.03
N ASN D 233 14.68 2.64 -8.59
CA ASN D 233 15.12 1.27 -8.32
C ASN D 233 15.14 0.33 -9.53
N ILE D 234 15.53 0.88 -10.67
CA ILE D 234 16.04 0.08 -11.78
C ILE D 234 17.29 -0.60 -11.22
N ALA D 235 17.48 -1.87 -11.58
CA ALA D 235 18.63 -2.63 -11.14
C ALA D 235 19.56 -2.93 -12.31
N LEU D 236 20.85 -2.93 -12.01
CA LEU D 236 21.87 -3.25 -13.02
C LEU D 236 22.74 -4.36 -12.45
N ILE D 237 22.83 -5.46 -13.20
CA ILE D 237 23.76 -6.53 -12.87
C ILE D 237 24.91 -6.60 -13.87
N ARG D 238 26.13 -6.65 -13.34
CA ARG D 238 27.27 -7.11 -14.12
C ARG D 238 27.73 -8.42 -13.51
N SER D 239 27.50 -9.52 -14.22
CA SER D 239 27.92 -10.84 -13.74
C SER D 239 28.96 -11.40 -14.69
N GLY D 240 30.16 -11.66 -14.16
CA GLY D 240 31.33 -11.94 -14.98
C GLY D 240 32.03 -13.28 -14.80
N GLN D 241 32.77 -13.66 -15.84
CA GLN D 241 33.48 -14.93 -15.94
C GLN D 241 34.89 -14.67 -16.46
N ASP D 242 35.88 -15.21 -15.76
CA ASP D 242 37.28 -14.97 -16.11
C ASP D 242 37.99 -16.31 -16.09
N TRP D 243 38.43 -16.75 -17.26
CA TRP D 243 39.07 -18.06 -17.41
C TRP D 243 40.49 -17.94 -17.98
N ALA D 244 41.03 -16.71 -17.91
CA ALA D 244 42.33 -16.39 -18.49
C ALA D 244 43.48 -17.22 -17.92
N ASP D 245 43.42 -17.51 -16.62
CA ASP D 245 44.51 -18.20 -15.92
C ASP D 245 44.21 -19.67 -15.61
N ALA D 246 43.06 -20.16 -16.04
CA ALA D 246 42.70 -21.57 -15.87
C ALA D 246 43.51 -22.44 -16.83
N GLU D 247 43.94 -23.60 -16.33
CA GLU D 247 44.66 -24.56 -17.17
C GLU D 247 43.71 -25.40 -17.99
N ALA D 248 44.25 -26.12 -18.97
CA ALA D 248 43.48 -26.86 -19.97
C ALA D 248 42.24 -27.56 -19.43
N ASP D 249 42.39 -28.31 -18.34
CA ASP D 249 41.28 -29.11 -17.81
C ASP D 249 40.14 -28.24 -17.25
N GLU D 250 40.48 -27.21 -16.49
CA GLU D 250 39.50 -26.31 -15.89
C GLU D 250 38.86 -25.42 -16.96
N ARG D 251 39.64 -25.07 -17.98
CA ARG D 251 39.13 -24.37 -19.15
C ARG D 251 38.04 -25.17 -19.84
N SER D 252 38.29 -26.47 -20.01
CA SER D 252 37.32 -27.40 -20.60
C SER D 252 36.05 -27.46 -19.76
N LEU D 253 36.20 -27.52 -18.44
CA LEU D 253 35.07 -27.50 -17.52
C LEU D 253 34.15 -26.28 -17.72
N TYR D 254 34.74 -25.09 -17.82
CA TYR D 254 33.94 -23.89 -18.07
C TYR D 254 33.36 -23.84 -19.49
N LEU D 255 34.19 -24.11 -20.49
CA LEU D 255 33.79 -23.96 -21.89
C LEU D 255 32.80 -25.02 -22.35
N ASP D 256 32.95 -26.25 -21.83
CA ASP D 256 32.11 -27.38 -22.23
C ASP D 256 30.86 -27.56 -21.36
N GLU D 257 30.97 -27.23 -20.08
CA GLU D 257 29.90 -27.53 -19.13
C GLU D 257 29.12 -26.32 -18.63
N ILE D 258 29.81 -25.22 -18.37
CA ILE D 258 29.18 -24.02 -17.80
C ILE D 258 28.70 -23.07 -18.89
N LEU D 259 29.59 -22.72 -19.81
CA LEU D 259 29.29 -21.73 -20.84
C LEU D 259 28.04 -22.04 -21.69
N PRO D 260 27.86 -23.29 -22.16
CA PRO D 260 26.65 -23.54 -22.96
C PRO D 260 25.34 -23.22 -22.22
N THR D 261 25.28 -23.50 -20.93
CA THR D 261 24.08 -23.18 -20.14
C THR D 261 23.97 -21.68 -19.87
N LEU D 262 25.11 -21.03 -19.66
CA LEU D 262 25.16 -19.58 -19.49
C LEU D 262 24.68 -18.86 -20.76
N GLN D 263 25.17 -19.32 -21.91
CA GLN D 263 24.75 -18.79 -23.20
C GLN D 263 23.24 -18.91 -23.39
N SER D 264 22.70 -20.08 -23.02
CA SER D 264 21.27 -20.35 -23.12
C SER D 264 20.47 -19.32 -22.32
N GLY D 265 20.90 -19.10 -21.08
CA GLY D 265 20.27 -18.13 -20.19
C GLY D 265 20.36 -16.70 -20.70
N MET D 266 21.48 -16.35 -21.32
CA MET D 266 21.68 -15.00 -21.86
C MET D 266 20.82 -14.77 -23.10
N ASP D 267 20.81 -15.75 -24.01
CA ASP D 267 19.92 -15.69 -25.17
C ASP D 267 18.49 -15.48 -24.71
N PHE D 268 18.05 -16.26 -23.72
CA PHE D 268 16.70 -16.14 -23.18
C PHE D 268 16.39 -14.70 -22.73
N LEU D 269 17.25 -14.13 -21.89
CA LEU D 269 17.03 -12.78 -21.38
C LEU D 269 17.12 -11.70 -22.49
N ARG D 270 18.00 -11.92 -23.45
CA ARG D 270 18.18 -11.05 -24.60
C ARG D 270 16.94 -11.04 -25.50
N ASP D 271 16.27 -12.19 -25.60
CA ASP D 271 15.16 -12.35 -26.56
C ASP D 271 13.78 -12.40 -25.90
N ASN D 272 13.75 -12.49 -24.58
CA ASN D 272 12.50 -12.56 -23.83
C ASN D 272 12.46 -11.57 -22.67
N GLY D 273 13.06 -10.40 -22.89
CA GLY D 273 13.19 -9.37 -21.86
C GLY D 273 11.89 -8.90 -21.23
N PRO D 274 10.97 -8.33 -22.03
CA PRO D 274 9.69 -7.80 -21.52
C PRO D 274 8.91 -8.77 -20.65
N ALA D 275 8.96 -10.06 -20.98
CA ALA D 275 8.22 -11.09 -20.24
C ALA D 275 8.70 -11.26 -18.81
N VAL D 276 10.00 -11.08 -18.59
CA VAL D 276 10.60 -11.28 -17.27
C VAL D 276 11.02 -9.97 -16.56
N GLY D 277 10.96 -8.84 -17.27
CA GLY D 277 11.30 -7.55 -16.66
C GLY D 277 12.74 -7.12 -16.87
N CYS D 278 13.37 -7.69 -17.88
CA CYS D 278 14.72 -7.30 -18.25
C CYS D 278 14.67 -6.32 -19.43
N TYR D 279 15.01 -5.06 -19.16
CA TYR D 279 15.02 -4.01 -20.18
C TYR D 279 16.08 -4.22 -21.25
N SER D 280 17.27 -4.64 -20.81
CA SER D 280 18.42 -4.80 -21.70
C SER D 280 19.29 -5.92 -21.17
N ASN D 281 19.63 -6.87 -22.04
CA ASN D 281 20.57 -7.92 -21.69
C ASN D 281 21.68 -8.02 -22.70
N ARG D 282 22.90 -7.87 -22.21
CA ARG D 282 24.07 -7.98 -23.09
C ARG D 282 24.99 -9.05 -22.53
N PHE D 283 25.54 -9.89 -23.41
CA PHE D 283 26.58 -10.84 -22.98
C PHE D 283 27.84 -10.50 -23.74
N VAL D 284 28.78 -9.89 -23.03
CA VAL D 284 29.92 -9.23 -23.66
C VAL D 284 31.23 -9.93 -23.33
N ARG D 285 32.19 -9.81 -24.24
CA ARG D 285 33.53 -10.35 -24.08
C ARG D 285 34.51 -9.19 -24.04
N ASN D 286 35.45 -9.24 -23.10
CA ASN D 286 36.49 -8.23 -23.02
C ASN D 286 37.40 -8.24 -24.24
N ILE D 287 37.89 -7.07 -24.61
CA ILE D 287 38.81 -6.91 -25.73
C ILE D 287 39.95 -5.97 -25.34
N ASP D 288 41.08 -6.05 -26.03
CA ASP D 288 42.12 -5.04 -25.88
C ASP D 288 41.79 -3.80 -26.72
N ILE D 289 42.68 -2.81 -26.69
CA ILE D 289 42.46 -1.56 -27.43
C ILE D 289 42.36 -1.77 -28.96
N ASP D 290 42.77 -2.96 -29.41
CA ASP D 290 42.82 -3.29 -30.84
C ASP D 290 41.64 -4.13 -31.32
N GLY D 291 40.83 -4.63 -30.38
CA GLY D 291 39.65 -5.41 -30.72
C GLY D 291 39.81 -6.90 -30.53
N ASN D 292 41.01 -7.32 -30.13
CA ASN D 292 41.32 -8.73 -29.88
C ASN D 292 40.68 -9.21 -28.59
N PHE D 293 40.10 -10.42 -28.63
CA PHE D 293 39.42 -10.97 -27.47
C PHE D 293 40.36 -11.36 -26.34
N LEU D 294 39.88 -11.12 -25.12
CA LEU D 294 40.54 -11.57 -23.90
C LEU D 294 39.65 -12.62 -23.26
N ASP D 295 40.24 -13.43 -22.39
CA ASP D 295 39.51 -14.54 -21.76
C ASP D 295 38.75 -14.10 -20.51
N LEU D 296 37.94 -13.05 -20.67
CA LEU D 296 37.01 -12.56 -19.66
C LEU D 296 35.73 -12.17 -20.39
N SER D 297 34.59 -12.40 -19.73
CA SER D 297 33.27 -12.02 -20.24
C SER D 297 32.37 -11.54 -19.10
N TYR D 298 31.33 -10.80 -19.44
CA TYR D 298 30.26 -10.56 -18.48
C TYR D 298 28.90 -10.26 -19.10
N ASN D 299 27.87 -10.47 -18.28
CA ASN D 299 26.53 -10.00 -18.54
C ASN D 299 26.43 -8.55 -18.07
N ILE D 300 25.82 -7.70 -18.90
CA ILE D 300 25.36 -6.38 -18.46
C ILE D 300 23.84 -6.41 -18.63
N GLY D 301 23.13 -6.35 -17.51
CA GLY D 301 21.68 -6.52 -17.53
C GLY D 301 21.00 -5.43 -16.75
N HIS D 302 20.10 -4.72 -17.41
CA HIS D 302 19.27 -3.70 -16.77
C HIS D 302 17.86 -4.23 -16.56
N TRP D 303 17.36 -4.10 -15.33
CA TRP D 303 16.12 -4.72 -14.93
C TRP D 303 15.13 -3.72 -14.36
N ALA D 304 13.84 -4.03 -14.55
CA ALA D 304 12.75 -3.15 -14.14
C ALA D 304 12.61 -3.06 -12.63
N SER D 305 13.07 -4.11 -11.93
CA SER D 305 13.15 -4.10 -10.48
C SER D 305 14.19 -5.11 -10.02
N LEU D 306 14.73 -4.90 -8.81
CA LEU D 306 15.62 -5.89 -8.20
C LEU D 306 14.86 -7.22 -8.03
N ASP D 307 13.60 -7.15 -7.61
CA ASP D 307 12.84 -8.37 -7.36
C ASP D 307 12.54 -9.20 -8.62
N GLN D 308 12.40 -8.55 -9.78
CA GLN D 308 12.26 -9.30 -11.04
C GLN D 308 13.53 -10.08 -11.36
N LEU D 309 14.68 -9.44 -11.12
CA LEU D 309 15.98 -10.12 -11.22
C LEU D 309 16.05 -11.30 -10.25
N GLU D 310 15.69 -11.08 -8.99
CA GLU D 310 15.58 -12.16 -8.01
C GLU D 310 14.77 -13.35 -8.51
N ARG D 311 13.56 -13.07 -9.01
CA ARG D 311 12.64 -14.11 -9.48
C ARG D 311 13.27 -14.94 -10.61
N TRP D 312 13.83 -14.27 -11.61
CA TRP D 312 14.48 -14.99 -12.70
C TRP D 312 15.61 -15.88 -12.21
N SER D 313 16.52 -15.32 -11.41
CA SER D 313 17.68 -16.07 -10.91
C SER D 313 17.32 -17.33 -10.11
N GLU D 314 16.28 -17.23 -9.28
CA GLU D 314 15.95 -18.33 -8.37
C GLU D 314 14.94 -19.33 -8.93
N SER D 315 14.46 -19.08 -10.15
CA SER D 315 13.42 -19.93 -10.75
C SER D 315 13.66 -20.40 -12.19
N HIS D 316 14.39 -19.62 -12.98
CA HIS D 316 14.61 -20.02 -14.38
C HIS D 316 15.55 -21.22 -14.51
N PRO D 317 15.14 -22.23 -15.32
CA PRO D 317 15.95 -23.43 -15.54
C PRO D 317 17.42 -23.14 -15.81
N THR D 318 17.69 -22.20 -16.72
CA THR D 318 19.06 -21.91 -17.14
C THR D 318 19.96 -21.45 -15.99
N HIS D 319 19.51 -20.47 -15.22
CA HIS D 319 20.30 -20.03 -14.08
C HIS D 319 20.36 -21.09 -13.00
N LEU D 320 19.24 -21.78 -12.77
CA LEU D 320 19.21 -22.91 -11.85
C LEU D 320 20.19 -24.02 -12.28
N ARG D 321 20.35 -24.19 -13.59
CA ARG D 321 21.37 -25.11 -14.14
C ARG D 321 22.81 -24.77 -13.74
N ILE D 322 23.27 -23.57 -14.08
N ILE D 322 23.28 -23.56 -14.05
CA ILE D 322 24.63 -23.13 -13.72
CA ILE D 322 24.66 -23.16 -13.71
C ILE D 322 24.80 -23.04 -12.20
C ILE D 322 24.87 -22.98 -12.21
N PHE D 323 23.68 -22.82 -11.52
N PHE D 323 23.80 -22.60 -11.52
CA PHE D 323 23.67 -22.90 -10.07
CA PHE D 323 23.83 -22.41 -10.08
C PHE D 323 23.94 -24.35 -9.66
C PHE D 323 24.30 -23.69 -9.39
N THR D 324 23.50 -25.30 -10.50
N THR D 324 23.73 -24.81 -9.80
CA THR D 324 23.63 -26.73 -10.18
CA THR D 324 24.05 -26.10 -9.17
C THR D 324 24.66 -27.46 -11.06
C THR D 324 25.46 -26.55 -9.53
N THR D 325 24.95 -26.91 -12.23
N THR D 325 25.87 -26.24 -10.76
CA THR D 325 26.05 -27.41 -13.06
CA THR D 325 27.21 -26.60 -11.22
C THR D 325 27.33 -26.89 -12.42
C THR D 325 28.27 -25.94 -10.34
N PHE D 326 27.23 -25.77 -11.72
N PHE D 326 28.08 -24.65 -10.04
CA PHE D 326 28.33 -25.25 -10.94
CA PHE D 326 29.02 -23.96 -9.16
C PHE D 326 28.69 -26.24 -9.84
C PHE D 326 29.10 -24.63 -7.80
N PHE D 327 27.67 -26.69 -9.11
N PHE D 327 27.94 -24.93 -7.21
CA PHE D 327 27.85 -27.64 -8.02
CA PHE D 327 27.90 -25.62 -5.92
C PHE D 327 28.27 -29.02 -8.53
C PHE D 327 28.71 -26.92 -5.98
N ARG D 328 27.69 -29.44 -9.64
N ARG D 328 28.65 -27.59 -7.11
CA ARG D 328 27.98 -30.75 -10.23
CA ARG D 328 29.35 -28.87 -7.30
C ARG D 328 29.48 -30.87 -10.54
C ARG D 328 30.86 -28.69 -7.35
N VAL D 329 30.06 -29.78 -11.04
N VAL D 329 31.30 -27.67 -8.07
CA VAL D 329 31.49 -29.76 -11.37
CA VAL D 329 32.73 -27.47 -8.33
C VAL D 329 32.27 -28.78 -10.49
C VAL D 329 33.41 -26.55 -7.31
N ALA D 330 31.83 -28.65 -9.23
N ALA D 330 32.60 -25.81 -6.56
CA ALA D 330 32.42 -27.68 -8.31
CA ALA D 330 33.10 -24.85 -5.58
C ALA D 330 33.89 -27.94 -7.99
C ALA D 330 34.28 -25.38 -4.78
N ALA D 331 34.18 -29.13 -7.49
N ALA D 331 34.25 -26.67 -4.45
CA ALA D 331 35.51 -29.46 -6.97
CA ALA D 331 35.27 -27.29 -3.61
C ALA D 331 36.61 -29.45 -8.04
C ALA D 331 36.65 -27.30 -4.27
N GLY D 332 36.26 -29.00 -9.24
N GLY D 332 36.70 -27.71 -5.53
CA GLY D 332 37.23 -28.88 -10.32
CA GLY D 332 37.97 -27.88 -6.23
C GLY D 332 37.68 -27.44 -10.54
C GLY D 332 38.31 -26.77 -7.21
N LEU D 333 37.60 -26.64 -9.48
N LEU D 333 37.37 -25.85 -7.42
CA LEU D 333 37.93 -25.21 -9.57
CA LEU D 333 37.58 -24.75 -8.36
C LEU D 333 38.95 -24.68 -8.52
C LEU D 333 38.85 -23.99 -8.01
N SER D 334 39.75 -23.71 -9.00
CA SER D 334 41.01 -23.14 -8.47
C SER D 334 41.38 -21.84 -9.18
N LYS D 335 41.26 -21.84 -10.51
CA LYS D 335 41.70 -20.70 -11.31
C LYS D 335 40.57 -19.92 -11.99
N LEU D 336 39.42 -20.56 -12.18
CA LEU D 336 38.25 -19.89 -12.76
C LEU D 336 37.77 -18.81 -11.81
N ARG D 337 37.54 -17.61 -12.32
CA ARG D 337 37.12 -16.46 -11.51
C ARG D 337 35.70 -16.03 -11.87
N LEU D 338 34.78 -16.21 -10.92
CA LEU D 338 33.38 -15.79 -11.08
C LEU D 338 32.99 -14.73 -10.06
N TYR D 339 32.22 -13.74 -10.49
CA TYR D 339 31.79 -12.62 -9.64
C TYR D 339 30.56 -11.92 -10.20
N HIS D 340 29.95 -11.09 -9.37
CA HIS D 340 29.01 -10.08 -9.85
C HIS D 340 29.02 -8.83 -8.99
N GLU D 341 28.47 -7.76 -9.57
CA GLU D 341 28.09 -6.54 -8.86
C GLU D 341 26.67 -6.23 -9.29
N VAL D 342 25.85 -5.80 -8.35
CA VAL D 342 24.48 -5.45 -8.65
C VAL D 342 24.22 -4.13 -7.99
N SER D 343 23.64 -3.20 -8.74
CA SER D 343 23.31 -1.87 -8.23
C SER D 343 21.82 -1.58 -8.39
N VAL D 344 21.29 -0.72 -7.52
CA VAL D 344 19.98 -0.11 -7.77
C VAL D 344 20.18 1.41 -7.71
N PHE D 345 19.30 2.16 -8.36
CA PHE D 345 19.48 3.61 -8.45
C PHE D 345 18.20 4.37 -8.19
N ASP D 346 18.33 5.48 -7.47
CA ASP D 346 17.28 6.49 -7.46
C ASP D 346 16.97 6.87 -8.90
N ALA D 347 15.72 7.26 -9.12
CA ALA D 347 15.27 7.73 -10.42
C ALA D 347 16.19 8.80 -11.02
N ALA D 348 16.60 9.76 -10.19
CA ALA D 348 17.38 10.93 -10.66
C ALA D 348 18.83 10.60 -11.01
N ASP D 349 19.32 9.48 -10.49
CA ASP D 349 20.72 9.10 -10.60
C ASP D 349 21.05 8.20 -11.80
N GLN D 350 20.39 8.46 -12.94
CA GLN D 350 20.54 7.68 -14.16
C GLN D 350 20.34 8.58 -15.37
N LEU D 351 21.05 8.29 -16.45
CA LEU D 351 20.85 8.97 -17.73
C LEU D 351 21.29 8.05 -18.86
N TYR D 352 20.39 7.83 -19.80
CA TYR D 352 20.64 6.95 -20.94
C TYR D 352 20.50 7.73 -22.25
N GLU D 353 21.63 7.95 -22.90
CA GLU D 353 21.70 8.74 -24.13
C GLU D 353 22.14 7.91 -25.33
N TYR D 354 21.51 8.16 -26.47
CA TYR D 354 21.74 7.41 -27.71
C TYR D 354 21.82 8.34 -28.91
N ILE D 355 22.81 8.08 -29.77
CA ILE D 355 22.94 8.81 -31.03
C ILE D 355 23.01 7.80 -32.17
N ASN D 356 22.01 7.82 -33.04
CA ASN D 356 21.94 6.95 -34.23
C ASN D 356 22.12 5.46 -33.95
N CYS D 357 21.55 4.98 -32.85
CA CYS D 357 21.51 3.57 -32.55
C CYS D 357 20.21 2.98 -33.08
N HIS D 358 20.21 1.69 -33.42
CA HIS D 358 18.97 1.02 -33.79
C HIS D 358 18.00 1.01 -32.59
N PRO D 359 16.68 1.06 -32.85
CA PRO D 359 15.66 1.30 -31.80
C PRO D 359 15.52 0.21 -30.73
N GLY D 360 16.28 -0.87 -30.85
CA GLY D 360 16.27 -1.94 -29.85
C GLY D 360 17.44 -1.87 -28.88
N THR D 361 18.28 -0.84 -29.03
CA THR D 361 19.53 -0.71 -28.30
C THR D 361 19.27 -0.31 -26.84
N GLY D 362 19.79 -1.10 -25.90
CA GLY D 362 19.68 -0.80 -24.48
C GLY D 362 18.29 -0.36 -24.05
N MET D 363 18.22 0.84 -23.45
CA MET D 363 16.99 1.40 -22.89
C MET D 363 15.95 1.81 -23.92
N LEU D 364 16.36 1.92 -25.17
CA LEU D 364 15.49 2.38 -26.24
C LEU D 364 14.32 1.44 -26.47
N ARG D 365 14.53 0.14 -26.27
CA ARG D 365 13.53 -0.87 -26.62
C ARG D 365 12.22 -0.72 -25.84
N ASP D 366 12.32 -0.51 -24.53
CA ASP D 366 11.16 -0.54 -23.64
C ASP D 366 10.70 0.81 -23.09
N ALA D 367 11.45 1.88 -23.39
CA ALA D 367 11.14 3.21 -22.90
C ALA D 367 9.83 3.69 -23.50
N VAL D 368 9.00 4.33 -22.68
CA VAL D 368 7.75 4.92 -23.17
C VAL D 368 8.07 6.17 -23.97
N THR D 369 7.57 6.23 -25.20
CA THR D 369 7.78 7.39 -26.05
C THR D 369 6.91 8.56 -25.58
N ILE D 370 7.27 9.77 -26.00
CA ILE D 370 6.54 10.99 -25.61
C ILE D 370 5.07 10.95 -26.04
N ALA D 371 4.81 10.38 -27.20
CA ALA D 371 3.45 10.24 -27.74
C ALA D 371 2.70 9.01 -27.19
N GLU D 372 3.13 8.53 -26.02
CA GLU D 372 2.65 7.26 -25.42
C GLU D 372 2.63 6.10 -26.42
#